data_6NUE
#
_entry.id   6NUE
#
_cell.length_a   1
_cell.length_b   1
_cell.length_c   1
_cell.angle_alpha   90.00
_cell.angle_beta   90.00
_cell.angle_gamma   90.00
#
_symmetry.space_group_name_H-M   'P 1'
#
loop_
_entity.id
_entity.type
_entity.pdbx_description
1 polymer 'CRISPR system single-strand-specific deoxyribonuclease Cas10/Csm1 (subtype III-A)'
2 polymer 'CRISPR system Cms protein Csm2'
3 polymer 'CRISPR type III-associated RAMP protein Csm3'
4 polymer crRNA
5 polymer 'CRISPR type III-associated RAMP protein Csm4'
6 non-polymer "ADENOSINE-5'-TRIPHOSPHATE"
#
loop_
_entity_poly.entity_id
_entity_poly.type
_entity_poly.pdbx_seq_one_letter_code
_entity_poly.pdbx_strand_id
1 'polypeptide(L)'
;MKKEKIDLFYGALLHDIGKVIQRATGERKKHALVGADWFDEIADNQVISDQIRYHMANYQSDKLGNDHLAYITYIADNIA
SGVDRRQSNEESDEDASAKIWDTYTNQADIFNVFGAQTDKRYFKPTVLNLKSKPNFASATYEPFSKGDYAAIATRIKNEL
AEFEFNQAQIDSLLNLFEAILSFVPSSTNSKEIADISLAEHSRLTAAFALAIYDYLEDKGRHNYKEDLFTKASAFYEEEA
FLLASFDLSGIQDFIYNIATSGAAKQLKARSLYLDFMSEYIADSLLDKLGLNRANLLYVGGGHAYFVLANTEKTVETLVQ
FEKDFNQFLLANFQTRLYVAFGWGSFAAKDIMSELNSPESYRQIYQKASRMISEKKISRYDYRTLMLLNRGGKSSERECE
ICHSVENLVSYHDQKVCDICRGLYQFSKEIAHDHFIITENEGLPIGPNACLKGVAFEKLSQESFSRVYVKNDYKAGTIKA
THVFVGDYQCDEIHKYAALSKNEDGLGIKRLAVVRLDVDDLGAAFMAGFSRQGNGQYSTLSRSATFSRSMSLFFKVYINQ
FASDKKLSIIYAGGDDVFAIGSWQDIIAFTVELRQNFIKWTNGKLTLSAGIGLFADKTPISLMAHQTGELEEAAKGNEKD
SISLFSSDYTFKFDRFITNVYDDKLEQIRYFFNHQDERGKNFIYKLIELLRNYESEEKMNVARLAYYLTRLEELTDKDER
DKFKQFKKLFFKWYTNNESDRKEAELALLLYVYEIRKD
;
J
2 'polypeptide(L)'
;MAILTDENYVDKAERAISLLEKDNKGNYLLTTSQIRKLLSLCSSLYDRSKERKFDELINDVSYLRVQFVYQAGREIAVKD
LIEKAQILEALKEIKDRETLQRFCRYMEALVAYFKFYGGKD
;
A,B,M
3 'polypeptide(L)'
;MTFAKIKFSAQIRLETGLHIGGSDAFAAIGAIDSPVIKDPITNIPIIPGSSLKGKMRTLLAKVYNEKVAEKPSDDSDILS
RLFGNSKDKRFKMGRLIFRDAFLSNADELDSLGVRSYTEVKFENTIDRITAEANPRQIERAIRNSTFDFELIYEITDENE
NQVEEDFKVIRDGLKLLELDYLGGSGSRGYGKVAFEKLKATTVFGNYDVKTLNELLTAEV
;
C,E,N,O,P
4 'polyribonucleotide' ACGGAAACUUUCGUAACUGUUUAAUUCUGUUCACUUAUUCCACCGAUAUAAACCUAAUUACCUCGAGAGGGG H
5 'polypeptide(L)'
;MTYKLYIMTFQNAHFGSGTLDSSKLTFSADRIFSALVLESLKMGKLDAFLAEANQDKFTLTDAFPFQFGPFLPKPIGYPK
HDQIDQSVDVKEVRRQAKLSKKLQFLALENVDDYLNGELFENEEHAVIDTVTKNQPHKDGNLYQVATTRFSNDTSLYVIA
NESDLLNELMSSLQYSGLGGKRSSGFGRFELDIQNIPLELSDRLTKNHSDKVMSLTTALPVDADLEEAMEDGHYLLTKSS
GFAFSHATNENYRKQDLYKFASGSTFSKTFEGQIVDVRPLDFPHAVLNYAKPLFFKLEV
;
I
#
loop_
_chem_comp.id
_chem_comp.type
_chem_comp.name
_chem_comp.formula
A RNA linking ADENOSINE-5'-MONOPHOSPHATE 'C10 H14 N5 O7 P'
ATP non-polymer ADENOSINE-5'-TRIPHOSPHATE 'C10 H16 N5 O13 P3'
C RNA linking CYTIDINE-5'-MONOPHOSPHATE 'C9 H14 N3 O8 P'
G RNA linking GUANOSINE-5'-MONOPHOSPHATE 'C10 H14 N5 O8 P'
U RNA linking URIDINE-5'-MONOPHOSPHATE 'C9 H13 N2 O9 P'
#
# COMPACT_ATOMS: atom_id res chain seq x y z
N LYS A 3 44.50 2.55 68.99
CA LYS A 3 44.65 3.93 69.43
C LYS A 3 46.01 4.49 69.02
N GLU A 4 47.04 3.64 69.10
CA GLU A 4 48.38 4.06 68.72
C GLU A 4 48.57 4.02 67.20
N LYS A 5 48.00 3.03 66.54
CA LYS A 5 48.12 2.88 65.10
C LYS A 5 47.11 3.74 64.33
N ILE A 6 46.07 4.24 64.98
CA ILE A 6 45.08 5.06 64.29
C ILE A 6 45.55 6.50 64.12
N ASP A 7 46.56 6.94 64.88
CA ASP A 7 47.05 8.30 64.75
C ASP A 7 47.82 8.49 63.45
N LEU A 8 48.41 7.42 62.90
CA LEU A 8 49.14 7.53 61.65
C LEU A 8 48.20 7.75 60.48
N PHE A 9 46.98 7.23 60.55
CA PHE A 9 46.02 7.41 59.46
C PHE A 9 45.58 8.86 59.35
N TYR A 10 45.26 9.49 60.48
CA TYR A 10 44.82 10.88 60.46
C TYR A 10 45.98 11.84 60.27
N GLY A 11 47.22 11.39 60.47
CA GLY A 11 48.36 12.27 60.27
C GLY A 11 48.75 12.46 58.82
N ALA A 12 48.39 11.51 57.95
CA ALA A 12 48.70 11.61 56.54
C ALA A 12 47.58 12.23 55.71
N LEU A 13 46.39 12.40 56.31
CA LEU A 13 45.28 13.01 55.56
C LEU A 13 45.39 14.52 55.53
N LEU A 14 45.70 15.15 56.66
CA LEU A 14 45.83 16.59 56.77
C LEU A 14 47.27 17.06 56.64
N HIS A 15 48.11 16.32 55.91
CA HIS A 15 49.50 16.71 55.74
C HIS A 15 49.64 17.95 54.84
N ASP A 16 48.64 18.24 54.01
CA ASP A 16 48.65 19.42 53.15
C ASP A 16 47.44 20.31 53.43
N ILE A 17 47.02 20.40 54.70
CA ILE A 17 45.87 21.23 55.04
C ILE A 17 46.20 22.71 54.96
N GLY A 18 47.47 23.08 55.00
CA GLY A 18 47.87 24.47 54.89
C GLY A 18 47.96 25.01 53.48
N LYS A 19 47.86 24.13 52.47
CA LYS A 19 47.93 24.58 51.09
C LYS A 19 46.64 25.31 50.68
N VAL A 20 45.51 24.92 51.24
CA VAL A 20 44.25 25.58 50.90
C VAL A 20 44.22 27.00 51.47
N ILE A 21 44.73 27.18 52.70
CA ILE A 21 44.77 28.51 53.29
C ILE A 21 45.77 29.39 52.56
N GLN A 22 46.90 28.82 52.12
CA GLN A 22 47.91 29.60 51.41
C GLN A 22 47.39 30.08 50.06
N ARG A 23 46.65 29.23 49.35
CA ARG A 23 46.11 29.61 48.05
C ARG A 23 44.93 30.55 48.16
N ALA A 24 44.35 30.70 49.35
CA ALA A 24 43.22 31.58 49.57
C ALA A 24 43.61 32.91 50.22
N THR A 25 44.49 32.86 51.22
CA THR A 25 44.94 34.06 51.92
C THR A 25 46.41 34.32 51.60
N GLY A 26 46.72 35.57 51.30
CA GLY A 26 48.09 35.94 50.97
C GLY A 26 49.02 35.96 52.17
N GLU A 27 49.90 34.97 52.24
CA GLU A 27 50.85 34.87 53.33
C GLU A 27 52.07 34.09 52.85
N ARG A 28 53.26 34.67 53.06
CA ARG A 28 54.51 34.07 52.58
C ARG A 28 54.99 33.05 53.61
N LYS A 29 54.32 31.90 53.62
CA LYS A 29 54.67 30.79 54.49
C LYS A 29 54.46 29.48 53.75
N LYS A 30 55.18 28.45 54.20
CA LYS A 30 55.07 27.14 53.59
C LYS A 30 53.76 26.46 53.98
N HIS A 31 53.35 25.49 53.16
CA HIS A 31 52.11 24.78 53.42
C HIS A 31 52.26 23.79 54.57
N ALA A 32 53.49 23.32 54.83
CA ALA A 32 53.72 22.38 55.91
C ALA A 32 53.91 23.06 57.26
N LEU A 33 54.16 24.37 57.26
CA LEU A 33 54.36 25.10 58.51
C LEU A 33 53.07 25.75 59.00
N VAL A 34 52.29 26.34 58.10
CA VAL A 34 51.04 26.97 58.51
C VAL A 34 49.93 25.96 58.79
N GLY A 35 50.06 24.73 58.26
CA GLY A 35 49.05 23.73 58.50
C GLY A 35 49.04 23.20 59.93
N ALA A 36 50.21 23.14 60.55
CA ALA A 36 50.30 22.65 61.93
C ALA A 36 49.85 23.71 62.93
N ASP A 37 50.05 24.98 62.63
CA ASP A 37 49.63 26.04 63.54
C ASP A 37 48.13 26.26 63.50
N TRP A 38 47.53 26.16 62.31
CA TRP A 38 46.08 26.35 62.20
C TRP A 38 45.31 25.18 62.81
N PHE A 39 45.88 23.98 62.76
CA PHE A 39 45.20 22.81 63.33
C PHE A 39 45.33 22.76 64.84
N ASP A 40 46.44 23.26 65.40
CA ASP A 40 46.64 23.26 66.84
C ASP A 40 45.83 24.33 67.55
N GLU A 41 45.32 25.32 66.82
CA GLU A 41 44.55 26.39 67.46
C GLU A 41 43.19 25.89 67.93
N ILE A 42 42.54 25.02 67.16
CA ILE A 42 41.22 24.51 67.53
C ILE A 42 41.28 23.13 68.17
N ALA A 43 42.31 22.34 67.87
CA ALA A 43 42.45 21.00 68.42
C ALA A 43 43.62 20.94 69.41
N ASP A 44 43.40 20.28 70.53
CA ASP A 44 44.40 20.13 71.58
C ASP A 44 45.09 18.77 71.39
N ASN A 45 46.06 18.75 70.47
CA ASN A 45 46.82 17.54 70.18
C ASN A 45 48.30 17.87 70.17
N GLN A 46 49.12 16.82 70.08
CA GLN A 46 50.57 16.98 70.08
C GLN A 46 51.30 15.97 69.20
N VAL A 47 50.94 14.69 69.22
CA VAL A 47 51.65 13.71 68.41
C VAL A 47 51.35 13.92 66.92
N ILE A 48 50.07 14.14 66.60
CA ILE A 48 49.71 14.37 65.20
C ILE A 48 50.17 15.74 64.70
N SER A 49 50.44 16.68 65.61
CA SER A 49 50.90 18.00 65.20
C SER A 49 52.37 18.00 64.81
N ASP A 50 53.18 17.13 65.42
CA ASP A 50 54.60 17.07 65.08
C ASP A 50 54.82 16.43 63.72
N GLN A 51 53.91 15.55 63.29
CA GLN A 51 54.06 14.90 62.00
C GLN A 51 53.86 15.89 60.86
N ILE A 52 53.03 16.91 61.06
CA ILE A 52 52.79 17.90 60.01
C ILE A 52 54.06 18.73 59.76
N ARG A 53 54.76 19.10 60.83
CA ARG A 53 55.98 19.89 60.67
C ARG A 53 57.12 19.05 60.11
N TYR A 54 57.12 17.74 60.37
CA TYR A 54 58.16 16.83 59.90
C TYR A 54 57.70 16.07 58.65
N HIS A 55 57.11 16.78 57.68
CA HIS A 55 56.64 16.12 56.46
C HIS A 55 57.78 15.99 55.44
N MET A 56 58.60 17.03 55.30
CA MET A 56 59.69 17.01 54.34
C MET A 56 60.98 16.52 55.01
N ALA A 57 62.12 16.82 54.40
CA ALA A 57 63.41 16.41 54.94
C ALA A 57 64.34 17.57 55.26
N ASN A 58 64.02 18.80 54.88
CA ASN A 58 64.86 19.97 55.16
C ASN A 58 64.17 20.87 56.18
N TYR A 59 64.18 20.41 57.43
CA TYR A 59 63.56 21.14 58.52
C TYR A 59 64.25 20.81 59.84
N GLN A 60 64.12 19.56 60.28
CA GLN A 60 64.68 19.02 61.51
C GLN A 60 64.70 20.03 62.66
N SER A 61 63.57 20.20 63.34
CA SER A 61 63.46 21.11 64.47
C SER A 61 64.09 20.46 65.70
N ASP A 62 65.42 20.42 65.70
CA ASP A 62 66.20 19.82 66.80
C ASP A 62 65.81 18.37 67.03
N LYS A 63 65.68 17.61 65.94
CA LYS A 63 65.33 16.20 65.98
C LYS A 63 64.02 15.98 66.73
N LEU A 64 64.09 15.90 68.06
CA LEU A 64 62.94 15.68 68.93
C LEU A 64 62.21 14.38 68.55
N GLY A 65 62.76 13.29 69.06
CA GLY A 65 62.19 11.97 68.80
C GLY A 65 63.12 11.04 68.06
N ASN A 66 63.34 9.85 68.62
CA ASN A 66 64.20 8.86 67.99
C ASN A 66 63.41 7.94 67.06
N ASP A 67 62.44 7.22 67.62
CA ASP A 67 61.58 6.31 66.86
C ASP A 67 60.19 6.89 66.66
N HIS A 68 60.12 8.18 66.35
CA HIS A 68 58.84 8.84 66.14
C HIS A 68 58.22 8.39 64.81
N LEU A 69 56.89 8.44 64.75
CA LEU A 69 56.15 8.05 63.56
C LEU A 69 56.18 9.11 62.46
N ALA A 70 56.83 10.24 62.70
CA ALA A 70 56.91 11.32 61.72
C ALA A 70 58.06 11.14 60.73
N TYR A 71 58.74 9.99 60.77
CA TYR A 71 59.85 9.74 59.86
C TYR A 71 59.44 8.90 58.65
N ILE A 72 58.39 8.09 58.78
CA ILE A 72 57.92 7.27 57.67
C ILE A 72 56.94 8.00 56.77
N THR A 73 56.54 9.21 57.12
CA THR A 73 55.61 9.98 56.30
C THR A 73 56.28 10.60 55.07
N TYR A 74 57.61 10.62 55.01
CA TYR A 74 58.29 11.16 53.85
C TYR A 74 58.46 10.12 52.76
N ILE A 75 58.61 8.85 53.14
CA ILE A 75 58.76 7.78 52.14
C ILE A 75 57.43 7.52 51.44
N ALA A 76 56.34 7.47 52.21
CA ALA A 76 55.02 7.24 51.62
C ALA A 76 54.52 8.44 50.83
N ASP A 77 55.06 9.64 51.09
CA ASP A 77 54.63 10.81 50.35
C ASP A 77 55.16 10.78 48.91
N ASN A 78 56.38 10.30 48.71
CA ASN A 78 56.95 10.22 47.37
C ASN A 78 56.32 9.11 46.53
N ILE A 79 55.66 8.14 47.17
CA ILE A 79 55.03 7.06 46.42
C ILE A 79 53.77 7.56 45.71
N ALA A 80 52.92 8.29 46.43
CA ALA A 80 51.69 8.82 45.86
C ALA A 80 51.91 10.08 45.03
N SER A 81 53.15 10.60 44.98
CA SER A 81 53.44 11.79 44.20
C SER A 81 54.20 11.35 42.96
N GLY A 82 55.53 11.38 42.96
CA GLY A 82 56.29 10.98 41.80
C GLY A 82 57.80 11.12 42.00
N THR A 105 48.15 27.22 35.16
CA THR A 105 48.53 26.11 36.04
C THR A 105 47.47 25.87 37.10
N ASN A 106 46.19 25.94 36.70
CA ASN A 106 45.09 25.72 37.61
C ASN A 106 45.01 24.24 38.00
N GLN A 107 44.62 23.40 37.04
CA GLN A 107 44.51 21.96 37.28
C GLN A 107 44.66 21.24 35.96
N ALA A 108 45.65 20.36 35.86
CA ALA A 108 45.87 19.61 34.63
C ALA A 108 44.78 18.57 34.43
N ASP A 109 44.34 18.41 33.19
CA ASP A 109 43.30 17.44 32.89
C ASP A 109 43.84 16.02 32.95
N ILE A 110 43.02 15.10 33.45
CA ILE A 110 43.44 13.70 33.57
C ILE A 110 43.50 13.04 32.20
N PHE A 111 42.48 13.25 31.37
CA PHE A 111 42.43 12.65 30.05
C PHE A 111 43.37 13.32 29.06
N ASN A 112 43.99 14.44 29.43
CA ASN A 112 44.89 15.15 28.52
C ASN A 112 46.22 14.43 28.33
N VAL A 113 46.69 13.71 29.35
CA VAL A 113 47.99 13.04 29.27
C VAL A 113 47.82 11.64 28.70
N PHE A 114 46.67 11.38 28.07
CA PHE A 114 46.38 10.11 27.44
C PHE A 114 46.33 10.27 25.93
N GLY A 115 46.92 9.32 25.22
CA GLY A 115 46.93 9.37 23.76
C GLY A 115 47.90 10.39 23.21
N ALA A 116 47.46 11.15 22.22
CA ALA A 116 48.28 12.18 21.59
C ALA A 116 48.00 13.53 22.23
N GLN A 117 48.70 14.56 21.73
CA GLN A 117 48.55 15.92 22.24
C GLN A 117 47.47 16.63 21.44
N THR A 118 46.32 16.88 22.07
CA THR A 118 45.22 17.54 21.40
C THR A 118 45.05 18.97 21.92
N ASP A 119 44.03 19.18 22.75
CA ASP A 119 43.75 20.49 23.32
C ASP A 119 44.08 20.48 24.81
N LYS A 120 44.44 21.65 25.33
CA LYS A 120 44.79 21.80 26.74
C LYS A 120 43.59 22.30 27.52
N ARG A 121 43.05 21.45 28.38
CA ARG A 121 41.88 21.77 29.18
C ARG A 121 42.28 22.04 30.62
N TYR A 122 41.41 22.73 31.35
CA TYR A 122 41.64 23.05 32.75
C TYR A 122 40.30 23.03 33.48
N PHE A 123 40.32 22.55 34.72
CA PHE A 123 39.12 22.45 35.53
C PHE A 123 38.88 23.77 36.25
N LYS A 124 38.01 23.75 37.26
CA LYS A 124 37.68 24.93 38.04
C LYS A 124 37.26 24.46 39.44
N PRO A 125 37.94 24.93 40.49
CA PRO A 125 37.58 24.47 41.85
C PRO A 125 36.22 24.99 42.30
N THR A 126 35.17 24.22 42.02
CA THR A 126 33.80 24.55 42.36
C THR A 126 33.37 23.69 43.56
N VAL A 127 32.07 23.43 43.67
CA VAL A 127 31.51 22.62 44.75
C VAL A 127 30.86 21.39 44.13
N LEU A 128 31.34 20.21 44.52
CA LEU A 128 30.81 18.96 43.99
C LEU A 128 29.47 18.66 44.66
N ASN A 129 28.40 18.66 43.87
CA ASN A 129 27.06 18.41 44.37
C ASN A 129 26.28 17.64 43.32
N LEU A 130 25.32 16.82 43.79
CA LEU A 130 24.50 16.04 42.87
C LEU A 130 23.56 16.93 42.07
N LYS A 131 22.92 17.90 42.73
CA LYS A 131 21.98 18.79 42.06
C LYS A 131 22.68 19.85 41.21
N SER A 132 23.96 20.10 41.46
CA SER A 132 24.69 21.10 40.70
C SER A 132 25.09 20.57 39.33
N LYS A 133 25.22 21.48 38.38
CA LYS A 133 25.60 21.09 37.03
C LYS A 133 27.09 20.73 36.99
N PRO A 134 27.48 19.74 36.18
CA PRO A 134 28.90 19.37 36.10
C PRO A 134 29.71 20.44 35.39
N ASN A 135 30.92 20.69 35.91
CA ASN A 135 31.83 21.68 35.34
C ASN A 135 32.79 20.96 34.41
N PHE A 136 32.46 20.90 33.13
CA PHE A 136 33.31 20.24 32.15
C PHE A 136 34.57 21.06 31.90
N ALA A 137 35.68 20.36 31.67
CA ALA A 137 36.95 21.02 31.41
C ALA A 137 36.97 21.62 30.01
N SER A 138 37.50 22.83 29.91
CA SER A 138 37.59 23.53 28.63
C SER A 138 38.84 24.39 28.64
N ALA A 139 39.00 25.21 27.60
CA ALA A 139 40.15 26.10 27.45
C ALA A 139 39.71 27.56 27.42
N THR A 140 39.04 28.01 28.48
CA THR A 140 38.57 29.38 28.59
C THR A 140 38.67 29.94 30.00
N TYR A 141 39.30 29.21 30.92
CA TYR A 141 39.44 29.66 32.30
C TYR A 141 40.67 30.55 32.46
N GLU A 142 41.38 30.40 33.57
CA GLU A 142 42.57 31.20 33.85
C GLU A 142 43.80 30.29 33.82
N PRO A 143 44.58 30.30 32.75
CA PRO A 143 45.78 29.45 32.69
C PRO A 143 46.89 29.86 33.65
N PHE A 144 46.75 31.00 34.34
CA PHE A 144 47.77 31.46 35.27
C PHE A 144 47.82 30.56 36.50
N SER A 145 46.90 30.77 37.44
CA SER A 145 46.86 29.98 38.67
C SER A 145 45.44 29.91 39.23
N LYS A 146 45.31 30.01 40.55
CA LYS A 146 44.00 29.95 41.20
C LYS A 146 43.44 31.36 41.38
N GLY A 147 43.91 32.06 42.41
CA GLY A 147 43.44 33.40 42.70
C GLY A 147 43.11 33.63 44.15
N ASP A 148 41.97 34.26 44.41
CA ASP A 148 41.50 34.56 45.77
C ASP A 148 40.10 33.98 45.91
N TYR A 149 40.01 32.74 46.36
CA TYR A 149 38.74 32.05 46.54
C TYR A 149 38.42 31.89 48.02
N ALA A 150 37.12 31.92 48.34
CA ALA A 150 36.68 31.79 49.72
C ALA A 150 35.53 30.81 49.87
N ALA A 151 35.14 30.09 48.82
CA ALA A 151 34.05 29.13 48.88
C ALA A 151 34.52 27.71 49.17
N ILE A 152 35.78 27.54 49.57
CA ILE A 152 36.35 26.23 49.87
C ILE A 152 36.82 26.15 51.31
N ALA A 153 37.61 27.13 51.76
CA ALA A 153 38.12 27.12 53.12
C ALA A 153 37.05 27.52 54.14
N THR A 154 35.93 28.08 53.69
CA THR A 154 34.87 28.46 54.61
C THR A 154 34.13 27.25 55.14
N ARG A 155 33.81 26.30 54.26
CA ARG A 155 33.09 25.11 54.69
C ARG A 155 33.98 24.19 55.53
N ILE A 156 35.29 24.22 55.31
CA ILE A 156 36.20 23.37 56.09
C ILE A 156 36.25 23.83 57.54
N LYS A 157 36.41 25.14 57.75
CA LYS A 157 36.50 25.66 59.11
C LYS A 157 35.17 25.61 59.84
N ASN A 158 34.05 25.59 59.10
CA ASN A 158 32.74 25.54 59.74
C ASN A 158 32.52 24.21 60.45
N GLU A 159 32.79 23.11 59.77
CA GLU A 159 32.65 21.76 60.34
C GLU A 159 33.93 21.25 60.98
N LEU A 160 34.94 22.12 61.13
CA LEU A 160 36.20 21.69 61.73
C LEU A 160 36.05 21.39 63.22
N ALA A 161 35.06 22.01 63.87
CA ALA A 161 34.84 21.78 65.30
C ALA A 161 34.37 20.36 65.57
N GLU A 162 35.30 19.41 65.57
CA GLU A 162 34.98 18.01 65.81
C GLU A 162 35.78 17.53 67.01
N PHE A 163 35.25 16.51 67.70
CA PHE A 163 35.88 15.97 68.88
C PHE A 163 37.15 15.21 68.50
N GLU A 164 37.78 14.59 69.49
CA GLU A 164 39.05 13.91 69.28
C GLU A 164 38.87 12.72 68.34
N PHE A 165 39.75 12.63 67.35
CA PHE A 165 39.69 11.55 66.37
C PHE A 165 40.05 10.23 67.05
N ASN A 166 39.07 9.35 67.20
CA ASN A 166 39.28 8.07 67.86
C ASN A 166 38.73 6.97 66.95
N GLN A 167 38.43 5.81 67.54
CA GLN A 167 37.93 4.66 66.80
C GLN A 167 36.43 4.73 66.55
N ALA A 168 35.70 5.59 67.27
CA ALA A 168 34.26 5.68 67.08
C ALA A 168 33.88 6.18 65.70
N GLN A 169 34.74 6.99 65.08
CA GLN A 169 34.50 7.51 63.74
C GLN A 169 35.65 7.08 62.82
N ILE A 170 35.29 6.76 61.58
CA ILE A 170 36.28 6.33 60.60
C ILE A 170 36.14 7.17 59.33
N ASP A 171 34.98 7.07 58.68
CA ASP A 171 34.70 7.81 57.45
C ASP A 171 33.87 9.05 57.69
N SER A 172 33.91 9.61 58.89
CA SER A 172 33.16 10.83 59.17
C SER A 172 33.78 12.06 58.53
N LEU A 173 35.04 11.96 58.10
CA LEU A 173 35.74 13.08 57.45
C LEU A 173 36.12 12.79 56.01
N LEU A 174 36.36 11.54 55.64
CA LEU A 174 36.73 11.22 54.28
C LEU A 174 35.58 11.45 53.30
N ASN A 175 34.34 11.32 53.76
CA ASN A 175 33.19 11.53 52.88
C ASN A 175 33.03 13.00 52.53
N LEU A 176 33.53 13.90 53.36
CA LEU A 176 33.45 15.34 53.10
C LEU A 176 34.74 15.90 52.52
N PHE A 177 35.88 15.27 52.80
CA PHE A 177 37.15 15.76 52.29
C PHE A 177 37.25 15.61 50.77
N GLU A 178 36.59 14.60 50.20
CA GLU A 178 36.60 14.36 48.76
C GLU A 178 35.35 14.86 48.07
N ALA A 179 34.46 15.56 48.80
CA ALA A 179 33.23 16.07 48.22
C ALA A 179 33.28 17.56 47.92
N ILE A 180 34.43 18.20 48.09
CA ILE A 180 34.56 19.63 47.82
C ILE A 180 35.98 19.93 47.33
N LEU A 181 36.96 19.16 47.80
CA LEU A 181 38.34 19.28 47.36
C LEU A 181 38.66 18.37 46.17
N SER A 182 37.63 17.86 45.49
CA SER A 182 37.87 16.98 44.35
C SER A 182 38.37 17.73 43.13
N PHE A 183 38.25 19.06 43.11
CA PHE A 183 38.72 19.87 42.00
C PHE A 183 39.89 20.77 42.40
N VAL A 184 40.66 20.36 43.40
CA VAL A 184 41.82 21.09 43.87
C VAL A 184 43.04 20.20 43.75
N PRO A 185 44.05 20.58 42.98
CA PRO A 185 45.24 19.72 42.84
C PRO A 185 46.15 19.78 44.06
N SER A 186 47.27 19.09 44.00
CA SER A 186 48.24 19.06 45.09
C SER A 186 49.63 19.37 44.54
N SER A 187 50.31 20.34 45.16
CA SER A 187 51.65 20.76 44.77
C SER A 187 51.71 21.17 43.30
N THR A 188 51.26 22.39 43.00
CA THR A 188 51.28 22.91 41.64
C THR A 188 52.73 23.19 41.24
N ASN A 189 53.31 22.29 40.46
CA ASN A 189 54.70 22.44 40.03
C ASN A 189 54.90 21.63 38.76
N SER A 190 55.46 22.27 37.74
CA SER A 190 55.76 21.64 36.45
C SER A 190 54.44 21.15 35.83
N LYS A 191 54.48 19.97 35.20
CA LYS A 191 53.31 19.45 34.51
C LYS A 191 53.07 17.98 34.86
N GLU A 192 54.15 17.28 35.22
CA GLU A 192 54.02 15.87 35.59
C GLU A 192 53.19 15.71 36.86
N ILE A 193 53.45 16.55 37.87
CA ILE A 193 52.69 16.50 39.12
C ILE A 193 51.77 17.71 39.17
N ALA A 194 50.55 17.55 38.65
CA ALA A 194 49.57 18.63 38.64
C ALA A 194 48.16 18.09 38.44
N ASP A 195 48.06 16.97 37.73
CA ASP A 195 46.76 16.36 37.44
C ASP A 195 46.21 15.56 38.62
N ILE A 196 46.96 15.41 39.70
CA ILE A 196 46.53 14.66 40.87
C ILE A 196 45.82 15.63 41.82
N SER A 197 44.56 15.35 42.11
CA SER A 197 43.79 16.20 43.00
C SER A 197 44.23 16.00 44.45
N LEU A 198 44.01 17.04 45.27
CA LEU A 198 44.38 16.95 46.68
C LEU A 198 43.50 15.99 47.44
N ALA A 199 42.24 15.82 47.03
CA ALA A 199 41.34 14.90 47.70
C ALA A 199 41.78 13.44 47.49
N GLU A 200 42.40 13.15 46.35
CA GLU A 200 42.88 11.80 46.08
C GLU A 200 44.33 11.59 46.51
N HIS A 201 45.16 12.63 46.43
CA HIS A 201 46.55 12.50 46.85
C HIS A 201 46.65 12.28 48.36
N SER A 202 45.88 13.04 49.14
CA SER A 202 45.89 12.86 50.59
C SER A 202 45.24 11.56 51.03
N ARG A 203 44.35 11.00 50.20
CA ARG A 203 43.71 9.73 50.55
C ARG A 203 44.59 8.54 50.18
N LEU A 204 45.31 8.63 49.05
CA LEU A 204 46.15 7.52 48.62
C LEU A 204 47.43 7.44 49.42
N THR A 205 47.95 8.58 49.90
CA THR A 205 49.20 8.56 50.66
C THR A 205 49.01 7.93 52.04
N ALA A 206 47.77 7.81 52.53
CA ALA A 206 47.52 7.17 53.81
C ALA A 206 47.52 5.65 53.71
N ALA A 207 47.32 5.11 52.51
CA ALA A 207 47.34 3.66 52.35
C ALA A 207 48.76 3.11 52.39
N PHE A 208 49.71 3.82 51.79
CA PHE A 208 51.10 3.38 51.80
C PHE A 208 51.73 3.57 53.18
N ALA A 209 51.22 4.52 53.97
CA ALA A 209 51.78 4.73 55.31
C ALA A 209 51.38 3.59 56.25
N LEU A 210 50.21 3.00 56.03
CA LEU A 210 49.77 1.90 56.88
C LEU A 210 50.51 0.61 56.53
N ALA A 211 50.98 0.46 55.29
CA ALA A 211 51.72 -0.72 54.91
C ALA A 211 53.13 -0.71 55.50
N ILE A 212 53.70 0.47 55.71
CA ILE A 212 55.03 0.56 56.32
C ILE A 212 54.96 0.20 57.79
N TYR A 213 53.90 0.62 58.48
CA TYR A 213 53.75 0.28 59.89
C TYR A 213 53.52 -1.21 60.09
N ASP A 214 52.85 -1.86 59.13
CA ASP A 214 52.63 -3.30 59.22
C ASP A 214 53.86 -4.10 58.81
N TYR A 215 54.74 -3.51 58.01
CA TYR A 215 55.95 -4.21 57.58
C TYR A 215 57.06 -4.10 58.63
N LEU A 216 57.15 -2.95 59.31
CA LEU A 216 58.16 -2.76 60.34
C LEU A 216 57.81 -3.45 61.66
N GLU A 217 56.57 -3.91 61.82
CA GLU A 217 56.15 -4.58 63.04
C GLU A 217 56.11 -6.10 62.90
N ASP A 218 55.81 -6.62 61.71
CA ASP A 218 55.74 -8.06 61.53
C ASP A 218 57.13 -8.69 61.50
N LYS A 219 58.14 -7.94 61.07
CA LYS A 219 59.50 -8.48 60.99
C LYS A 219 60.11 -8.62 62.37
N GLY A 220 60.64 -7.53 62.92
CA GLY A 220 61.25 -7.57 64.23
C GLY A 220 61.90 -6.27 64.66
N ARG A 221 62.67 -5.65 63.77
CA ARG A 221 63.38 -4.43 64.12
C ARG A 221 62.41 -3.25 64.23
N HIS A 222 62.87 -2.19 64.90
CA HIS A 222 62.07 -1.00 65.09
C HIS A 222 62.85 0.30 65.03
N ASN A 223 64.17 0.29 65.20
CA ASN A 223 64.97 1.51 65.16
C ASN A 223 65.18 2.04 63.75
N TYR A 224 64.62 1.39 62.73
CA TYR A 224 64.77 1.86 61.37
C TYR A 224 64.02 3.16 61.11
N LYS A 225 63.00 3.47 61.91
CA LYS A 225 62.20 4.69 61.74
C LYS A 225 63.00 5.89 62.25
N GLU A 226 63.99 6.28 61.47
CA GLU A 226 64.82 7.43 61.80
C GLU A 226 65.49 7.99 60.55
N ASP A 227 66.70 7.52 60.25
CA ASP A 227 67.43 7.98 59.08
C ASP A 227 68.54 7.00 58.72
N LEU A 228 68.16 5.88 58.10
CA LEU A 228 69.12 4.86 57.71
C LEU A 228 69.10 4.53 56.22
N PHE A 229 68.14 5.08 55.47
CA PHE A 229 68.04 4.83 54.03
C PHE A 229 68.85 5.89 53.27
N THR A 230 70.17 5.79 53.43
CA THR A 230 71.07 6.72 52.75
C THR A 230 71.00 6.56 51.25
N LYS A 231 70.98 5.31 50.76
CA LYS A 231 70.90 5.07 49.34
C LYS A 231 69.51 5.43 48.81
N ALA A 232 69.47 5.98 47.60
CA ALA A 232 68.20 6.40 47.01
C ALA A 232 67.31 5.21 46.71
N SER A 233 67.89 4.08 46.31
CA SER A 233 67.17 2.86 45.99
C SER A 233 67.32 1.80 47.06
N ALA A 234 67.26 2.20 48.34
CA ALA A 234 67.39 1.24 49.43
C ALA A 234 66.04 0.58 49.74
N PHE A 235 65.14 1.33 50.38
CA PHE A 235 63.82 0.80 50.70
C PHE A 235 62.92 0.71 49.47
N TYR A 236 63.20 1.50 48.44
CA TYR A 236 62.37 1.46 47.23
C TYR A 236 62.58 0.17 46.46
N GLU A 237 63.75 -0.46 46.61
CA GLU A 237 64.02 -1.70 45.88
C GLU A 237 63.44 -2.92 46.59
N GLU A 238 63.48 -2.94 47.92
CA GLU A 238 62.95 -4.07 48.67
C GLU A 238 61.43 -4.11 48.58
N GLU A 239 60.89 -5.27 48.21
CA GLU A 239 59.46 -5.44 48.07
C GLU A 239 58.81 -5.46 49.45
N ALA A 240 57.85 -4.56 49.69
CA ALA A 240 57.16 -4.47 50.97
C ALA A 240 55.70 -4.07 50.78
N PHE A 241 55.09 -4.47 49.66
CA PHE A 241 53.70 -4.15 49.38
C PHE A 241 53.02 -5.37 48.78
N LEU A 242 51.70 -5.26 48.61
CA LEU A 242 50.90 -6.35 48.07
C LEU A 242 49.70 -5.76 47.35
N LEU A 243 49.40 -6.30 46.18
CA LEU A 243 48.28 -5.85 45.36
C LEU A 243 47.24 -6.96 45.34
N ALA A 244 46.10 -6.71 45.96
CA ALA A 244 45.03 -7.68 46.05
C ALA A 244 43.85 -7.26 45.18
N SER A 245 43.18 -8.25 44.59
CA SER A 245 42.03 -8.01 43.73
C SER A 245 41.18 -9.26 43.68
N PHE A 246 39.92 -9.08 43.28
CA PHE A 246 38.98 -10.18 43.19
C PHE A 246 38.11 -9.98 41.96
N ASP A 247 37.24 -10.96 41.69
CA ASP A 247 36.32 -10.88 40.55
C ASP A 247 35.04 -11.61 40.95
N LEU A 248 34.08 -10.84 41.47
CA LEU A 248 32.81 -11.39 41.91
C LEU A 248 31.99 -11.81 40.70
N SER A 249 31.91 -13.11 40.46
CA SER A 249 31.16 -13.63 39.32
C SER A 249 29.73 -13.93 39.71
N GLY A 250 28.82 -13.77 38.75
CA GLY A 250 27.42 -14.01 38.98
C GLY A 250 26.60 -12.74 39.11
N ILE A 251 26.97 -11.71 38.35
CA ILE A 251 26.26 -10.44 38.38
C ILE A 251 25.17 -10.40 37.33
N GLN A 252 25.51 -10.69 36.07
CA GLN A 252 24.51 -10.67 35.00
C GLN A 252 23.69 -11.95 34.95
N ASP A 253 24.15 -13.02 35.60
CA ASP A 253 23.42 -14.29 35.60
C ASP A 253 22.38 -14.36 36.71
N PHE A 254 22.48 -13.50 37.72
CA PHE A 254 21.53 -13.50 38.82
C PHE A 254 20.54 -12.34 38.76
N ILE A 255 20.91 -11.23 38.14
CA ILE A 255 20.04 -10.07 38.06
C ILE A 255 19.24 -10.05 36.77
N TYR A 256 19.91 -10.23 35.63
CA TYR A 256 19.22 -10.19 34.34
C TYR A 256 18.38 -11.43 34.13
N ASN A 257 18.92 -12.61 34.46
CA ASN A 257 18.19 -13.85 34.28
C ASN A 257 17.09 -13.99 35.32
N ILE A 258 15.89 -14.35 34.88
CA ILE A 258 14.73 -14.48 35.76
C ILE A 258 13.79 -15.51 35.15
N ALA A 259 12.87 -16.02 35.98
CA ALA A 259 11.90 -16.99 35.51
C ALA A 259 10.67 -16.32 34.94
N THR A 260 9.73 -15.94 35.81
CA THR A 260 8.51 -15.29 35.37
C THR A 260 8.70 -13.78 35.29
N SER A 261 7.66 -13.10 34.81
CA SER A 261 7.67 -11.65 34.66
C SER A 261 7.18 -10.93 35.91
N GLY A 262 6.87 -11.66 36.98
CA GLY A 262 6.42 -11.03 38.21
C GLY A 262 7.49 -10.38 39.04
N ALA A 263 8.76 -10.60 38.70
CA ALA A 263 9.88 -10.03 39.45
C ALA A 263 10.35 -8.70 38.85
N ALA A 264 9.50 -8.02 38.09
CA ALA A 264 9.90 -6.74 37.51
C ALA A 264 9.91 -5.62 38.53
N LYS A 265 9.04 -5.67 39.52
CA LYS A 265 8.99 -4.61 40.54
C LYS A 265 10.17 -4.73 41.51
N GLN A 266 10.58 -5.95 41.83
CA GLN A 266 11.69 -6.19 42.75
C GLN A 266 13.03 -6.28 42.05
N LEU A 267 13.11 -5.94 40.76
CA LEU A 267 14.39 -6.00 40.06
C LEU A 267 15.34 -4.91 40.54
N LYS A 268 14.80 -3.74 40.93
CA LYS A 268 15.65 -2.69 41.45
C LYS A 268 16.24 -3.08 42.80
N ALA A 269 15.47 -3.77 43.64
CA ALA A 269 15.99 -4.26 44.90
C ALA A 269 16.98 -5.40 44.69
N ARG A 270 16.86 -6.14 43.58
CA ARG A 270 17.82 -7.20 43.29
C ARG A 270 19.17 -6.63 42.91
N SER A 271 19.18 -5.48 42.21
CA SER A 271 20.44 -4.85 41.84
C SER A 271 21.15 -4.27 43.06
N LEU A 272 20.40 -3.71 44.00
CA LEU A 272 21.00 -3.17 45.22
C LEU A 272 21.46 -4.27 46.17
N TYR A 273 21.00 -5.52 45.96
CA TYR A 273 21.42 -6.61 46.81
C TYR A 273 22.88 -6.96 46.59
N LEU A 274 23.29 -7.10 45.32
CA LEU A 274 24.68 -7.39 44.99
C LEU A 274 25.56 -6.15 45.02
N ASP A 275 24.98 -4.95 45.07
CA ASP A 275 25.78 -3.73 45.12
C ASP A 275 26.43 -3.57 46.50
N PHE A 276 25.66 -3.76 47.57
CA PHE A 276 26.21 -3.69 48.91
C PHE A 276 27.02 -4.92 49.28
N MET A 277 26.86 -6.02 48.54
CA MET A 277 27.63 -7.22 48.82
C MET A 277 29.10 -7.02 48.45
N SER A 278 29.37 -6.33 47.35
CA SER A 278 30.75 -6.04 46.97
C SER A 278 31.39 -5.04 47.92
N GLU A 279 30.59 -4.14 48.50
CA GLU A 279 31.13 -3.19 49.47
C GLU A 279 31.38 -3.84 50.82
N TYR A 280 30.62 -4.89 51.16
CA TYR A 280 30.83 -5.57 52.43
C TYR A 280 32.16 -6.34 52.44
N ILE A 281 32.62 -6.78 51.27
CA ILE A 281 33.90 -7.47 51.20
C ILE A 281 35.05 -6.51 51.53
N ALA A 282 34.95 -5.28 51.04
CA ALA A 282 35.98 -4.28 51.33
C ALA A 282 35.95 -3.83 52.79
N ASP A 283 34.79 -3.91 53.44
CA ASP A 283 34.68 -3.50 54.84
C ASP A 283 35.07 -4.60 55.81
N SER A 284 34.69 -5.85 55.55
CA SER A 284 35.01 -6.96 56.45
C SER A 284 36.48 -7.37 56.37
N LEU A 285 37.13 -7.19 55.23
CA LEU A 285 38.53 -7.58 55.06
C LEU A 285 39.50 -6.54 55.62
N LEU A 286 39.25 -5.25 55.39
CA LEU A 286 40.16 -4.22 55.88
C LEU A 286 40.04 -4.02 57.39
N ASP A 287 38.84 -4.13 57.95
CA ASP A 287 38.66 -3.95 59.38
C ASP A 287 39.19 -5.14 60.18
N LYS A 288 39.18 -6.33 59.60
CA LYS A 288 39.69 -7.50 60.30
C LYS A 288 41.22 -7.49 60.37
N LEU A 289 41.87 -7.03 59.29
CA LEU A 289 43.33 -6.98 59.28
C LEU A 289 43.86 -5.82 60.13
N GLY A 290 43.16 -4.69 60.15
CA GLY A 290 43.60 -3.55 60.92
C GLY A 290 43.96 -2.36 60.06
N LEU A 291 43.12 -2.04 59.08
CA LEU A 291 43.36 -0.92 58.19
C LEU A 291 42.19 0.05 58.20
N ASN A 292 42.11 0.93 57.20
CA ASN A 292 41.05 1.91 57.11
C ASN A 292 40.52 1.95 55.68
N ARG A 293 39.92 3.08 55.31
CA ARG A 293 39.34 3.22 53.98
C ARG A 293 40.37 3.60 52.93
N ALA A 294 41.55 4.08 53.35
CA ALA A 294 42.58 4.48 52.39
C ALA A 294 43.05 3.30 51.54
N ASN A 295 43.01 2.08 52.09
CA ASN A 295 43.41 0.89 51.36
C ASN A 295 42.28 0.40 50.46
N LEU A 296 41.88 1.28 49.55
CA LEU A 296 40.78 1.00 48.65
C LEU A 296 40.98 1.79 47.37
N LEU A 297 40.71 1.14 46.21
CA LEU A 297 40.87 1.77 44.89
C LEU A 297 39.66 1.37 44.03
N TYR A 298 38.54 2.06 44.24
CA TYR A 298 37.32 1.88 43.47
C TYR A 298 36.74 0.47 43.60
N VAL A 299 35.75 0.32 44.46
CA VAL A 299 35.04 -0.95 44.63
C VAL A 299 33.68 -0.80 43.96
N GLY A 300 33.38 -1.70 43.02
CA GLY A 300 32.12 -1.66 42.32
C GLY A 300 32.10 -2.54 41.08
N GLY A 301 30.97 -3.21 40.85
CA GLY A 301 30.86 -4.09 39.70
C GLY A 301 31.66 -5.36 39.80
N GLY A 302 32.03 -5.78 41.00
CA GLY A 302 32.82 -6.99 41.17
C GLY A 302 34.27 -6.87 40.82
N HIS A 303 34.81 -5.65 40.78
CA HIS A 303 36.22 -5.42 40.45
C HIS A 303 36.78 -4.35 41.37
N ALA A 304 37.93 -4.62 41.96
CA ALA A 304 38.58 -3.68 42.86
C ALA A 304 40.08 -3.95 42.84
N TYR A 305 40.82 -3.10 43.55
CA TYR A 305 42.28 -3.21 43.63
C TYR A 305 42.70 -2.82 45.04
N PHE A 306 42.90 -3.82 45.90
CA PHE A 306 43.30 -3.58 47.28
C PHE A 306 44.82 -3.58 47.41
N VAL A 307 45.32 -2.73 48.29
CA VAL A 307 46.75 -2.61 48.55
C VAL A 307 47.03 -3.09 49.97
N LEU A 308 48.08 -3.90 50.12
CA LEU A 308 48.44 -4.43 51.42
C LEU A 308 49.95 -4.33 51.65
N ALA A 309 50.53 -5.35 52.27
CA ALA A 309 51.97 -5.37 52.54
C ALA A 309 52.50 -6.77 52.24
N ASN A 310 53.81 -6.84 52.03
CA ASN A 310 54.48 -8.10 51.72
C ASN A 310 54.98 -8.76 53.00
N THR A 311 54.03 -9.07 53.89
CA THR A 311 54.31 -9.72 55.15
C THR A 311 53.56 -11.04 55.24
N GLU A 312 54.06 -11.94 56.10
CA GLU A 312 53.44 -13.24 56.29
C GLU A 312 52.15 -13.17 57.09
N LYS A 313 51.86 -12.06 57.75
CA LYS A 313 50.64 -11.94 58.53
C LYS A 313 49.44 -11.59 57.66
N THR A 314 49.64 -10.69 56.69
CA THR A 314 48.55 -10.29 55.80
C THR A 314 48.15 -11.39 54.84
N VAL A 315 49.06 -12.34 54.55
CA VAL A 315 48.73 -13.43 53.64
C VAL A 315 47.80 -14.44 54.32
N GLU A 316 48.06 -14.72 55.60
CA GLU A 316 47.23 -15.69 56.32
C GLU A 316 45.83 -15.18 56.59
N THR A 317 45.59 -13.88 56.47
CA THR A 317 44.25 -13.34 56.71
C THR A 317 43.35 -13.50 55.49
N LEU A 318 43.89 -13.26 54.29
CA LEU A 318 43.09 -13.37 53.08
C LEU A 318 42.79 -14.82 52.72
N VAL A 319 43.66 -15.75 53.13
CA VAL A 319 43.40 -17.17 52.86
C VAL A 319 42.25 -17.68 53.72
N GLN A 320 42.22 -17.28 54.99
CA GLN A 320 41.13 -17.71 55.88
C GLN A 320 39.84 -16.96 55.55
N PHE A 321 39.93 -15.74 55.03
CA PHE A 321 38.74 -14.98 54.73
C PHE A 321 38.01 -15.54 53.51
N GLU A 322 38.76 -15.94 52.47
CA GLU A 322 38.14 -16.49 51.28
C GLU A 322 37.55 -17.88 51.51
N LYS A 323 38.02 -18.60 52.53
CA LYS A 323 37.47 -19.90 52.85
C LYS A 323 36.20 -19.81 53.69
N ASP A 324 36.02 -18.73 54.43
CA ASP A 324 34.82 -18.54 55.24
C ASP A 324 33.74 -17.75 54.53
N PHE A 325 34.12 -16.87 53.61
CA PHE A 325 33.13 -16.08 52.87
C PHE A 325 32.38 -16.95 51.87
N ASN A 326 33.02 -17.98 51.35
CA ASN A 326 32.38 -18.91 50.41
C ASN A 326 31.70 -20.07 51.11
N GLN A 327 31.71 -20.11 52.44
CA GLN A 327 31.10 -21.19 53.19
C GLN A 327 29.58 -21.04 53.29
N PHE A 328 29.11 -19.88 53.77
CA PHE A 328 27.68 -19.65 53.89
C PHE A 328 27.01 -19.41 52.55
N LEU A 329 27.77 -19.04 51.51
CA LEU A 329 27.20 -18.81 50.19
C LEU A 329 26.91 -20.11 49.45
N LEU A 330 27.31 -21.26 50.01
CA LEU A 330 27.05 -22.54 49.36
C LEU A 330 25.70 -23.12 49.79
N ALA A 331 25.24 -22.79 51.00
CA ALA A 331 23.98 -23.34 51.49
C ALA A 331 22.78 -22.59 50.89
N ASN A 332 22.77 -21.27 51.04
CA ASN A 332 21.65 -20.48 50.54
C ASN A 332 21.70 -20.32 49.02
N PHE A 333 22.85 -19.91 48.50
CA PHE A 333 23.03 -19.74 47.07
C PHE A 333 23.61 -21.01 46.47
N GLN A 334 23.88 -21.00 45.16
CA GLN A 334 24.42 -22.16 44.48
C GLN A 334 25.79 -21.87 43.91
N THR A 335 26.06 -22.36 42.70
CA THR A 335 27.35 -22.16 42.04
C THR A 335 27.39 -20.90 41.19
N ARG A 336 26.37 -20.05 41.27
CA ARG A 336 26.35 -18.82 40.48
C ARG A 336 27.26 -17.76 41.08
N LEU A 337 27.11 -17.50 42.39
CA LEU A 337 27.92 -16.49 43.06
C LEU A 337 29.22 -17.11 43.54
N TYR A 338 30.34 -16.49 43.17
CA TYR A 338 31.65 -16.98 43.57
C TYR A 338 32.63 -15.82 43.56
N VAL A 339 33.51 -15.78 44.55
CA VAL A 339 34.52 -14.74 44.68
C VAL A 339 35.90 -15.40 44.70
N ALA A 340 36.76 -14.98 43.79
CA ALA A 340 38.11 -15.52 43.66
C ALA A 340 39.11 -14.39 43.86
N PHE A 341 39.90 -14.48 44.94
CA PHE A 341 40.88 -13.45 45.23
C PHE A 341 42.09 -13.58 44.30
N GLY A 342 42.98 -12.60 44.40
CA GLY A 342 44.19 -12.59 43.60
C GLY A 342 45.23 -11.61 44.10
N TRP A 343 46.30 -12.13 44.68
CA TRP A 343 47.38 -11.31 45.23
C TRP A 343 48.55 -11.24 44.26
N GLY A 344 49.40 -10.23 44.47
CA GLY A 344 50.56 -10.02 43.64
C GLY A 344 51.54 -9.02 44.21
N SER A 345 52.67 -9.51 44.71
CA SER A 345 53.66 -8.63 45.32
C SER A 345 54.39 -7.82 44.25
N PHE A 346 54.87 -6.65 44.65
CA PHE A 346 55.60 -5.76 43.76
C PHE A 346 56.52 -4.88 44.60
N ALA A 347 57.26 -4.01 43.92
CA ALA A 347 58.19 -3.10 44.56
C ALA A 347 57.78 -1.65 44.31
N ALA A 348 58.31 -0.75 45.13
CA ALA A 348 58.01 0.66 45.01
C ALA A 348 58.84 1.36 43.95
N LYS A 349 59.89 0.72 43.43
CA LYS A 349 60.75 1.31 42.41
C LYS A 349 60.19 1.15 41.01
N ASP A 350 58.96 0.66 40.85
CA ASP A 350 58.35 0.45 39.55
C ASP A 350 57.45 1.61 39.13
N ILE A 351 57.24 2.60 39.98
CA ILE A 351 56.35 3.72 39.68
C ILE A 351 57.05 5.03 39.95
N MET A 352 58.37 5.00 40.12
CA MET A 352 59.13 6.20 40.40
C MET A 352 60.56 6.01 39.95
N SER A 353 61.26 7.14 39.76
CA SER A 353 62.67 7.15 39.41
C SER A 353 62.94 6.40 38.11
N GLU A 354 63.75 5.35 38.18
CA GLU A 354 64.12 4.60 36.98
C GLU A 354 62.98 3.68 36.56
N LEU A 355 63.30 2.75 35.65
CA LEU A 355 62.34 1.79 35.12
C LEU A 355 61.16 2.48 34.46
N ASN A 356 61.36 2.98 33.24
CA ASN A 356 60.31 3.65 32.48
C ASN A 356 59.70 2.76 31.41
N SER A 357 60.05 1.48 31.39
CA SER A 357 59.49 0.58 30.40
C SER A 357 58.03 0.26 30.75
N PRO A 358 57.14 0.21 29.76
CA PRO A 358 55.74 -0.12 30.05
C PRO A 358 55.54 -1.52 30.59
N GLU A 359 56.46 -2.44 30.30
CA GLU A 359 56.33 -3.81 30.80
C GLU A 359 56.59 -3.90 32.29
N SER A 360 57.36 -2.94 32.84
CA SER A 360 57.65 -2.97 34.27
C SER A 360 56.41 -2.69 35.10
N TYR A 361 55.59 -1.72 34.68
CA TYR A 361 54.36 -1.41 35.40
C TYR A 361 53.28 -2.44 35.16
N ARG A 362 53.19 -2.99 33.94
CA ARG A 362 52.18 -4.00 33.65
C ARG A 362 52.46 -5.31 34.35
N GLN A 363 53.71 -5.58 34.75
CA GLN A 363 54.03 -6.82 35.43
C GLN A 363 53.40 -6.88 36.82
N ILE A 364 53.11 -5.73 37.42
CA ILE A 364 52.48 -5.71 38.73
C ILE A 364 51.08 -6.30 38.68
N TYR A 365 50.30 -5.91 37.67
CA TYR A 365 48.93 -6.41 37.55
C TYR A 365 48.90 -7.83 37.01
N GLN A 366 49.93 -8.26 36.27
CA GLN A 366 49.95 -9.61 35.74
C GLN A 366 50.21 -10.65 36.82
N LYS A 367 50.82 -10.23 37.94
CA LYS A 367 51.07 -11.16 39.04
C LYS A 367 49.82 -11.46 39.86
N ALA A 368 48.75 -10.70 39.67
CA ALA A 368 47.50 -10.91 40.39
C ALA A 368 46.32 -11.25 39.50
N SER A 369 46.26 -10.69 38.29
CA SER A 369 45.16 -10.99 37.38
C SER A 369 45.31 -12.34 36.69
N ARG A 370 46.50 -12.93 36.70
CA ARG A 370 46.70 -14.22 36.07
C ARG A 370 46.02 -15.32 36.87
N MET A 371 46.09 -15.26 38.20
CA MET A 371 45.45 -16.26 39.05
C MET A 371 43.95 -16.10 39.11
N ILE A 372 43.42 -14.93 38.72
CA ILE A 372 41.98 -14.72 38.71
C ILE A 372 41.32 -15.67 37.74
N SER A 373 41.87 -15.79 36.53
CA SER A 373 41.32 -16.73 35.55
C SER A 373 41.61 -18.18 35.92
N GLU A 374 42.54 -18.42 36.84
CA GLU A 374 42.86 -19.78 37.27
C GLU A 374 42.08 -20.21 38.50
N LYS A 375 41.71 -19.26 39.36
CA LYS A 375 40.96 -19.61 40.57
C LYS A 375 39.46 -19.72 40.29
N LYS A 376 38.95 -18.95 39.33
CA LYS A 376 37.53 -19.03 39.00
C LYS A 376 37.18 -20.37 38.36
N ILE A 377 38.13 -20.96 37.62
CA ILE A 377 37.90 -22.28 37.01
C ILE A 377 38.23 -23.41 37.97
N SER A 378 38.88 -23.14 39.10
CA SER A 378 39.17 -24.14 40.12
C SER A 378 38.53 -23.70 41.43
N ARG A 379 37.20 -23.82 41.50
CA ARG A 379 36.44 -23.35 42.65
C ARG A 379 36.54 -24.32 43.82
N TYR A 380 35.55 -25.20 43.95
CA TYR A 380 35.48 -26.09 45.10
C TYR A 380 36.50 -27.23 44.96
N ASP A 381 36.64 -27.99 46.04
CA ASP A 381 37.60 -29.10 46.06
C ASP A 381 36.99 -30.33 46.71
N TYR A 382 37.81 -31.10 47.42
CA TYR A 382 37.36 -32.32 48.06
C TYR A 382 36.52 -32.01 49.29
N ARG A 383 35.60 -32.92 49.61
CA ARG A 383 34.71 -32.80 50.77
C ARG A 383 33.90 -31.50 50.69
N THR A 384 33.44 -31.16 49.48
CA THR A 384 32.64 -29.97 49.28
C THR A 384 31.72 -30.15 48.07
N LEU A 385 32.27 -30.66 46.97
CA LEU A 385 31.47 -30.89 45.78
C LEU A 385 30.46 -32.00 45.97
N MET A 386 30.81 -33.03 46.75
CA MET A 386 29.90 -34.14 46.99
C MET A 386 28.78 -33.77 47.96
N LEU A 387 28.85 -32.62 48.62
CA LEU A 387 27.79 -32.23 49.54
C LEU A 387 26.52 -31.84 48.78
N LEU A 388 26.68 -31.18 47.64
CA LEU A 388 25.52 -30.79 46.84
C LEU A 388 24.89 -31.97 46.11
N ASN A 389 25.63 -33.06 45.91
CA ASN A 389 25.13 -34.24 45.23
C ASN A 389 24.60 -35.30 46.20
N ARG A 390 24.32 -34.91 47.44
CA ARG A 390 23.82 -35.88 48.42
C ARG A 390 22.36 -36.21 48.15
N GLY A 391 21.48 -35.22 48.26
CA GLY A 391 20.07 -35.43 48.01
C GLY A 391 19.26 -35.64 49.27
N GLY A 392 18.33 -34.74 49.53
CA GLY A 392 17.49 -34.84 50.72
C GLY A 392 16.18 -34.10 50.60
N LYS A 393 15.93 -33.53 49.42
CA LYS A 393 14.71 -32.78 49.16
C LYS A 393 13.75 -33.61 48.33
N SER A 394 12.43 -33.47 48.62
CA SER A 394 11.39 -34.21 47.91
C SER A 394 10.10 -33.40 48.04
N SER A 395 9.98 -32.38 47.20
CA SER A 395 8.80 -31.53 47.20
C SER A 395 8.68 -30.84 45.85
N GLU A 396 7.44 -30.52 45.47
CA GLU A 396 7.14 -29.83 44.21
C GLU A 396 6.49 -28.50 44.53
N ARG A 397 7.32 -27.53 44.95
CA ARG A 397 6.84 -26.19 45.25
C ARG A 397 8.03 -25.25 45.14
N GLU A 398 8.02 -24.39 44.12
CA GLU A 398 9.10 -23.45 43.89
C GLU A 398 8.53 -22.03 43.77
N CYS A 399 9.42 -21.06 43.94
CA CYS A 399 9.01 -19.66 43.86
C CYS A 399 8.82 -19.18 42.43
N GLU A 400 9.32 -19.94 41.45
CA GLU A 400 9.20 -19.57 40.03
C GLU A 400 9.80 -18.19 39.77
N ILE A 401 10.94 -17.91 40.40
CA ILE A 401 11.61 -16.62 40.25
C ILE A 401 13.08 -16.84 39.93
N CYS A 402 13.78 -17.51 40.85
CA CYS A 402 15.21 -17.78 40.68
C CYS A 402 15.53 -19.27 40.65
N HIS A 403 14.52 -20.13 40.62
CA HIS A 403 14.68 -21.58 40.60
C HIS A 403 15.50 -22.05 41.81
N SER A 404 14.85 -21.97 42.98
CA SER A 404 15.48 -22.38 44.22
C SER A 404 14.40 -22.81 45.20
N VAL A 405 14.61 -23.97 45.83
CA VAL A 405 13.67 -24.52 46.80
C VAL A 405 14.43 -24.64 48.12
N GLU A 406 14.28 -23.66 49.01
CA GLU A 406 14.97 -23.67 50.29
C GLU A 406 14.22 -22.74 51.24
N ASN A 407 13.51 -23.32 52.20
CA ASN A 407 12.75 -22.57 53.20
C ASN A 407 11.75 -21.62 52.53
N LEU A 408 10.62 -22.16 52.09
CA LEU A 408 9.61 -21.37 51.40
C LEU A 408 8.62 -20.79 52.42
N VAL A 409 7.82 -19.82 51.94
CA VAL A 409 6.81 -19.17 52.76
C VAL A 409 5.73 -18.63 51.83
N SER A 410 4.50 -18.60 52.34
CA SER A 410 3.37 -18.13 51.54
C SER A 410 3.48 -16.63 51.29
N TYR A 411 2.89 -16.19 50.18
CA TYR A 411 2.91 -14.78 49.81
C TYR A 411 1.65 -14.41 49.05
N HIS A 412 1.66 -14.59 47.73
CA HIS A 412 0.50 -14.29 46.90
C HIS A 412 0.04 -15.52 46.13
N ASP A 413 0.04 -15.44 44.80
CA ASP A 413 -0.39 -16.56 43.98
C ASP A 413 0.59 -17.73 44.07
N GLN A 414 1.88 -17.44 44.17
CA GLN A 414 2.88 -18.49 44.32
C GLN A 414 3.40 -18.52 45.76
N LYS A 415 4.36 -19.39 46.02
CA LYS A 415 4.98 -19.55 47.32
C LYS A 415 6.45 -19.15 47.20
N VAL A 416 6.78 -17.94 47.65
CA VAL A 416 8.14 -17.43 47.52
C VAL A 416 9.06 -18.17 48.49
N CYS A 417 10.29 -18.43 48.05
CA CYS A 417 11.27 -19.14 48.88
C CYS A 417 11.87 -18.22 49.94
N ASP A 418 13.20 -18.17 49.99
CA ASP A 418 13.88 -17.34 50.99
C ASP A 418 14.95 -16.46 50.33
N ILE A 419 15.45 -16.90 49.17
CA ILE A 419 16.47 -16.13 48.47
C ILE A 419 15.87 -14.84 47.92
N CYS A 420 14.78 -14.96 47.16
CA CYS A 420 14.10 -13.81 46.58
C CYS A 420 12.95 -13.30 47.45
N ARG A 421 12.88 -13.74 48.71
CA ARG A 421 11.81 -13.29 49.59
C ARG A 421 12.10 -11.92 50.18
N GLY A 422 13.36 -11.67 50.56
CA GLY A 422 13.74 -10.39 51.12
C GLY A 422 13.71 -9.24 50.14
N LEU A 423 13.61 -9.52 48.84
CA LEU A 423 13.57 -8.44 47.86
C LEU A 423 12.23 -7.73 47.86
N TYR A 424 11.15 -8.42 48.26
CA TYR A 424 9.84 -7.77 48.31
C TYR A 424 9.80 -6.74 49.43
N GLN A 425 10.36 -7.06 50.60
CA GLN A 425 10.37 -6.10 51.70
C GLN A 425 11.39 -4.99 51.45
N PHE A 426 12.53 -5.32 50.83
CA PHE A 426 13.54 -4.31 50.54
C PHE A 426 13.13 -3.40 49.41
N SER A 427 12.18 -3.80 48.57
CA SER A 427 11.72 -2.94 47.48
C SER A 427 11.03 -1.70 48.01
N LYS A 428 10.26 -1.84 49.10
CA LYS A 428 9.62 -0.69 49.73
C LYS A 428 10.56 0.07 50.65
N GLU A 429 11.74 -0.47 50.94
CA GLU A 429 12.71 0.18 51.80
C GLU A 429 13.70 1.05 51.02
N ILE A 430 13.47 1.25 49.72
CA ILE A 430 14.38 2.09 48.93
C ILE A 430 14.20 3.55 49.31
N ALA A 431 12.98 3.97 49.67
CA ALA A 431 12.75 5.36 50.04
C ALA A 431 13.48 5.76 51.32
N HIS A 432 13.87 4.80 52.15
CA HIS A 432 14.61 5.11 53.36
C HIS A 432 16.01 5.60 53.02
N ASP A 433 16.41 6.71 53.63
CA ASP A 433 17.69 7.33 53.38
C ASP A 433 18.87 6.56 53.97
N HIS A 434 18.65 5.86 55.08
CA HIS A 434 19.73 5.13 55.75
C HIS A 434 19.51 3.64 55.59
N PHE A 435 20.60 2.89 55.69
CA PHE A 435 20.58 1.43 55.62
C PHE A 435 21.37 0.90 56.81
N ILE A 436 20.66 0.40 57.82
CA ILE A 436 21.30 -0.08 59.04
C ILE A 436 21.72 -1.54 58.86
N ILE A 437 22.99 -1.81 59.10
CA ILE A 437 23.53 -3.17 59.01
C ILE A 437 23.32 -3.85 60.35
N THR A 438 22.48 -4.89 60.38
CA THR A 438 22.17 -5.62 61.59
C THR A 438 22.85 -6.99 61.55
N GLU A 439 22.46 -7.86 62.48
CA GLU A 439 23.02 -9.20 62.59
C GLU A 439 22.09 -10.25 61.98
N ASN A 440 20.88 -10.38 62.51
CA ASN A 440 19.87 -11.30 61.97
C ASN A 440 18.49 -10.64 62.05
N GLU A 441 18.28 -9.62 61.21
CA GLU A 441 17.02 -8.88 61.15
C GLU A 441 16.70 -8.64 59.67
N GLY A 442 16.13 -9.66 59.03
CA GLY A 442 15.79 -9.57 57.62
C GLY A 442 16.43 -10.66 56.78
N LEU A 443 17.31 -10.27 55.87
CA LEU A 443 18.00 -11.21 54.99
C LEU A 443 19.49 -11.04 55.17
N PRO A 444 20.22 -12.05 55.66
CA PRO A 444 21.66 -11.88 55.88
C PRO A 444 22.42 -11.82 54.56
N ILE A 445 23.45 -10.97 54.53
CA ILE A 445 24.28 -10.82 53.35
C ILE A 445 25.71 -11.29 53.58
N GLY A 446 26.14 -11.44 54.82
CA GLY A 446 27.49 -11.89 55.12
C GLY A 446 27.51 -13.08 56.04
N PRO A 447 28.66 -13.31 56.70
CA PRO A 447 28.76 -14.43 57.63
C PRO A 447 27.82 -14.30 58.82
N ASN A 448 27.96 -13.20 59.57
CA ASN A 448 27.12 -12.94 60.73
C ASN A 448 26.56 -11.52 60.70
N ALA A 449 26.27 -11.01 59.50
CA ALA A 449 25.74 -9.68 59.31
C ALA A 449 24.42 -9.75 58.52
N CYS A 450 23.75 -8.61 58.45
CA CYS A 450 22.47 -8.51 57.75
C CYS A 450 22.33 -7.10 57.19
N LEU A 451 21.17 -6.80 56.61
CA LEU A 451 20.92 -5.49 56.05
C LEU A 451 19.41 -5.28 55.96
N LYS A 452 18.97 -4.09 56.35
CA LYS A 452 17.55 -3.74 56.29
C LYS A 452 17.44 -2.30 55.78
N GLY A 453 16.23 -1.75 55.83
CA GLY A 453 16.00 -0.41 55.35
C GLY A 453 15.04 0.38 56.22
N VAL A 454 15.58 1.28 57.04
CA VAL A 454 14.77 2.12 57.91
C VAL A 454 15.61 3.33 58.30
N ALA A 455 14.93 4.46 58.55
CA ALA A 455 15.63 5.68 58.91
C ALA A 455 14.65 6.60 59.65
N PHE A 456 15.18 7.73 60.12
CA PHE A 456 14.40 8.75 60.81
C PHE A 456 13.72 8.20 62.06
N GLU A 457 14.37 7.23 62.70
CA GLU A 457 13.84 6.67 63.94
C GLU A 457 14.95 5.98 64.74
N LYS A 458 15.87 5.32 64.05
CA LYS A 458 17.00 4.62 64.66
C LYS A 458 16.53 3.65 65.75
N LEU A 459 16.08 2.47 65.34
CA LEU A 459 15.58 1.48 66.30
C LEU A 459 16.71 0.78 67.06
N SER A 460 17.92 0.77 66.51
CA SER A 460 19.05 0.11 67.17
C SER A 460 20.37 0.69 66.70
N GLN A 461 20.61 0.63 65.38
CA GLN A 461 21.84 1.13 64.76
C GLN A 461 23.07 0.44 65.35
N GLU A 462 23.44 -0.71 64.77
CA GLU A 462 24.59 -1.46 65.25
C GLU A 462 25.89 -0.73 64.94
N SER A 463 26.42 -0.91 63.73
CA SER A 463 27.66 -0.27 63.33
C SER A 463 27.74 -0.25 61.81
N PHE A 464 28.52 0.69 61.29
CA PHE A 464 28.78 0.82 59.86
C PHE A 464 27.49 1.00 59.07
N SER A 465 27.00 2.23 58.96
CA SER A 465 25.82 2.52 58.19
C SER A 465 26.20 2.98 56.77
N ARG A 466 25.27 2.82 55.85
CA ARG A 466 25.49 3.16 54.45
C ARG A 466 24.28 3.91 53.91
N VAL A 467 24.55 4.95 53.11
CA VAL A 467 23.49 5.74 52.48
C VAL A 467 23.71 5.73 50.98
N TYR A 468 22.98 6.58 50.26
CA TYR A 468 23.07 6.67 48.81
C TYR A 468 23.10 8.13 48.39
N VAL A 469 23.91 8.41 47.35
CA VAL A 469 24.17 9.74 46.80
C VAL A 469 24.04 10.84 47.84
N LYS A 470 24.97 10.87 48.79
CA LYS A 470 25.02 11.89 49.84
C LYS A 470 26.27 12.72 49.64
N ASN A 471 26.12 13.88 49.01
CA ASN A 471 27.24 14.78 48.77
C ASN A 471 27.31 15.88 49.83
N ASP A 472 27.24 17.13 49.39
CA ASP A 472 27.29 18.26 50.32
C ASP A 472 25.89 18.66 50.76
N TYR A 473 25.71 19.94 51.10
CA TYR A 473 24.42 20.47 51.54
C TYR A 473 23.88 19.71 52.74
N LYS A 474 23.26 18.56 52.49
CA LYS A 474 22.69 17.73 53.55
C LYS A 474 23.83 17.01 54.27
N ALA A 475 24.23 17.54 55.42
CA ALA A 475 25.30 16.95 56.20
C ALA A 475 25.13 17.35 57.66
N GLY A 476 25.20 16.37 58.56
CA GLY A 476 25.04 16.63 59.97
C GLY A 476 25.78 15.62 60.84
N THR A 477 25.13 15.18 61.92
CA THR A 477 25.73 14.20 62.84
C THR A 477 25.15 12.81 62.55
N ILE A 478 25.61 12.24 61.45
CA ILE A 478 25.18 10.92 61.00
C ILE A 478 26.26 9.87 61.25
N LYS A 479 27.48 10.14 60.79
CA LYS A 479 28.61 9.23 60.97
C LYS A 479 28.32 7.86 60.37
N ALA A 480 28.52 7.73 59.05
CA ALA A 480 28.23 6.49 58.35
C ALA A 480 29.31 6.24 57.30
N THR A 481 29.80 5.00 57.23
CA THR A 481 30.79 4.62 56.22
C THR A 481 30.03 4.18 54.97
N HIS A 482 29.82 5.14 54.07
CA HIS A 482 29.04 4.92 52.86
C HIS A 482 29.90 5.14 51.62
N VAL A 483 29.30 4.86 50.46
CA VAL A 483 29.96 5.07 49.18
C VAL A 483 29.01 5.82 48.25
N PHE A 484 29.19 5.68 46.94
CA PHE A 484 28.36 6.33 45.95
C PHE A 484 27.78 5.30 45.00
N VAL A 485 26.47 5.39 44.75
CA VAL A 485 25.80 4.46 43.85
C VAL A 485 24.55 5.17 43.31
N GLY A 486 24.23 4.88 42.05
CA GLY A 486 23.07 5.51 41.43
C GLY A 486 21.77 4.87 41.88
N ASP A 487 20.73 5.70 41.99
CA ASP A 487 19.42 5.23 42.40
C ASP A 487 18.37 6.21 41.90
N TYR A 488 17.49 5.75 41.03
CA TYR A 488 16.45 6.61 40.47
C TYR A 488 15.31 5.73 39.98
N GLN A 489 14.09 5.99 40.45
CA GLN A 489 12.91 5.24 40.05
C GLN A 489 11.81 6.22 39.69
N CYS A 490 11.23 6.05 38.50
CA CYS A 490 10.17 6.92 38.03
C CYS A 490 8.83 6.52 38.63
N ASP A 491 8.10 5.63 37.93
CA ASP A 491 6.79 5.16 38.38
C ASP A 491 6.73 3.66 38.12
N GLU A 492 7.09 2.86 39.13
CA GLU A 492 7.07 1.40 39.04
C GLU A 492 7.92 0.90 37.88
N ILE A 493 7.66 -0.34 37.44
CA ILE A 493 8.40 -0.95 36.35
C ILE A 493 7.43 -1.50 35.32
N HIS A 494 6.39 -2.20 35.80
CA HIS A 494 5.42 -2.86 34.93
C HIS A 494 4.28 -1.94 34.52
N LYS A 495 4.55 -0.67 34.22
CA LYS A 495 3.48 0.22 33.79
C LYS A 495 3.96 1.30 32.82
N TYR A 496 5.15 1.15 32.23
CA TYR A 496 5.65 2.12 31.28
C TYR A 496 4.97 2.05 29.92
N ALA A 497 4.04 1.10 29.73
CA ALA A 497 3.35 1.01 28.45
C ALA A 497 2.37 2.16 28.26
N ALA A 498 1.79 2.66 29.35
CA ALA A 498 0.85 3.76 29.26
C ALA A 498 1.56 5.11 29.21
N LEU A 499 2.75 5.20 29.78
CA LEU A 499 3.49 6.46 29.77
C LEU A 499 4.10 6.76 28.40
N SER A 500 4.33 5.74 27.57
CA SER A 500 4.91 5.95 26.26
C SER A 500 3.92 6.56 25.28
N LYS A 501 2.61 6.35 25.49
CA LYS A 501 1.58 6.91 24.63
C LYS A 501 1.08 8.21 25.25
N ASN A 502 0.94 9.24 24.41
CA ASN A 502 0.48 10.54 24.88
C ASN A 502 -1.04 10.53 25.05
N GLU A 503 -1.60 11.68 25.41
CA GLU A 503 -3.03 11.80 25.59
C GLU A 503 -3.76 11.97 24.25
N ASP A 504 -3.12 12.59 23.27
CA ASP A 504 -3.77 12.81 21.98
C ASP A 504 -3.96 11.49 21.24
N GLY A 505 -2.85 10.83 20.90
CA GLY A 505 -2.93 9.57 20.18
C GLY A 505 -1.68 9.27 19.38
N LEU A 506 -0.53 9.25 20.06
CA LEU A 506 0.75 8.97 19.42
C LEU A 506 1.56 8.04 20.31
N GLY A 507 2.35 7.17 19.68
CA GLY A 507 3.18 6.22 20.39
C GLY A 507 2.54 4.84 20.49
N ILE A 508 3.33 3.91 21.03
CA ILE A 508 2.91 2.53 21.22
C ILE A 508 2.98 2.20 22.70
N LYS A 509 2.38 1.05 23.06
CA LYS A 509 2.37 0.58 24.44
C LYS A 509 3.49 -0.43 24.69
N ARG A 510 4.69 -0.10 24.24
CA ARG A 510 5.87 -0.95 24.39
C ARG A 510 6.94 -0.23 25.19
N LEU A 511 8.13 -0.81 25.23
CA LEU A 511 9.24 -0.24 25.98
C LEU A 511 10.54 -0.77 25.41
N ALA A 512 11.62 -0.01 25.61
CA ALA A 512 12.93 -0.37 25.11
C ALA A 512 13.90 -0.54 26.27
N VAL A 513 14.98 -1.27 26.02
CA VAL A 513 16.02 -1.54 27.00
C VAL A 513 17.37 -1.24 26.37
N VAL A 514 18.15 -0.40 27.02
CA VAL A 514 19.48 -0.04 26.55
C VAL A 514 20.51 -0.48 27.59
N ARG A 515 21.69 -0.88 27.11
CA ARG A 515 22.80 -1.32 27.96
C ARG A 515 24.06 -0.58 27.52
N LEU A 516 24.22 0.63 28.03
CA LEU A 516 25.40 1.44 27.72
C LEU A 516 26.59 0.89 28.47
N ASP A 517 27.63 0.50 27.73
CA ASP A 517 28.83 -0.10 28.31
C ASP A 517 30.07 0.56 27.72
N VAL A 518 31.09 0.75 28.56
CA VAL A 518 32.33 1.34 28.10
C VAL A 518 33.09 0.33 27.25
N ASP A 519 33.65 0.80 26.14
CA ASP A 519 34.34 -0.08 25.20
C ASP A 519 35.76 -0.39 25.66
N ASP A 520 36.71 0.46 25.31
CA ASP A 520 38.11 0.22 25.64
C ASP A 520 38.36 0.41 27.13
N LEU A 521 39.10 -0.53 27.74
CA LEU A 521 39.42 -0.46 29.15
C LEU A 521 40.85 -0.85 29.49
N GLY A 522 41.57 -1.55 28.60
CA GLY A 522 42.95 -1.88 28.89
C GLY A 522 43.88 -0.68 28.84
N ALA A 523 43.53 0.34 28.06
CA ALA A 523 44.31 1.55 27.98
C ALA A 523 43.95 2.51 29.11
N ALA A 524 44.77 3.54 29.28
CA ALA A 524 44.59 4.55 30.33
C ALA A 524 44.55 3.95 31.72
N PHE A 525 45.24 2.82 31.90
CA PHE A 525 45.28 2.14 33.19
C PHE A 525 46.51 1.24 33.28
N MET A 526 46.90 0.65 32.15
CA MET A 526 48.07 -0.21 32.08
C MET A 526 49.25 0.54 31.46
N ALA A 527 49.18 0.84 30.15
CA ALA A 527 50.26 1.57 29.48
C ALA A 527 49.65 2.30 28.28
N GLY A 528 49.27 3.55 28.51
CA GLY A 528 48.68 4.36 27.46
C GLY A 528 48.94 5.84 27.60
N PHE A 529 49.58 6.23 28.70
CA PHE A 529 49.90 7.63 28.98
C PHE A 529 51.27 8.03 28.44
N SER A 530 52.01 7.10 27.84
CA SER A 530 53.34 7.41 27.35
C SER A 530 53.28 8.25 26.08
N ARG A 531 54.00 9.36 26.06
CA ARG A 531 54.06 10.23 24.90
C ARG A 531 55.39 10.97 24.85
N GLN A 532 56.08 11.06 25.98
CA GLN A 532 57.34 11.76 26.08
C GLN A 532 58.30 10.98 26.96
N GLY A 533 59.57 10.96 26.57
CA GLY A 533 60.58 10.24 27.34
C GLY A 533 60.94 10.90 28.65
N ASN A 534 60.56 12.16 28.83
CA ASN A 534 60.86 12.88 30.07
C ASN A 534 60.04 12.31 31.22
N GLY A 535 58.74 12.53 31.20
CA GLY A 535 57.88 11.99 32.24
C GLY A 535 57.71 10.48 32.11
N GLN A 536 57.65 9.81 33.25
CA GLN A 536 57.52 8.36 33.24
C GLN A 536 56.12 7.92 32.84
N TYR A 537 55.10 8.67 33.25
CA TYR A 537 53.70 8.36 32.92
C TYR A 537 53.32 6.95 33.36
N SER A 538 53.91 6.47 34.46
CA SER A 538 53.63 5.15 34.99
C SER A 538 53.38 5.16 36.49
N THR A 539 53.17 6.33 37.10
CA THR A 539 52.91 6.40 38.52
C THR A 539 51.53 5.84 38.84
N LEU A 540 51.43 5.13 39.96
CA LEU A 540 50.15 4.56 40.37
C LEU A 540 49.10 5.64 40.60
N SER A 541 49.52 6.83 41.03
CA SER A 541 48.56 7.92 41.22
C SER A 541 47.99 8.39 39.89
N ARG A 542 48.80 8.37 38.83
CA ARG A 542 48.31 8.76 37.52
C ARG A 542 47.30 7.76 36.96
N SER A 543 47.45 6.49 37.32
CA SER A 543 46.51 5.46 36.89
C SER A 543 45.31 5.31 37.81
N ALA A 544 45.42 5.77 39.07
CA ALA A 544 44.30 5.66 39.99
C ALA A 544 43.28 6.77 39.78
N THR A 545 43.71 7.93 39.28
CA THR A 545 42.79 9.03 39.02
C THR A 545 41.91 8.80 37.80
N PHE A 546 42.23 7.80 36.97
CA PHE A 546 41.40 7.51 35.81
C PHE A 546 40.08 6.88 36.22
N SER A 547 40.10 5.95 37.18
CA SER A 547 38.87 5.31 37.63
C SER A 547 38.01 6.27 38.44
N ARG A 548 38.65 7.17 39.20
CA ARG A 548 37.89 8.12 40.01
C ARG A 548 37.24 9.20 39.16
N SER A 549 37.90 9.60 38.06
CA SER A 549 37.33 10.64 37.20
C SER A 549 36.13 10.14 36.41
N MET A 550 36.11 8.85 36.06
CA MET A 550 35.00 8.29 35.29
C MET A 550 33.90 7.74 36.19
N SER A 551 34.18 7.44 37.45
CA SER A 551 33.15 6.96 38.35
C SER A 551 32.14 8.04 38.69
N LEU A 552 32.56 9.31 38.67
CA LEU A 552 31.64 10.42 38.93
C LEU A 552 30.65 10.62 37.80
N PHE A 553 30.97 10.15 36.59
CA PHE A 553 30.09 10.34 35.44
C PHE A 553 29.17 9.14 35.20
N PHE A 554 29.62 7.94 35.54
CA PHE A 554 28.84 6.73 35.31
C PHE A 554 28.10 6.24 36.54
N LYS A 555 28.35 6.83 37.71
CA LYS A 555 27.68 6.41 38.94
C LYS A 555 27.03 7.54 39.71
N VAL A 556 27.34 8.80 39.40
CA VAL A 556 26.77 9.96 40.09
C VAL A 556 26.00 10.86 39.12
N TYR A 557 26.60 11.17 37.97
CA TYR A 557 25.97 12.02 36.99
C TYR A 557 24.83 11.35 36.24
N ILE A 558 24.64 10.04 36.42
CA ILE A 558 23.55 9.35 35.74
C ILE A 558 22.20 9.75 36.34
N ASN A 559 22.16 9.92 37.67
CA ASN A 559 20.91 10.29 38.32
C ASN A 559 20.51 11.72 37.95
N GLN A 560 21.49 12.61 37.75
CA GLN A 560 21.18 13.99 37.40
C GLN A 560 20.72 14.11 35.96
N PHE A 561 21.34 13.34 35.06
CA PHE A 561 20.99 13.42 33.65
C PHE A 561 19.70 12.69 33.30
N ALA A 562 19.27 11.75 34.14
CA ALA A 562 18.04 11.00 33.91
C ALA A 562 16.82 11.65 34.55
N SER A 563 16.94 12.89 35.01
CA SER A 563 15.81 13.57 35.62
C SER A 563 14.87 14.10 34.56
N ASP A 564 13.61 14.33 34.97
CA ASP A 564 12.56 14.84 34.08
C ASP A 564 12.36 13.92 32.87
N LYS A 565 12.46 12.61 33.10
CA LYS A 565 12.29 11.63 32.05
C LYS A 565 11.36 10.51 32.53
N LYS A 566 10.82 9.78 31.57
CA LYS A 566 9.91 8.67 31.86
C LYS A 566 10.64 7.34 31.89
N LEU A 567 11.76 7.29 32.61
CA LEU A 567 12.56 6.07 32.71
C LEU A 567 13.15 5.98 34.11
N SER A 568 13.78 4.84 34.39
CA SER A 568 14.40 4.61 35.69
C SER A 568 15.68 3.81 35.47
N ILE A 569 16.81 4.37 35.91
CA ILE A 569 18.09 3.69 35.77
C ILE A 569 18.20 2.60 36.82
N ILE A 570 18.79 1.46 36.43
CA ILE A 570 19.00 0.33 37.32
C ILE A 570 20.43 -0.15 37.14
N TYR A 571 21.11 -0.38 38.26
CA TYR A 571 22.52 -0.81 38.27
C TYR A 571 23.39 0.20 37.52
N ALA A 572 23.60 1.34 38.19
CA ALA A 572 24.39 2.44 37.65
C ALA A 572 25.83 2.28 38.12
N GLY A 573 26.60 1.48 37.38
CA GLY A 573 27.98 1.23 37.69
C GLY A 573 28.92 1.82 36.64
N GLY A 574 30.21 1.64 36.90
CA GLY A 574 31.25 2.13 36.01
C GLY A 574 31.52 1.29 34.80
N ASP A 575 30.77 0.21 34.59
CA ASP A 575 30.97 -0.66 33.44
C ASP A 575 29.73 -0.69 32.56
N ASP A 576 28.79 -1.57 32.90
CA ASP A 576 27.54 -1.72 32.15
C ASP A 576 26.36 -1.26 33.00
N VAL A 577 25.40 -0.59 32.36
CA VAL A 577 24.22 -0.10 33.05
C VAL A 577 22.99 -0.87 32.55
N PHE A 578 21.82 -0.51 33.08
CA PHE A 578 20.57 -1.17 32.69
C PHE A 578 19.44 -0.17 32.86
N ALA A 579 19.18 0.59 31.80
CA ALA A 579 18.13 1.60 31.79
C ALA A 579 16.89 1.03 31.11
N ILE A 580 15.80 0.94 31.86
CA ILE A 580 14.54 0.40 31.37
C ILE A 580 13.46 1.47 31.51
N GLY A 581 12.50 1.43 30.61
CA GLY A 581 11.41 2.39 30.62
C GLY A 581 10.89 2.61 29.21
N SER A 582 10.08 3.65 29.07
CA SER A 582 9.51 3.98 27.77
C SER A 582 10.59 4.54 26.85
N TRP A 583 10.48 4.20 25.56
CA TRP A 583 11.46 4.64 24.58
C TRP A 583 11.28 6.09 24.16
N GLN A 584 10.31 6.80 24.73
CA GLN A 584 10.13 8.21 24.40
C GLN A 584 11.26 9.06 24.98
N ASP A 585 11.93 8.59 26.03
CA ASP A 585 13.03 9.31 26.66
C ASP A 585 14.34 8.55 26.67
N ILE A 586 14.32 7.24 26.43
CA ILE A 586 15.57 6.47 26.41
C ILE A 586 16.39 6.82 25.18
N ILE A 587 15.73 7.00 24.03
CA ILE A 587 16.44 7.36 22.80
C ILE A 587 17.08 8.74 22.96
N ALA A 588 16.37 9.67 23.61
CA ALA A 588 16.90 11.00 23.85
C ALA A 588 17.90 11.05 25.00
N PHE A 589 18.12 9.93 25.69
CA PHE A 589 19.08 9.87 26.79
C PHE A 589 20.36 9.11 26.42
N THR A 590 20.25 8.11 25.54
CA THR A 590 21.44 7.35 25.15
C THR A 590 22.36 8.19 24.27
N VAL A 591 21.80 8.88 23.27
CA VAL A 591 22.61 9.71 22.39
C VAL A 591 23.08 10.97 23.10
N GLU A 592 22.37 11.41 24.15
CA GLU A 592 22.76 12.60 24.90
C GLU A 592 23.84 12.31 25.94
N LEU A 593 23.83 11.13 26.54
CA LEU A 593 24.83 10.79 27.55
C LEU A 593 26.22 10.67 26.94
N ARG A 594 26.31 10.23 25.69
CA ARG A 594 27.62 10.12 25.04
C ARG A 594 28.20 11.49 24.71
N GLN A 595 27.34 12.47 24.45
CA GLN A 595 27.84 13.81 24.14
C GLN A 595 28.53 14.44 25.34
N ASN A 596 28.03 14.17 26.55
CA ASN A 596 28.67 14.68 27.75
C ASN A 596 29.95 13.92 28.07
N PHE A 597 30.10 12.70 27.56
CA PHE A 597 31.31 11.92 27.81
C PHE A 597 32.44 12.31 26.86
N ILE A 598 32.11 12.79 25.66
CA ILE A 598 33.16 13.21 24.73
C ILE A 598 33.82 14.50 25.19
N LYS A 599 33.01 15.46 25.67
CA LYS A 599 33.57 16.70 26.18
C LYS A 599 34.37 16.47 27.47
N TRP A 600 33.99 15.47 28.26
CA TRP A 600 34.71 15.17 29.49
C TRP A 600 36.03 14.44 29.21
N THR A 601 36.14 13.79 28.05
CA THR A 601 37.35 13.05 27.69
C THR A 601 38.06 13.65 26.48
N ASN A 602 37.59 14.79 25.99
CA ASN A 602 38.19 15.48 24.84
C ASN A 602 38.22 14.58 23.60
N GLY A 603 37.23 13.70 23.47
CA GLY A 603 37.15 12.82 22.32
C GLY A 603 38.28 11.82 22.22
N LYS A 604 38.60 11.12 23.30
CA LYS A 604 39.67 10.14 23.32
C LYS A 604 39.21 8.74 23.70
N LEU A 605 37.96 8.58 24.11
CA LEU A 605 37.42 7.28 24.50
C LEU A 605 36.10 7.07 23.78
N THR A 606 36.00 5.99 23.01
CA THR A 606 34.80 5.68 22.28
C THR A 606 33.73 5.10 23.20
N LEU A 607 32.51 4.98 22.68
CA LEU A 607 31.39 4.47 23.44
C LEU A 607 30.44 3.74 22.50
N SER A 608 29.86 2.65 22.98
CA SER A 608 28.94 1.84 22.20
C SER A 608 27.83 1.31 23.10
N ALA A 609 26.67 1.09 22.51
CA ALA A 609 25.51 0.59 23.25
C ALA A 609 24.54 -0.12 22.32
N GLY A 610 23.24 0.02 22.59
CA GLY A 610 22.22 -0.60 21.76
C GLY A 610 20.83 -0.47 22.34
N ILE A 611 19.91 0.07 21.54
CA ILE A 611 18.53 0.28 21.97
C ILE A 611 17.64 -0.74 21.26
N GLY A 612 16.87 -1.50 22.03
CA GLY A 612 15.99 -2.50 21.46
C GLY A 612 14.64 -2.57 22.16
N LEU A 613 13.56 -2.40 21.40
CA LEU A 613 12.22 -2.46 21.96
C LEU A 613 11.76 -3.90 22.15
N PHE A 614 10.81 -4.09 23.06
CA PHE A 614 10.25 -5.39 23.36
C PHE A 614 8.75 -5.24 23.59
N ALA A 615 8.10 -6.37 23.91
CA ALA A 615 6.67 -6.38 24.13
C ALA A 615 6.37 -6.22 25.63
N ASP A 616 5.09 -6.14 25.96
CA ASP A 616 4.65 -5.98 27.33
C ASP A 616 4.39 -7.34 27.96
N LYS A 617 4.65 -7.44 29.27
CA LYS A 617 4.49 -8.69 30.03
C LYS A 617 5.31 -9.81 29.41
N THR A 618 6.63 -9.60 29.39
CA THR A 618 7.58 -10.53 28.82
C THR A 618 8.61 -10.94 29.85
N PRO A 619 9.16 -12.15 29.75
CA PRO A 619 10.19 -12.57 30.71
C PRO A 619 11.46 -11.74 30.55
N ILE A 620 11.98 -11.25 31.69
CA ILE A 620 13.13 -10.37 31.67
C ILE A 620 14.41 -11.11 31.30
N SER A 621 14.40 -12.44 31.39
CA SER A 621 15.59 -13.22 31.06
C SER A 621 16.00 -13.00 29.60
N LEU A 622 15.13 -13.36 28.66
CA LEU A 622 15.42 -13.14 27.25
C LEU A 622 15.29 -11.67 26.87
N MET A 623 14.55 -10.88 27.65
CA MET A 623 14.44 -9.45 27.37
C MET A 623 15.75 -8.73 27.60
N ALA A 624 16.54 -9.16 28.58
CA ALA A 624 17.85 -8.59 28.84
C ALA A 624 18.97 -9.33 28.13
N HIS A 625 18.71 -10.50 27.57
CA HIS A 625 19.72 -11.27 26.85
C HIS A 625 19.76 -10.93 25.37
N GLN A 626 18.59 -10.67 24.76
CA GLN A 626 18.56 -10.31 23.35
C GLN A 626 19.16 -8.94 23.12
N THR A 627 18.97 -8.01 24.06
CA THR A 627 19.58 -6.70 23.94
C THR A 627 21.08 -6.73 24.21
N GLY A 628 21.58 -7.81 24.83
CA GLY A 628 23.02 -7.92 25.05
C GLY A 628 23.75 -8.52 23.88
N GLU A 629 23.06 -9.30 23.04
CA GLU A 629 23.70 -9.87 21.86
C GLU A 629 24.03 -8.79 20.83
N LEU A 630 23.27 -7.70 20.82
CA LEU A 630 23.56 -6.60 19.91
C LEU A 630 24.83 -5.85 20.30
N GLU A 631 25.26 -5.96 21.56
CA GLU A 631 26.50 -5.32 21.97
C GLU A 631 27.71 -6.00 21.34
N GLU A 632 27.74 -7.33 21.37
CA GLU A 632 28.84 -8.06 20.74
C GLU A 632 28.76 -7.99 19.22
N ALA A 633 27.54 -7.88 18.67
CA ALA A 633 27.40 -7.77 17.22
C ALA A 633 27.79 -6.40 16.70
N ALA A 634 27.84 -5.39 17.57
CA ALA A 634 28.24 -4.05 17.20
C ALA A 634 29.74 -3.83 17.28
N LYS A 635 30.54 -4.90 17.23
CA LYS A 635 31.98 -4.80 17.28
C LYS A 635 32.67 -5.58 16.16
N GLY A 636 31.92 -6.04 15.15
CA GLY A 636 32.52 -6.77 14.06
C GLY A 636 33.33 -5.88 13.13
N ASN A 637 32.92 -4.62 12.97
CA ASN A 637 33.66 -3.71 12.11
C ASN A 637 34.98 -3.31 12.75
N GLU A 638 34.93 -2.59 13.86
CA GLU A 638 36.14 -2.17 14.58
C GLU A 638 35.83 -1.95 16.05
N LYS A 639 35.62 -0.69 16.43
CA LYS A 639 35.31 -0.35 17.83
C LYS A 639 34.27 0.74 17.99
N ASP A 640 34.24 1.75 17.12
CA ASP A 640 33.28 2.85 17.25
C ASP A 640 32.09 2.60 16.33
N SER A 641 31.33 1.57 16.67
CA SER A 641 30.14 1.19 15.93
C SER A 641 28.92 1.24 16.86
N ILE A 642 27.76 0.88 16.32
CA ILE A 642 26.52 0.92 17.09
C ILE A 642 25.56 -0.10 16.48
N SER A 643 24.66 -0.61 17.30
CA SER A 643 23.61 -1.54 16.87
C SER A 643 22.27 -0.96 17.26
N LEU A 644 21.42 -0.70 16.26
CA LEU A 644 20.13 -0.08 16.51
C LEU A 644 19.10 -1.09 17.00
N PHE A 645 17.93 -1.12 16.36
CA PHE A 645 16.87 -2.02 16.79
C PHE A 645 17.18 -3.47 16.46
N SER A 646 17.92 -3.71 15.39
CA SER A 646 18.29 -5.06 14.96
C SER A 646 19.80 -5.13 14.74
N SER A 647 20.26 -6.32 14.35
CA SER A 647 21.68 -6.55 14.10
C SER A 647 22.10 -6.13 12.69
N ASP A 648 21.17 -5.70 11.85
CA ASP A 648 21.51 -5.27 10.50
C ASP A 648 21.92 -3.81 10.42
N TYR A 649 21.41 -2.97 11.32
CA TYR A 649 21.73 -1.54 11.33
C TYR A 649 23.06 -1.35 12.05
N THR A 650 24.14 -1.60 11.32
CA THR A 650 25.50 -1.46 11.84
C THR A 650 26.09 -0.15 11.30
N PHE A 651 26.11 0.88 12.14
CA PHE A 651 26.62 2.18 11.72
C PHE A 651 27.85 2.56 12.53
N LYS A 652 28.09 3.86 12.70
CA LYS A 652 29.22 4.36 13.47
C LYS A 652 28.78 5.28 14.60
N PHE A 653 27.49 5.30 14.92
CA PHE A 653 26.92 6.10 16.00
C PHE A 653 27.09 7.60 15.77
N ASP A 654 28.31 8.03 15.46
CA ASP A 654 28.56 9.45 15.18
C ASP A 654 27.80 9.93 13.96
N ARG A 655 27.50 9.02 13.04
CA ARG A 655 26.73 9.35 11.84
C ARG A 655 25.22 9.40 12.10
N PHE A 656 24.80 9.24 13.35
CA PHE A 656 23.38 9.30 13.71
C PHE A 656 22.95 10.69 14.16
N ILE A 657 23.62 11.22 15.19
CA ILE A 657 23.26 12.54 15.70
C ILE A 657 23.70 13.65 14.76
N THR A 658 24.67 13.38 13.88
CA THR A 658 25.17 14.38 12.95
C THR A 658 24.55 14.29 11.56
N ASN A 659 23.78 13.24 11.28
CA ASN A 659 23.16 13.07 9.97
C ASN A 659 21.72 12.59 10.09
N VAL A 660 21.52 11.44 10.74
CA VAL A 660 20.18 10.88 10.85
C VAL A 660 19.32 11.71 11.79
N TYR A 661 19.79 11.89 13.03
CA TYR A 661 19.04 12.68 14.00
C TYR A 661 19.13 14.18 13.73
N ASP A 662 20.09 14.60 12.90
CA ASP A 662 20.26 16.02 12.59
C ASP A 662 19.34 16.46 11.46
N ASP A 663 19.78 16.28 10.22
CA ASP A 663 19.02 16.72 9.07
C ASP A 663 18.44 15.55 8.28
N LYS A 664 17.67 14.69 8.96
CA LYS A 664 17.03 13.56 8.31
C LYS A 664 15.75 13.17 9.03
N LEU A 665 15.88 12.76 10.30
CA LEU A 665 14.70 12.42 11.08
C LEU A 665 13.92 13.66 11.51
N GLU A 666 14.62 14.75 11.81
CA GLU A 666 13.95 15.98 12.20
C GLU A 666 13.27 16.67 11.02
N GLN A 667 13.84 16.54 9.81
CA GLN A 667 13.28 17.20 8.65
C GLN A 667 11.90 16.66 8.30
N ILE A 668 11.65 15.39 8.58
CA ILE A 668 10.36 14.80 8.23
C ILE A 668 9.27 15.30 9.18
N ARG A 669 9.64 15.69 10.41
CA ARG A 669 8.64 16.08 11.39
C ARG A 669 7.94 17.39 11.05
N TYR A 670 8.53 18.23 10.19
CA TYR A 670 7.89 19.47 9.79
C TYR A 670 7.73 19.61 8.28
N PHE A 671 8.15 18.61 7.49
CA PHE A 671 7.95 18.63 6.04
C PHE A 671 7.09 17.47 5.58
N PHE A 672 6.31 16.86 6.47
CA PHE A 672 5.45 15.75 6.11
C PHE A 672 4.30 15.62 7.12
N ASN A 673 4.38 16.38 8.21
CA ASN A 673 3.33 16.30 9.23
C ASN A 673 2.00 16.85 8.72
N HIS A 674 2.04 17.73 7.72
CA HIS A 674 0.81 18.29 7.17
C HIS A 674 -0.02 17.26 6.43
N GLN A 675 0.60 16.17 5.96
CA GLN A 675 -0.09 15.11 5.25
C GLN A 675 -0.40 13.99 6.22
N ASP A 676 -1.70 13.71 6.41
CA ASP A 676 -2.15 12.67 7.32
C ASP A 676 -3.15 11.77 6.62
N GLU A 677 -3.32 10.57 7.18
CA GLU A 677 -4.25 9.56 6.66
C GLU A 677 -3.93 9.21 5.22
N ARG A 678 -4.39 10.04 4.27
CA ARG A 678 -4.14 9.75 2.86
C ARG A 678 -2.66 9.90 2.51
N GLY A 679 -1.97 10.86 3.14
CA GLY A 679 -0.56 11.06 2.87
C GLY A 679 0.34 10.00 3.46
N LYS A 680 -0.14 9.24 4.44
CA LYS A 680 0.63 8.20 5.08
C LYS A 680 0.44 6.83 4.44
N ASN A 681 0.33 6.77 3.12
CA ASN A 681 0.17 5.52 2.39
C ASN A 681 1.31 5.26 1.42
N PHE A 682 2.50 5.79 1.70
CA PHE A 682 3.66 5.59 0.84
C PHE A 682 4.94 5.25 1.58
N ILE A 683 5.00 5.47 2.90
CA ILE A 683 6.22 5.14 3.64
C ILE A 683 6.38 3.64 3.79
N TYR A 684 5.27 2.91 3.94
CA TYR A 684 5.34 1.47 4.15
C TYR A 684 5.91 0.73 2.94
N LYS A 685 5.80 1.30 1.75
CA LYS A 685 6.33 0.65 0.55
C LYS A 685 7.76 1.07 0.24
N LEU A 686 8.13 2.32 0.54
CA LEU A 686 9.49 2.78 0.28
C LEU A 686 10.51 2.05 1.14
N ILE A 687 10.10 1.56 2.31
CA ILE A 687 11.01 0.80 3.15
C ILE A 687 11.32 -0.56 2.52
N GLU A 688 10.32 -1.18 1.89
CA GLU A 688 10.55 -2.47 1.25
C GLU A 688 11.48 -2.35 0.05
N LEU A 689 11.44 -1.21 -0.64
CA LEU A 689 12.33 -1.01 -1.79
C LEU A 689 13.78 -0.85 -1.35
N LEU A 690 14.02 -0.31 -0.15
CA LEU A 690 15.38 -0.12 0.33
C LEU A 690 16.05 -1.43 0.72
N ARG A 691 15.28 -2.48 0.99
CA ARG A 691 15.85 -3.78 1.35
C ARG A 691 16.15 -4.63 0.13
N ASN A 692 15.24 -4.68 -0.83
CA ASN A 692 15.41 -5.46 -2.05
C ASN A 692 16.32 -4.69 -3.00
N TYR A 693 17.62 -4.77 -2.75
CA TYR A 693 18.61 -4.10 -3.59
C TYR A 693 19.66 -5.02 -4.20
N GLU A 694 19.96 -6.16 -3.59
CA GLU A 694 20.97 -7.05 -4.15
C GLU A 694 20.46 -7.75 -5.40
N SER A 695 19.31 -8.45 -5.28
CA SER A 695 18.75 -9.15 -6.43
C SER A 695 18.15 -8.17 -7.44
N GLU A 696 17.54 -7.09 -6.96
CA GLU A 696 16.93 -6.07 -7.81
C GLU A 696 17.74 -4.80 -7.64
N GLU A 697 18.72 -4.60 -8.53
CA GLU A 697 19.61 -3.45 -8.45
C GLU A 697 19.14 -2.32 -9.37
N LYS A 698 19.35 -2.48 -10.68
CA LYS A 698 18.98 -1.44 -11.63
C LYS A 698 17.47 -1.34 -11.79
N MET A 699 16.76 -2.45 -11.66
CA MET A 699 15.30 -2.42 -11.79
C MET A 699 14.64 -1.67 -10.65
N ASN A 700 15.23 -1.73 -9.45
CA ASN A 700 14.65 -1.01 -8.32
C ASN A 700 14.85 0.50 -8.44
N VAL A 701 15.89 0.93 -9.16
CA VAL A 701 16.12 2.36 -9.34
C VAL A 701 15.03 2.97 -10.23
N ALA A 702 14.61 2.24 -11.25
CA ALA A 702 13.57 2.75 -12.14
C ALA A 702 12.23 2.86 -11.45
N ARG A 703 11.95 1.97 -10.49
CA ARG A 703 10.68 2.02 -9.77
C ARG A 703 10.65 3.14 -8.74
N LEU A 704 11.80 3.65 -8.32
CA LEU A 704 11.82 4.73 -7.34
C LEU A 704 11.32 6.04 -7.93
N ALA A 705 11.49 6.24 -9.23
CA ALA A 705 11.05 7.48 -9.86
C ALA A 705 9.53 7.59 -9.95
N TYR A 706 8.82 6.47 -9.77
CA TYR A 706 7.36 6.50 -9.84
C TYR A 706 6.71 6.86 -8.50
N TYR A 707 7.31 6.42 -7.39
CA TYR A 707 6.73 6.73 -6.08
C TYR A 707 6.94 8.19 -5.72
N LEU A 708 7.96 8.84 -6.29
CA LEU A 708 8.21 10.25 -6.00
C LEU A 708 7.20 11.17 -6.67
N THR A 709 6.45 10.67 -7.65
CA THR A 709 5.46 11.49 -8.35
C THR A 709 4.04 11.22 -7.88
N ARG A 710 3.80 10.09 -7.22
CA ARG A 710 2.45 9.79 -6.74
C ARG A 710 2.08 10.64 -5.55
N LEU A 711 3.05 11.02 -4.71
CA LEU A 711 2.77 11.84 -3.55
C LEU A 711 2.56 13.30 -3.91
N GLU A 712 3.27 13.80 -4.91
CA GLU A 712 3.13 15.19 -5.31
C GLU A 712 1.83 15.45 -6.06
N GLU A 713 1.33 14.46 -6.82
CA GLU A 713 0.10 14.66 -7.57
C GLU A 713 -1.14 14.47 -6.71
N LEU A 714 -1.07 13.62 -5.68
CA LEU A 714 -2.20 13.35 -4.80
C LEU A 714 -2.19 14.22 -3.55
N THR A 715 -2.26 15.54 -3.71
CA THR A 715 -2.28 16.47 -2.59
C THR A 715 -2.91 17.78 -3.05
N ASP A 716 -2.94 18.76 -2.15
CA ASP A 716 -3.49 20.06 -2.48
C ASP A 716 -2.52 20.86 -3.34
N LYS A 717 -3.08 21.77 -4.14
CA LYS A 717 -2.24 22.60 -5.00
C LYS A 717 -1.43 23.60 -4.18
N ASP A 718 -2.04 24.21 -3.17
CA ASP A 718 -1.32 25.17 -2.34
C ASP A 718 -0.30 24.49 -1.45
N GLU A 719 -0.51 23.21 -1.12
CA GLU A 719 0.42 22.47 -0.28
C GLU A 719 1.67 22.03 -1.02
N ARG A 720 1.68 22.13 -2.36
CA ARG A 720 2.83 21.69 -3.14
C ARG A 720 4.07 22.52 -2.86
N ASP A 721 3.91 23.75 -2.37
CA ASP A 721 5.07 24.59 -2.10
C ASP A 721 5.94 24.01 -1.00
N LYS A 722 5.34 23.27 -0.05
CA LYS A 722 6.13 22.65 1.01
C LYS A 722 6.92 21.46 0.48
N PHE A 723 6.33 20.68 -0.41
CA PHE A 723 7.01 19.52 -0.99
C PHE A 723 7.71 19.96 -2.27
N LYS A 724 8.93 20.45 -2.10
CA LYS A 724 9.75 20.92 -3.21
C LYS A 724 11.20 20.44 -3.18
N GLN A 725 11.72 20.04 -2.03
CA GLN A 725 13.10 19.56 -1.92
C GLN A 725 13.21 18.15 -1.38
N PHE A 726 12.13 17.57 -0.85
CA PHE A 726 12.20 16.21 -0.32
C PHE A 726 12.34 15.17 -1.43
N LYS A 727 11.90 15.49 -2.65
CA LYS A 727 12.02 14.52 -3.74
C LYS A 727 13.47 14.36 -4.18
N LYS A 728 14.23 15.46 -4.21
CA LYS A 728 15.62 15.38 -4.64
C LYS A 728 16.52 14.81 -3.55
N LEU A 729 16.22 15.13 -2.28
CA LEU A 729 17.04 14.63 -1.18
C LEU A 729 16.81 13.14 -0.96
N PHE A 730 15.61 12.64 -1.24
CA PHE A 730 15.34 11.23 -1.06
C PHE A 730 15.94 10.38 -2.18
N PHE A 731 15.98 10.93 -3.40
CA PHE A 731 16.56 10.18 -4.51
C PHE A 731 18.08 10.16 -4.45
N LYS A 732 18.71 11.21 -3.93
CA LYS A 732 20.16 11.23 -3.82
C LYS A 732 20.66 10.28 -2.74
N TRP A 733 19.86 10.06 -1.70
CA TRP A 733 20.25 9.17 -0.61
C TRP A 733 20.11 7.70 -0.97
N TYR A 734 19.68 7.38 -2.20
CA TYR A 734 19.52 5.99 -2.63
C TYR A 734 20.65 5.52 -3.54
N THR A 735 21.25 6.41 -4.31
CA THR A 735 22.34 6.08 -5.22
C THR A 735 23.53 6.97 -4.89
N ASN A 736 24.26 6.59 -3.83
CA ASN A 736 25.43 7.35 -3.41
C ASN A 736 26.40 6.47 -2.63
N ASN A 737 25.88 5.65 -1.72
CA ASN A 737 26.73 4.79 -0.90
C ASN A 737 25.87 3.67 -0.34
N GLU A 738 26.49 2.50 -0.15
CA GLU A 738 25.78 1.36 0.41
C GLU A 738 25.40 1.60 1.87
N SER A 739 26.28 2.25 2.64
CA SER A 739 25.96 2.53 4.03
C SER A 739 24.93 3.65 4.16
N ASP A 740 24.83 4.51 3.15
CA ASP A 740 23.84 5.58 3.19
C ASP A 740 22.43 5.07 2.92
N ARG A 741 22.31 3.95 2.21
CA ARG A 741 21.00 3.39 1.94
C ARG A 741 20.33 2.86 3.20
N LYS A 742 21.12 2.40 4.18
CA LYS A 742 20.57 1.90 5.42
C LYS A 742 20.15 3.03 6.37
N GLU A 743 20.60 4.26 6.12
CA GLU A 743 20.21 5.37 6.99
C GLU A 743 18.77 5.79 6.75
N ALA A 744 18.26 5.59 5.54
CA ALA A 744 16.88 5.94 5.24
C ALA A 744 15.89 4.97 5.88
N GLU A 745 16.32 3.73 6.12
CA GLU A 745 15.45 2.75 6.76
C GLU A 745 15.22 3.08 8.23
N LEU A 746 16.19 3.75 8.87
CA LEU A 746 16.04 4.10 10.28
C LEU A 746 15.20 5.36 10.46
N ALA A 747 15.29 6.30 9.53
CA ALA A 747 14.51 7.52 9.63
C ALA A 747 13.03 7.26 9.36
N LEU A 748 12.73 6.39 8.40
CA LEU A 748 11.34 6.07 8.09
C LEU A 748 10.71 5.17 9.14
N LEU A 749 11.51 4.47 9.93
CA LEU A 749 10.95 3.61 10.98
C LEU A 749 10.63 4.40 12.24
N LEU A 750 11.47 5.37 12.58
CA LEU A 750 11.22 6.18 13.78
C LEU A 750 10.05 7.13 13.58
N TYR A 751 9.74 7.48 12.33
CA TYR A 751 8.62 8.37 12.07
C TYR A 751 7.28 7.66 12.22
N VAL A 752 7.22 6.39 11.83
CA VAL A 752 5.97 5.63 11.97
C VAL A 752 5.67 5.35 13.44
N TYR A 753 6.70 5.04 14.22
CA TYR A 753 6.52 4.77 15.64
C TYR A 753 6.16 6.03 16.42
N GLU A 754 6.44 7.21 15.87
CA GLU A 754 6.10 8.46 16.53
C GLU A 754 4.59 8.65 16.60
N ILE A 755 3.97 8.96 15.47
CA ILE A 755 2.53 9.20 15.39
C ILE A 755 1.89 8.01 14.70
N ARG A 756 1.01 7.32 15.42
CA ARG A 756 0.31 6.15 14.89
C ARG A 756 -0.85 5.80 15.82
N LYS A 757 -1.59 4.77 15.44
CA LYS A 757 -2.73 4.27 16.22
C LYS A 757 -3.78 5.35 16.48
N LYS B 12 18.38 -3.19 -20.86
CA LYS B 12 16.95 -3.11 -20.57
C LYS B 12 16.61 -1.81 -19.87
N ALA B 13 17.03 -1.69 -18.61
CA ALA B 13 16.78 -0.49 -17.81
C ALA B 13 17.87 0.55 -17.95
N GLU B 14 18.97 0.24 -18.62
CA GLU B 14 20.06 1.19 -18.80
C GLU B 14 19.83 2.14 -19.97
N ARG B 15 19.34 1.62 -21.10
CA ARG B 15 19.07 2.43 -22.27
C ARG B 15 17.75 3.18 -22.19
N ALA B 16 17.02 3.07 -21.10
CA ALA B 16 15.74 3.74 -20.94
C ALA B 16 15.83 5.02 -20.13
N ILE B 17 17.02 5.37 -19.63
CA ILE B 17 17.18 6.60 -18.85
C ILE B 17 17.79 7.73 -19.69
N SER B 18 18.49 7.39 -20.77
CA SER B 18 19.11 8.39 -21.62
C SER B 18 18.37 8.60 -22.93
N LEU B 19 17.69 7.59 -23.45
CA LEU B 19 16.96 7.73 -24.71
C LEU B 19 15.68 8.54 -24.53
N LEU B 20 15.03 8.42 -23.36
CA LEU B 20 13.80 9.17 -23.14
C LEU B 20 14.06 10.66 -22.94
N GLU B 21 15.21 11.00 -22.34
CA GLU B 21 15.53 12.41 -22.12
C GLU B 21 15.88 13.11 -23.43
N LYS B 22 16.53 12.40 -24.35
CA LYS B 22 16.90 12.98 -25.64
C LYS B 22 15.68 13.18 -26.52
N ASP B 23 15.11 14.39 -26.48
CA ASP B 23 13.94 14.71 -27.29
C ASP B 23 14.18 15.95 -28.14
N ASN B 24 13.21 16.87 -28.15
CA ASN B 24 13.35 18.09 -28.94
C ASN B 24 12.91 19.30 -28.11
N LYS B 25 11.68 19.77 -28.34
CA LYS B 25 11.16 20.91 -27.62
C LYS B 25 10.81 20.53 -26.19
N GLY B 26 11.12 21.42 -25.25
CA GLY B 26 10.84 21.18 -23.86
C GLY B 26 9.34 21.21 -23.56
N ASN B 27 9.03 21.01 -22.27
CA ASN B 27 7.66 20.96 -21.77
C ASN B 27 6.86 19.85 -22.46
N TYR B 28 6.80 18.68 -21.84
CA TYR B 28 6.11 17.54 -22.40
C TYR B 28 4.62 17.82 -22.58
N LEU B 29 4.18 17.95 -23.82
CA LEU B 29 2.76 18.20 -24.08
C LEU B 29 1.90 16.98 -23.80
N LEU B 30 2.43 15.79 -24.06
CA LEU B 30 1.68 14.56 -23.80
C LEU B 30 1.68 14.26 -22.30
N THR B 31 0.49 14.05 -21.75
CA THR B 31 0.31 13.74 -20.34
C THR B 31 -0.05 12.27 -20.18
N THR B 32 -0.28 11.87 -18.92
CA THR B 32 -0.67 10.51 -18.60
C THR B 32 -2.15 10.24 -18.81
N SER B 33 -2.90 11.20 -19.34
CA SER B 33 -4.33 11.03 -19.55
C SER B 33 -4.67 10.52 -20.95
N GLN B 34 -3.91 10.93 -21.96
CA GLN B 34 -4.16 10.52 -23.33
C GLN B 34 -3.53 9.18 -23.68
N ILE B 35 -2.90 8.49 -22.72
CA ILE B 35 -2.24 7.22 -22.96
C ILE B 35 -2.79 6.18 -21.99
N ARG B 36 -4.09 6.25 -21.70
CA ARG B 36 -4.75 5.35 -20.76
C ARG B 36 -5.40 4.16 -21.45
N LYS B 37 -4.69 3.52 -22.37
CA LYS B 37 -5.19 2.31 -23.02
C LYS B 37 -4.04 1.39 -23.42
N LEU B 38 -3.10 1.92 -24.20
CA LEU B 38 -1.94 1.13 -24.62
C LEU B 38 -1.07 0.73 -23.44
N LEU B 39 -1.12 1.48 -22.34
CA LEU B 39 -0.36 1.11 -21.15
C LEU B 39 -1.10 0.12 -20.25
N SER B 40 -2.41 -0.05 -20.45
CA SER B 40 -3.20 -0.99 -19.67
C SER B 40 -3.41 -2.32 -20.38
N LEU B 41 -3.39 -2.33 -21.71
CA LEU B 41 -3.57 -3.58 -22.45
C LEU B 41 -2.35 -4.48 -22.32
N CYS B 42 -1.15 -3.90 -22.15
CA CYS B 42 0.04 -4.72 -21.95
C CYS B 42 0.04 -5.38 -20.59
N SER B 43 -0.60 -4.77 -19.59
CA SER B 43 -0.71 -5.39 -18.28
C SER B 43 -1.72 -6.53 -18.28
N SER B 44 -2.68 -6.51 -19.21
CA SER B 44 -3.65 -7.58 -19.32
C SER B 44 -3.09 -8.82 -20.02
N LEU B 45 -1.85 -8.75 -20.51
CA LEU B 45 -1.20 -9.89 -21.16
C LEU B 45 -0.16 -10.56 -20.26
N TYR B 46 0.46 -9.81 -19.36
CA TYR B 46 1.47 -10.39 -18.47
C TYR B 46 0.83 -11.36 -17.48
N ASP B 47 -0.37 -11.04 -16.99
CA ASP B 47 -1.04 -11.92 -16.04
C ASP B 47 -1.63 -13.16 -16.72
N ARG B 48 -1.97 -13.06 -18.01
CA ARG B 48 -2.51 -14.20 -18.74
C ARG B 48 -1.43 -15.10 -19.31
N SER B 49 -0.19 -14.60 -19.44
CA SER B 49 0.89 -15.42 -19.97
C SER B 49 1.41 -16.41 -18.94
N LYS B 50 1.26 -16.12 -17.65
CA LYS B 50 1.71 -17.03 -16.60
C LYS B 50 0.69 -18.09 -16.24
N GLU B 51 -0.56 -17.95 -16.70
CA GLU B 51 -1.60 -18.92 -16.40
C GLU B 51 -1.70 -19.99 -17.49
N ARG B 52 -1.69 -19.58 -18.75
CA ARG B 52 -1.77 -20.48 -19.88
C ARG B 52 -0.47 -20.45 -20.68
N LYS B 53 -0.47 -21.12 -21.82
CA LYS B 53 0.71 -21.20 -22.66
C LYS B 53 0.75 -19.99 -23.61
N PHE B 54 1.79 -19.95 -24.45
CA PHE B 54 1.95 -18.86 -25.40
C PHE B 54 1.26 -19.13 -26.73
N ASP B 55 1.04 -20.39 -27.08
CA ASP B 55 0.40 -20.72 -28.34
C ASP B 55 -1.10 -20.41 -28.33
N GLU B 56 -1.68 -20.16 -27.16
CA GLU B 56 -3.09 -19.83 -27.06
C GLU B 56 -3.35 -18.33 -27.16
N LEU B 57 -2.44 -17.50 -26.67
CA LEU B 57 -2.58 -16.05 -26.70
C LEU B 57 -2.06 -15.44 -28.00
N ILE B 58 -2.22 -16.13 -29.14
CA ILE B 58 -1.75 -15.60 -30.41
C ILE B 58 -2.68 -14.53 -30.96
N ASN B 59 -3.92 -14.45 -30.45
CA ASN B 59 -4.85 -13.43 -30.94
C ASN B 59 -4.66 -12.10 -30.24
N ASP B 60 -4.20 -12.11 -28.99
CA ASP B 60 -3.99 -10.87 -28.25
C ASP B 60 -2.74 -10.15 -28.71
N VAL B 61 -1.73 -10.88 -29.20
CA VAL B 61 -0.49 -10.26 -29.66
C VAL B 61 -0.74 -9.46 -30.93
N SER B 62 -1.59 -9.98 -31.82
CA SER B 62 -1.87 -9.27 -33.07
C SER B 62 -2.64 -7.99 -32.81
N TYR B 63 -3.61 -8.02 -31.89
CA TYR B 63 -4.39 -6.83 -31.58
C TYR B 63 -3.60 -5.82 -30.76
N LEU B 64 -2.62 -6.27 -29.97
CA LEU B 64 -1.84 -5.34 -29.16
C LEU B 64 -0.91 -4.49 -30.03
N ARG B 65 -0.44 -5.03 -31.15
CA ARG B 65 0.44 -4.27 -32.04
C ARG B 65 -0.31 -3.18 -32.79
N VAL B 66 -1.60 -3.38 -33.06
CA VAL B 66 -2.37 -2.40 -33.81
C VAL B 66 -2.55 -1.11 -33.01
N GLN B 67 -2.61 -1.22 -31.68
CA GLN B 67 -2.83 -0.04 -30.85
C GLN B 67 -1.67 0.95 -30.94
N PHE B 68 -0.44 0.45 -31.13
CA PHE B 68 0.70 1.35 -31.23
C PHE B 68 0.72 2.08 -32.57
N VAL B 69 0.36 1.38 -33.65
CA VAL B 69 0.36 2.01 -34.97
C VAL B 69 -0.81 2.96 -35.14
N TYR B 70 -1.95 2.65 -34.51
CA TYR B 70 -3.13 3.51 -34.63
C TYR B 70 -2.92 4.85 -33.95
N GLN B 71 -2.09 4.90 -32.91
CA GLN B 71 -1.83 6.15 -32.19
C GLN B 71 -0.72 6.97 -32.82
N ALA B 72 0.05 6.40 -33.75
CA ALA B 72 1.14 7.11 -34.39
C ALA B 72 0.68 7.99 -35.55
N GLY B 73 -0.63 8.08 -35.79
CA GLY B 73 -1.13 8.90 -36.88
C GLY B 73 -2.13 9.94 -36.42
N ARG B 74 -2.56 9.84 -35.15
CA ARG B 74 -3.52 10.77 -34.58
C ARG B 74 -2.89 11.81 -33.67
N GLU B 75 -1.62 11.66 -33.32
CA GLU B 75 -0.94 12.61 -32.45
C GLU B 75 0.55 12.62 -32.77
N ILE B 76 1.13 13.81 -32.80
CA ILE B 76 2.56 13.94 -33.09
C ILE B 76 3.41 13.49 -31.91
N ALA B 77 2.84 13.42 -30.71
CA ALA B 77 3.58 13.01 -29.53
C ALA B 77 3.77 11.51 -29.44
N VAL B 78 3.35 10.75 -30.45
CA VAL B 78 3.51 9.31 -30.44
C VAL B 78 4.55 8.85 -31.47
N LYS B 79 4.63 9.48 -32.63
CA LYS B 79 5.60 9.07 -33.64
C LYS B 79 7.03 9.28 -33.16
N ASP B 80 7.26 10.33 -32.38
CA ASP B 80 8.60 10.60 -31.87
C ASP B 80 9.00 9.65 -30.75
N LEU B 81 8.07 8.87 -30.22
CA LEU B 81 8.37 7.94 -29.14
C LEU B 81 8.56 6.51 -29.64
N ILE B 82 7.86 6.12 -30.70
CA ILE B 82 7.98 4.76 -31.22
C ILE B 82 9.26 4.59 -32.03
N GLU B 83 9.60 5.59 -32.85
CA GLU B 83 10.79 5.48 -33.69
C GLU B 83 12.08 5.54 -32.87
N LYS B 84 12.05 6.22 -31.72
CA LYS B 84 13.24 6.34 -30.89
C LYS B 84 13.41 5.13 -29.97
N ALA B 85 12.34 4.76 -29.26
CA ALA B 85 12.40 3.63 -28.35
C ALA B 85 12.32 2.27 -29.04
N GLN B 86 12.07 2.26 -30.36
CA GLN B 86 11.95 1.02 -31.14
C GLN B 86 10.88 0.10 -30.56
N ILE B 87 9.65 0.62 -30.53
CA ILE B 87 8.53 -0.16 -30.00
C ILE B 87 8.11 -1.24 -30.99
N LEU B 88 8.05 -0.89 -32.28
CA LEU B 88 7.65 -1.87 -33.29
C LEU B 88 8.70 -2.95 -33.50
N GLU B 89 9.97 -2.67 -33.20
CA GLU B 89 11.02 -3.66 -33.37
C GLU B 89 10.96 -4.74 -32.29
N ALA B 90 10.63 -4.35 -31.06
CA ALA B 90 10.55 -5.31 -29.97
C ALA B 90 9.33 -6.22 -30.09
N LEU B 91 8.30 -5.80 -30.80
CA LEU B 91 7.09 -6.60 -30.96
C LEU B 91 7.28 -7.76 -31.95
N LYS B 92 8.37 -7.78 -32.70
CA LYS B 92 8.64 -8.85 -33.64
C LYS B 92 9.68 -9.84 -33.12
N GLU B 93 10.62 -9.40 -32.29
CA GLU B 93 11.64 -10.31 -31.77
C GLU B 93 11.04 -11.27 -30.75
N ILE B 94 9.96 -10.88 -30.07
CA ILE B 94 9.34 -11.75 -29.08
C ILE B 94 8.73 -12.96 -29.76
N LYS B 95 8.83 -14.11 -29.10
CA LYS B 95 8.30 -15.36 -29.64
C LYS B 95 8.15 -16.41 -28.56
N ASP B 96 8.76 -16.16 -27.40
CA ASP B 96 8.72 -17.08 -26.28
C ASP B 96 8.01 -16.44 -25.10
N ARG B 97 7.60 -17.29 -24.15
CA ARG B 97 6.90 -16.80 -22.96
C ARG B 97 7.82 -15.94 -22.10
N GLU B 98 9.10 -16.33 -21.99
CA GLU B 98 10.04 -15.55 -21.19
C GLU B 98 10.39 -14.24 -21.88
N THR B 99 10.46 -14.23 -23.21
CA THR B 99 10.78 -13.00 -23.93
C THR B 99 9.62 -12.02 -23.89
N LEU B 100 8.38 -12.52 -23.93
CA LEU B 100 7.22 -11.63 -23.87
C LEU B 100 7.12 -10.91 -22.53
N GLN B 101 7.52 -11.57 -21.44
CA GLN B 101 7.48 -10.93 -20.13
C GLN B 101 8.50 -9.80 -20.00
N ARG B 102 9.55 -9.81 -20.82
CA ARG B 102 10.55 -8.74 -20.76
C ARG B 102 10.00 -7.45 -21.36
N PHE B 103 9.16 -7.54 -22.39
CA PHE B 103 8.59 -6.35 -22.99
C PHE B 103 7.59 -5.66 -22.07
N CYS B 104 6.94 -6.43 -21.19
CA CYS B 104 5.99 -5.82 -20.26
C CYS B 104 6.71 -5.02 -19.19
N ARG B 105 7.91 -5.45 -18.80
CA ARG B 105 8.68 -4.71 -17.80
C ARG B 105 9.40 -3.52 -18.42
N TYR B 106 9.72 -3.59 -19.71
CA TYR B 106 10.39 -2.46 -20.36
C TYR B 106 9.44 -1.30 -20.58
N MET B 107 8.14 -1.56 -20.75
CA MET B 107 7.18 -0.49 -20.94
C MET B 107 6.95 0.29 -19.66
N GLU B 108 6.97 -0.37 -18.51
CA GLU B 108 6.77 0.30 -17.24
C GLU B 108 7.95 1.19 -16.86
N ALA B 109 9.14 0.91 -17.41
CA ALA B 109 10.30 1.74 -17.11
C ALA B 109 10.23 3.10 -17.80
N LEU B 110 9.65 3.15 -19.01
CA LEU B 110 9.53 4.40 -19.74
C LEU B 110 8.44 5.30 -19.18
N VAL B 111 7.59 4.79 -18.29
CA VAL B 111 6.52 5.59 -17.70
C VAL B 111 6.99 6.30 -16.43
N ALA B 112 7.83 5.63 -15.64
CA ALA B 112 8.31 6.24 -14.39
C ALA B 112 9.22 7.42 -14.67
N TYR B 113 10.16 7.28 -15.61
CA TYR B 113 11.06 8.37 -15.93
C TYR B 113 10.35 9.48 -16.69
N PHE B 114 9.21 9.19 -17.33
CA PHE B 114 8.48 10.22 -18.05
C PHE B 114 7.80 11.21 -17.10
N LYS B 115 7.45 10.76 -15.90
CA LYS B 115 6.82 11.62 -14.91
C LYS B 115 7.81 12.28 -13.97
N PHE B 116 9.05 11.78 -13.90
CA PHE B 116 10.04 12.38 -13.01
C PHE B 116 10.56 13.69 -13.58
N TYR B 117 10.89 13.72 -14.86
CA TYR B 117 11.39 14.95 -15.48
C TYR B 117 10.26 15.93 -15.79
N GLY B 118 9.05 15.43 -16.01
CA GLY B 118 7.93 16.29 -16.32
C GLY B 118 6.63 15.81 -15.72
N GLY B 119 5.71 15.37 -16.57
CA GLY B 119 4.42 14.87 -16.11
C GLY B 119 3.34 14.93 -17.18
N LYS C 12 -29.31 -14.28 -53.23
CA LYS C 12 -29.44 -12.87 -52.91
C LYS C 12 -28.23 -12.09 -53.42
N ALA C 13 -27.07 -12.32 -52.80
CA ALA C 13 -25.84 -11.64 -53.20
C ALA C 13 -24.89 -12.54 -53.99
N GLU C 14 -25.04 -13.86 -53.90
CA GLU C 14 -24.15 -14.76 -54.63
C GLU C 14 -24.54 -14.85 -56.11
N ARG C 15 -25.83 -14.91 -56.40
CA ARG C 15 -26.31 -15.00 -57.77
C ARG C 15 -26.39 -13.64 -58.47
N ALA C 16 -26.08 -12.56 -57.77
CA ALA C 16 -26.13 -11.22 -58.34
C ALA C 16 -24.81 -10.79 -58.96
N ILE C 17 -23.75 -11.58 -58.81
CA ILE C 17 -22.46 -11.21 -59.37
C ILE C 17 -22.21 -11.86 -60.74
N SER C 18 -22.93 -12.93 -61.06
CA SER C 18 -22.77 -13.61 -62.34
C SER C 18 -23.89 -13.31 -63.33
N LEU C 19 -25.11 -13.08 -62.84
CA LEU C 19 -26.23 -12.80 -63.74
C LEU C 19 -26.15 -11.40 -64.33
N LEU C 20 -25.66 -10.43 -63.56
CA LEU C 20 -25.56 -9.07 -64.06
C LEU C 20 -24.42 -8.92 -65.07
N GLU C 21 -23.35 -9.70 -64.91
CA GLU C 21 -22.23 -9.61 -65.84
C GLU C 21 -22.59 -10.19 -67.21
N LYS C 22 -23.42 -11.23 -67.22
CA LYS C 22 -23.83 -11.86 -68.48
C LYS C 22 -24.80 -10.94 -69.21
N ASP C 23 -24.26 -10.14 -70.13
CA ASP C 23 -25.08 -9.22 -70.91
C ASP C 23 -24.87 -9.44 -72.40
N ASN C 24 -24.74 -8.36 -73.17
CA ASN C 24 -24.54 -8.45 -74.60
C ASN C 24 -23.42 -7.52 -75.05
N LYS C 25 -23.78 -6.34 -75.54
CA LYS C 25 -22.79 -5.37 -76.00
C LYS C 25 -22.14 -4.68 -74.81
N GLY C 26 -20.83 -4.46 -74.91
CA GLY C 26 -20.10 -3.81 -73.86
C GLY C 26 -20.44 -2.33 -73.74
N ASN C 27 -19.79 -1.67 -72.78
CA ASN C 27 -19.98 -0.26 -72.48
C ASN C 27 -21.43 0.01 -72.08
N TYR C 28 -21.70 0.02 -70.78
CA TYR C 28 -23.05 0.24 -70.28
C TYR C 28 -23.57 1.61 -70.67
N LEU C 29 -24.56 1.65 -71.56
CA LEU C 29 -25.12 2.93 -71.99
C LEU C 29 -26.01 3.54 -70.92
N LEU C 30 -26.68 2.71 -70.12
CA LEU C 30 -27.55 3.21 -69.05
C LEU C 30 -26.71 3.72 -67.89
N THR C 31 -26.79 5.01 -67.62
CA THR C 31 -26.05 5.64 -66.53
C THR C 31 -26.88 5.59 -65.25
N THR C 32 -26.29 6.09 -64.17
CA THR C 32 -26.96 6.13 -62.87
C THR C 32 -27.89 7.32 -62.72
N SER C 33 -28.06 8.14 -63.76
CA SER C 33 -28.92 9.31 -63.69
C SER C 33 -30.33 9.05 -64.18
N GLN C 34 -30.51 8.15 -65.13
CA GLN C 34 -31.83 7.82 -65.66
C GLN C 34 -32.57 6.78 -64.83
N ILE C 35 -31.99 6.33 -63.72
CA ILE C 35 -32.62 5.32 -62.87
C ILE C 35 -32.80 5.89 -61.46
N ARG C 36 -33.01 7.21 -61.37
CA ARG C 36 -33.15 7.89 -60.09
C ARG C 36 -34.60 8.02 -59.64
N LYS C 37 -35.45 7.04 -59.94
CA LYS C 37 -36.83 7.06 -59.48
C LYS C 37 -37.23 5.70 -58.91
N LEU C 38 -37.00 4.63 -59.66
CA LEU C 38 -37.34 3.30 -59.18
C LEU C 38 -36.49 2.88 -57.99
N LEU C 39 -35.32 3.50 -57.80
CA LEU C 39 -34.49 3.21 -56.65
C LEU C 39 -34.93 3.96 -55.40
N SER C 40 -35.65 5.08 -55.56
CA SER C 40 -36.16 5.83 -54.42
C SER C 40 -37.54 5.36 -53.98
N LEU C 41 -38.33 4.79 -54.90
CA LEU C 41 -39.65 4.30 -54.53
C LEU C 41 -39.55 3.02 -53.71
N CYS C 42 -38.60 2.14 -54.05
CA CYS C 42 -38.42 0.93 -53.28
C CYS C 42 -37.83 1.22 -51.90
N SER C 43 -37.02 2.28 -51.78
CA SER C 43 -36.48 2.66 -50.48
C SER C 43 -37.55 3.31 -49.61
N SER C 44 -38.59 3.89 -50.23
CA SER C 44 -39.69 4.49 -49.48
C SER C 44 -40.66 3.46 -48.94
N LEU C 45 -40.49 2.18 -49.26
CA LEU C 45 -41.34 1.12 -48.75
C LEU C 45 -40.68 0.29 -47.66
N TYR C 46 -39.36 0.14 -47.70
CA TYR C 46 -38.67 -0.62 -46.67
C TYR C 46 -38.70 0.09 -45.32
N ASP C 47 -38.62 1.42 -45.32
CA ASP C 47 -38.66 2.17 -44.08
C ASP C 47 -40.06 2.28 -43.50
N ARG C 48 -41.09 2.25 -44.35
CA ARG C 48 -42.47 2.32 -43.88
C ARG C 48 -43.02 0.95 -43.51
N SER C 49 -42.36 -0.13 -43.89
CA SER C 49 -42.84 -1.47 -43.55
C SER C 49 -42.54 -1.83 -42.10
N LYS C 50 -41.52 -1.23 -41.50
CA LYS C 50 -41.16 -1.51 -40.12
C LYS C 50 -41.96 -0.69 -39.12
N GLU C 51 -42.64 0.36 -39.56
CA GLU C 51 -43.44 1.21 -38.68
C GLU C 51 -44.88 0.72 -38.56
N ARG C 52 -45.51 0.40 -39.69
CA ARG C 52 -46.88 -0.08 -39.72
C ARG C 52 -46.91 -1.52 -40.20
N LYS C 53 -48.12 -2.06 -40.38
CA LYS C 53 -48.31 -3.43 -40.81
C LYS C 53 -48.22 -3.53 -42.33
N PHE C 54 -48.32 -4.75 -42.85
CA PHE C 54 -48.27 -4.98 -44.29
C PHE C 54 -49.62 -4.84 -44.96
N ASP C 55 -50.72 -5.03 -44.21
CA ASP C 55 -52.05 -4.92 -44.79
C ASP C 55 -52.46 -3.48 -45.07
N GLU C 56 -51.70 -2.50 -44.58
CA GLU C 56 -52.02 -1.10 -44.82
C GLU C 56 -51.33 -0.56 -46.07
N LEU C 57 -50.12 -1.02 -46.37
CA LEU C 57 -49.36 -0.57 -47.54
C LEU C 57 -49.69 -1.38 -48.79
N ILE C 58 -50.97 -1.69 -49.01
CA ILE C 58 -51.35 -2.45 -50.19
C ILE C 58 -51.45 -1.57 -51.43
N ASN C 59 -51.51 -0.25 -51.27
CA ASN C 59 -51.60 0.64 -52.42
C ASN C 59 -50.23 0.98 -52.99
N ASP C 60 -49.19 0.98 -52.15
CA ASP C 60 -47.85 1.29 -52.62
C ASP C 60 -47.24 0.12 -53.41
N VAL C 61 -47.63 -1.11 -53.09
CA VAL C 61 -47.10 -2.27 -53.80
C VAL C 61 -47.65 -2.31 -55.22
N SER C 62 -48.94 -2.00 -55.39
CA SER C 62 -49.53 -2.02 -56.72
C SER C 62 -48.97 -0.90 -57.59
N TYR C 63 -48.69 0.27 -57.00
CA TYR C 63 -48.14 1.37 -57.77
C TYR C 63 -46.67 1.13 -58.10
N LEU C 64 -45.96 0.35 -57.28
CA LEU C 64 -44.56 0.07 -57.52
C LEU C 64 -44.36 -0.88 -58.70
N ARG C 65 -45.30 -1.81 -58.90
CA ARG C 65 -45.16 -2.76 -60.00
C ARG C 65 -45.37 -2.09 -61.36
N VAL C 66 -46.21 -1.05 -61.41
CA VAL C 66 -46.48 -0.39 -62.68
C VAL C 66 -45.26 0.37 -63.17
N GLN C 67 -44.40 0.82 -62.25
CA GLN C 67 -43.22 1.58 -62.65
C GLN C 67 -42.25 0.74 -63.47
N PHE C 68 -42.19 -0.57 -63.22
CA PHE C 68 -41.32 -1.43 -64.00
C PHE C 68 -41.88 -1.71 -65.39
N VAL C 69 -43.17 -1.44 -65.59
CA VAL C 69 -43.78 -1.69 -66.89
C VAL C 69 -43.65 -0.46 -67.79
N TYR C 70 -43.84 0.73 -67.23
CA TYR C 70 -43.75 1.96 -68.02
C TYR C 70 -42.31 2.24 -68.43
N GLN C 71 -41.35 1.96 -67.54
CA GLN C 71 -39.95 2.19 -67.87
C GLN C 71 -39.41 1.18 -68.89
N ALA C 72 -40.06 0.03 -69.03
CA ALA C 72 -39.62 -0.99 -69.97
C ALA C 72 -40.23 -0.81 -71.35
N GLY C 73 -40.98 0.26 -71.58
CA GLY C 73 -41.58 0.52 -72.88
C GLY C 73 -41.07 1.78 -73.54
N ARG C 74 -40.07 2.41 -72.93
CA ARG C 74 -39.49 3.63 -73.45
C ARG C 74 -37.98 3.56 -73.66
N GLU C 75 -37.31 2.61 -73.03
CA GLU C 75 -35.86 2.46 -73.17
C GLU C 75 -35.52 0.98 -73.29
N ILE C 76 -34.62 0.66 -74.22
CA ILE C 76 -34.22 -0.72 -74.43
C ILE C 76 -33.31 -1.22 -73.31
N ALA C 77 -32.72 -0.33 -72.53
CA ALA C 77 -31.84 -0.70 -71.44
C ALA C 77 -32.58 -1.09 -70.16
N VAL C 78 -33.90 -1.29 -70.24
CA VAL C 78 -34.70 -1.68 -69.09
C VAL C 78 -35.29 -3.07 -69.27
N LYS C 79 -35.76 -3.40 -70.47
CA LYS C 79 -36.35 -4.72 -70.70
C LYS C 79 -35.31 -5.82 -70.59
N ASP C 80 -34.07 -5.55 -71.01
CA ASP C 80 -33.03 -6.57 -70.94
C ASP C 80 -32.61 -6.89 -69.52
N LEU C 81 -32.91 -6.02 -68.55
CA LEU C 81 -32.56 -6.25 -67.17
C LEU C 81 -33.68 -6.90 -66.37
N ILE C 82 -34.93 -6.63 -66.72
CA ILE C 82 -36.05 -7.20 -66.00
C ILE C 82 -36.23 -8.68 -66.34
N GLU C 83 -36.07 -9.04 -67.61
CA GLU C 83 -36.26 -10.42 -68.02
C GLU C 83 -35.15 -11.33 -67.50
N LYS C 84 -33.95 -10.78 -67.29
CA LYS C 84 -32.82 -11.58 -66.80
C LYS C 84 -32.82 -11.69 -65.27
N ALA C 85 -33.03 -10.58 -64.57
CA ALA C 85 -33.02 -10.59 -63.11
C ALA C 85 -34.35 -11.05 -62.52
N GLN C 86 -35.36 -11.28 -63.35
CA GLN C 86 -36.69 -11.72 -62.90
C GLN C 86 -37.27 -10.75 -61.87
N ILE C 87 -37.42 -9.50 -62.31
CA ILE C 87 -37.97 -8.47 -61.44
C ILE C 87 -39.47 -8.62 -61.28
N LEU C 88 -40.18 -8.92 -62.37
CA LEU C 88 -41.63 -9.09 -62.31
C LEU C 88 -42.03 -10.35 -61.56
N GLU C 89 -41.16 -11.36 -61.52
CA GLU C 89 -41.50 -12.60 -60.82
C GLU C 89 -41.40 -12.44 -59.31
N ALA C 90 -40.43 -11.67 -58.82
CA ALA C 90 -40.28 -11.47 -57.38
C ALA C 90 -41.38 -10.59 -56.80
N LEU C 91 -42.03 -9.77 -57.62
CA LEU C 91 -43.10 -8.91 -57.14
C LEU C 91 -44.38 -9.66 -56.83
N LYS C 92 -44.51 -10.91 -57.28
CA LYS C 92 -45.70 -11.71 -57.00
C LYS C 92 -45.49 -12.70 -55.86
N GLU C 93 -44.27 -13.19 -55.66
CA GLU C 93 -44.02 -14.15 -54.58
C GLU C 93 -44.11 -13.49 -53.22
N ILE C 94 -43.82 -12.19 -53.14
CA ILE C 94 -43.87 -11.49 -51.86
C ILE C 94 -45.31 -11.42 -51.37
N LYS C 95 -45.48 -11.54 -50.05
CA LYS C 95 -46.80 -11.51 -49.44
C LYS C 95 -46.71 -11.23 -47.95
N ASP C 96 -45.51 -11.37 -47.39
CA ASP C 96 -45.27 -11.18 -45.97
C ASP C 96 -44.34 -9.98 -45.77
N ARG C 97 -44.33 -9.48 -44.52
CA ARG C 97 -43.46 -8.34 -44.20
C ARG C 97 -41.99 -8.72 -44.28
N GLU C 98 -41.64 -9.94 -43.83
CA GLU C 98 -40.25 -10.38 -43.91
C GLU C 98 -39.83 -10.66 -45.34
N THR C 99 -40.75 -11.15 -46.18
CA THR C 99 -40.42 -11.40 -47.58
C THR C 99 -40.26 -10.11 -48.36
N LEU C 100 -41.05 -9.08 -48.03
CA LEU C 100 -40.93 -7.80 -48.72
C LEU C 100 -39.59 -7.14 -48.43
N GLN C 101 -39.05 -7.31 -47.23
CA GLN C 101 -37.76 -6.72 -46.88
C GLN C 101 -36.61 -7.37 -47.65
N ARG C 102 -36.79 -8.60 -48.12
CA ARG C 102 -35.74 -9.27 -48.88
C ARG C 102 -35.60 -8.68 -50.29
N PHE C 103 -36.73 -8.29 -50.90
CA PHE C 103 -36.67 -7.70 -52.23
C PHE C 103 -36.04 -6.32 -52.21
N CYS C 104 -36.18 -5.59 -51.10
CA CYS C 104 -35.57 -4.27 -51.00
C CYS C 104 -34.05 -4.36 -50.92
N ARG C 105 -33.54 -5.40 -50.24
CA ARG C 105 -32.10 -5.59 -50.16
C ARG C 105 -31.52 -6.15 -51.44
N TYR C 106 -32.31 -6.87 -52.23
CA TYR C 106 -31.82 -7.41 -53.49
C TYR C 106 -31.66 -6.32 -54.55
N MET C 107 -32.48 -5.26 -54.47
CA MET C 107 -32.36 -4.18 -55.43
C MET C 107 -31.08 -3.37 -55.21
N GLU C 108 -30.66 -3.23 -53.95
CA GLU C 108 -29.42 -2.49 -53.67
C GLU C 108 -28.19 -3.26 -54.13
N ALA C 109 -28.29 -4.59 -54.23
CA ALA C 109 -27.16 -5.38 -54.68
C ALA C 109 -26.91 -5.23 -56.17
N LEU C 110 -27.98 -5.04 -56.96
CA LEU C 110 -27.82 -4.87 -58.40
C LEU C 110 -27.23 -3.51 -58.76
N VAL C 111 -27.27 -2.55 -57.84
CA VAL C 111 -26.71 -1.23 -58.10
C VAL C 111 -25.22 -1.19 -57.81
N ALA C 112 -24.77 -1.90 -56.76
CA ALA C 112 -23.35 -1.90 -56.42
C ALA C 112 -22.53 -2.59 -57.49
N TYR C 113 -22.96 -3.78 -57.91
CA TYR C 113 -22.23 -4.51 -58.94
C TYR C 113 -22.38 -3.91 -60.33
N PHE C 114 -23.32 -2.98 -60.52
CA PHE C 114 -23.47 -2.33 -61.81
C PHE C 114 -22.34 -1.36 -62.08
N LYS C 115 -21.92 -0.61 -61.07
CA LYS C 115 -20.82 0.34 -61.18
C LYS C 115 -19.46 -0.29 -60.89
N PHE C 116 -19.43 -1.57 -60.53
CA PHE C 116 -18.17 -2.23 -60.25
C PHE C 116 -17.38 -2.50 -61.52
N TYR C 117 -18.06 -2.78 -62.63
CA TYR C 117 -17.40 -3.06 -63.90
C TYR C 117 -17.36 -1.85 -64.83
N GLY C 118 -18.30 -0.92 -64.70
CA GLY C 118 -18.32 0.26 -65.55
C GLY C 118 -18.81 1.50 -64.84
N GLY C 119 -20.03 1.91 -65.13
CA GLY C 119 -20.61 3.09 -64.52
C GLY C 119 -21.81 3.64 -65.27
N THR D 2 -28.83 50.58 -38.76
CA THR D 2 -27.93 49.56 -38.23
C THR D 2 -28.23 48.20 -38.84
N PHE D 3 -29.47 47.74 -38.69
CA PHE D 3 -29.91 46.45 -39.22
C PHE D 3 -31.36 46.59 -39.67
N ALA D 4 -31.57 46.66 -40.98
CA ALA D 4 -32.89 46.80 -41.56
C ALA D 4 -33.21 45.59 -42.43
N LYS D 5 -34.51 45.41 -42.71
CA LYS D 5 -35.00 44.31 -43.53
C LYS D 5 -35.84 44.89 -44.65
N ILE D 6 -35.35 44.75 -45.89
CA ILE D 6 -36.04 45.25 -47.07
C ILE D 6 -36.60 44.06 -47.84
N LYS D 7 -37.91 44.06 -48.06
CA LYS D 7 -38.59 42.99 -48.77
C LYS D 7 -39.19 43.56 -50.06
N PHE D 8 -38.71 43.07 -51.20
CA PHE D 8 -39.19 43.52 -52.51
C PHE D 8 -40.34 42.61 -52.92
N SER D 9 -41.55 42.95 -52.47
CA SER D 9 -42.74 42.19 -52.79
C SER D 9 -43.28 42.65 -54.14
N ALA D 10 -43.47 41.70 -55.05
CA ALA D 10 -43.98 42.00 -56.39
C ALA D 10 -44.74 40.80 -56.92
N GLN D 11 -45.39 40.99 -58.07
CA GLN D 11 -46.17 39.95 -58.73
C GLN D 11 -45.63 39.77 -60.13
N ILE D 12 -44.95 38.64 -60.37
CA ILE D 12 -44.37 38.35 -61.67
C ILE D 12 -45.50 37.88 -62.60
N ARG D 13 -45.77 38.67 -63.63
CA ARG D 13 -46.81 38.35 -64.61
C ARG D 13 -46.17 37.76 -65.86
N LEU D 14 -46.62 36.58 -66.25
CA LEU D 14 -46.08 35.89 -67.42
C LEU D 14 -46.95 36.19 -68.64
N GLU D 15 -46.36 36.85 -69.62
CA GLU D 15 -47.05 37.15 -70.87
C GLU D 15 -46.85 36.09 -71.94
N THR D 16 -45.90 35.17 -71.74
CA THR D 16 -45.64 34.11 -72.70
C THR D 16 -45.24 32.85 -71.93
N GLY D 17 -45.81 31.71 -72.33
CA GLY D 17 -45.52 30.45 -71.67
C GLY D 17 -44.07 30.03 -71.77
N LEU D 18 -43.46 29.72 -70.65
CA LEU D 18 -42.06 29.30 -70.58
C LEU D 18 -41.98 27.78 -70.55
N HIS D 19 -40.76 27.27 -70.40
CA HIS D 19 -40.55 25.82 -70.36
C HIS D 19 -39.27 25.56 -69.56
N ILE D 20 -39.43 25.09 -68.33
CA ILE D 20 -38.32 24.78 -67.43
C ILE D 20 -38.44 23.31 -67.03
N GLY D 21 -37.37 22.55 -67.26
CA GLY D 21 -37.39 21.14 -66.92
C GLY D 21 -37.33 20.93 -65.41
N GLY D 22 -38.02 19.90 -64.95
CA GLY D 22 -38.07 19.59 -63.53
C GLY D 22 -37.36 18.30 -63.17
N SER D 23 -37.99 17.50 -62.32
CA SER D 23 -37.39 16.24 -61.88
C SER D 23 -37.61 15.15 -62.93
N ASP D 24 -38.56 14.26 -62.68
CA ASP D 24 -38.85 13.16 -63.59
C ASP D 24 -39.97 13.54 -64.56
N ALA D 25 -40.16 12.70 -65.57
CA ALA D 25 -41.18 12.94 -66.59
C ALA D 25 -42.46 12.18 -66.22
N PHE D 26 -43.09 12.66 -65.14
CA PHE D 26 -44.32 12.05 -64.66
C PHE D 26 -45.32 13.08 -64.14
N ALA D 27 -45.33 14.29 -64.70
CA ALA D 27 -46.31 15.28 -64.29
C ALA D 27 -47.70 14.98 -64.83
N ALA D 28 -47.80 14.21 -65.90
CA ALA D 28 -49.09 13.83 -66.48
C ALA D 28 -48.96 12.46 -67.12
N ILE D 29 -49.94 12.10 -67.93
CA ILE D 29 -49.96 10.82 -68.63
C ILE D 29 -49.65 10.99 -70.12
N GLY D 30 -49.05 12.12 -70.50
CA GLY D 30 -48.73 12.35 -71.90
C GLY D 30 -47.41 13.05 -72.10
N ALA D 31 -46.41 12.68 -71.32
CA ALA D 31 -45.08 13.26 -71.40
C ALA D 31 -44.12 12.30 -72.10
N ILE D 32 -43.05 12.87 -72.65
CA ILE D 32 -42.04 12.09 -73.36
C ILE D 32 -40.68 12.76 -73.19
N ASP D 33 -40.70 14.02 -72.78
CA ASP D 33 -39.47 14.79 -72.58
C ASP D 33 -39.49 15.36 -71.16
N SER D 34 -38.74 16.43 -70.95
CA SER D 34 -38.67 17.06 -69.64
C SER D 34 -39.90 17.92 -69.41
N PRO D 35 -40.71 17.63 -68.40
CA PRO D 35 -41.92 18.44 -68.15
C PRO D 35 -41.61 19.73 -67.42
N VAL D 36 -42.51 20.13 -66.52
CA VAL D 36 -42.36 21.34 -65.72
C VAL D 36 -42.41 20.96 -64.25
N ILE D 37 -41.50 21.52 -63.47
CA ILE D 37 -41.46 21.23 -62.04
C ILE D 37 -42.73 21.77 -61.38
N LYS D 38 -43.25 21.03 -60.40
CA LYS D 38 -44.48 21.40 -59.72
C LYS D 38 -44.25 21.26 -58.22
N ASP D 39 -45.31 20.88 -57.49
CA ASP D 39 -45.28 20.72 -56.06
C ASP D 39 -45.36 19.24 -55.68
N PRO D 40 -44.50 18.79 -54.75
CA PRO D 40 -44.53 17.37 -54.37
C PRO D 40 -45.77 16.98 -53.59
N ILE D 41 -46.45 17.93 -52.95
CA ILE D 41 -47.65 17.63 -52.18
C ILE D 41 -48.88 17.78 -53.07
N THR D 42 -49.12 18.99 -53.56
CA THR D 42 -50.27 19.27 -54.41
C THR D 42 -49.93 19.01 -55.87
N ASN D 43 -50.62 19.71 -56.77
CA ASN D 43 -50.41 19.57 -58.22
C ASN D 43 -50.58 20.93 -58.87
N ILE D 44 -49.74 21.89 -58.49
CA ILE D 44 -49.79 23.25 -59.01
C ILE D 44 -48.42 23.57 -59.60
N PRO D 45 -48.34 24.03 -60.84
CA PRO D 45 -47.04 24.36 -61.44
C PRO D 45 -46.42 25.56 -60.73
N ILE D 46 -45.27 25.33 -60.09
CA ILE D 46 -44.54 26.37 -59.40
C ILE D 46 -43.15 26.49 -60.00
N ILE D 47 -42.52 27.64 -59.79
CA ILE D 47 -41.19 27.94 -60.30
C ILE D 47 -40.26 28.11 -59.11
N PRO D 48 -39.09 27.47 -59.08
CA PRO D 48 -38.17 27.63 -57.96
C PRO D 48 -37.46 28.98 -58.01
N GLY D 49 -36.69 29.23 -56.96
CA GLY D 49 -35.88 30.44 -56.88
C GLY D 49 -34.45 30.28 -57.31
N SER D 50 -34.02 29.06 -57.63
CA SER D 50 -32.65 28.85 -58.08
C SER D 50 -32.45 29.34 -59.51
N SER D 51 -33.49 29.30 -60.33
CA SER D 51 -33.37 29.78 -61.71
C SER D 51 -33.37 31.30 -61.80
N LEU D 52 -33.91 31.98 -60.79
CA LEU D 52 -33.93 33.45 -60.81
C LEU D 52 -32.55 34.02 -60.47
N LYS D 53 -31.85 33.42 -59.52
CA LYS D 53 -30.53 33.92 -59.15
C LYS D 53 -29.48 33.57 -60.20
N GLY D 54 -29.62 32.40 -60.82
CA GLY D 54 -28.67 31.99 -61.83
C GLY D 54 -28.78 32.73 -63.15
N LYS D 55 -29.92 33.35 -63.41
CA LYS D 55 -30.15 34.10 -64.64
C LYS D 55 -29.98 35.60 -64.47
N MET D 56 -30.42 36.17 -63.34
CA MET D 56 -30.27 37.60 -63.12
C MET D 56 -28.80 37.97 -62.92
N ARG D 57 -28.03 37.10 -62.29
CA ARG D 57 -26.61 37.39 -62.07
C ARG D 57 -25.82 37.33 -63.36
N THR D 58 -26.21 36.45 -64.29
CA THR D 58 -25.47 36.33 -65.55
C THR D 58 -25.73 37.55 -66.45
N LEU D 59 -26.98 37.98 -66.55
CA LEU D 59 -27.31 39.12 -67.40
C LEU D 59 -26.82 40.44 -66.82
N LEU D 60 -26.50 40.48 -65.52
CA LEU D 60 -26.05 41.71 -64.89
C LEU D 60 -24.54 41.82 -64.84
N ALA D 61 -23.82 40.69 -64.79
CA ALA D 61 -22.37 40.69 -64.72
C ALA D 61 -21.70 40.89 -66.08
N LYS D 62 -22.47 41.20 -67.12
CA LYS D 62 -21.91 41.43 -68.45
C LYS D 62 -21.94 42.89 -68.85
N VAL D 63 -22.39 43.78 -67.99
CA VAL D 63 -22.44 45.22 -68.29
C VAL D 63 -21.89 46.01 -67.11
N TYR D 64 -21.96 45.42 -65.92
CA TYR D 64 -21.41 46.01 -64.70
C TYR D 64 -20.13 45.30 -64.27
N ASN D 65 -19.25 45.01 -65.22
CA ASN D 65 -18.00 44.32 -64.95
C ASN D 65 -16.82 45.12 -65.49
N GLU D 66 -15.62 44.74 -65.05
CA GLU D 66 -14.40 45.39 -65.48
C GLU D 66 -13.36 44.40 -66.02
N LYS D 67 -13.71 43.13 -66.16
CA LYS D 67 -12.78 42.12 -66.65
C LYS D 67 -13.58 40.97 -67.24
N VAL D 68 -13.01 40.34 -68.27
CA VAL D 68 -13.67 39.20 -68.90
C VAL D 68 -13.76 38.05 -67.92
N ALA D 69 -14.98 37.59 -67.66
CA ALA D 69 -15.19 36.52 -66.69
C ALA D 69 -14.72 35.18 -67.26
N GLU D 70 -14.65 34.18 -66.37
CA GLU D 70 -14.22 32.85 -66.76
C GLU D 70 -14.83 31.80 -65.84
N LYS D 71 -14.89 32.09 -64.55
CA LYS D 71 -15.48 31.19 -63.56
C LYS D 71 -16.37 31.97 -62.61
N PRO D 72 -17.41 31.36 -62.09
CA PRO D 72 -18.31 32.05 -61.16
C PRO D 72 -17.60 32.41 -59.86
N SER D 73 -18.21 33.35 -59.14
CA SER D 73 -17.70 33.82 -57.85
C SER D 73 -16.28 34.37 -57.96
N ASP D 74 -15.93 34.93 -59.12
CA ASP D 74 -14.60 35.49 -59.33
C ASP D 74 -14.62 36.46 -60.51
N ASP D 75 -15.56 37.42 -60.48
CA ASP D 75 -15.67 38.41 -61.54
C ASP D 75 -16.46 39.60 -61.04
N SER D 76 -15.94 40.81 -61.31
CA SER D 76 -16.58 42.06 -60.92
C SER D 76 -16.80 42.14 -59.41
N ASP D 77 -15.83 42.69 -58.68
CA ASP D 77 -15.94 42.78 -57.24
C ASP D 77 -17.01 43.77 -56.78
N ILE D 78 -17.45 44.67 -57.67
CA ILE D 78 -18.45 45.66 -57.27
C ILE D 78 -19.83 45.03 -57.06
N LEU D 79 -20.06 43.83 -57.60
CA LEU D 79 -21.32 43.13 -57.42
C LEU D 79 -21.17 41.77 -56.74
N SER D 80 -19.95 41.40 -56.33
CA SER D 80 -19.76 40.12 -55.67
C SER D 80 -20.37 40.10 -54.27
N ARG D 81 -20.43 41.25 -53.61
CA ARG D 81 -21.01 41.34 -52.28
C ARG D 81 -22.52 41.20 -52.27
N LEU D 82 -23.17 41.32 -53.43
CA LEU D 82 -24.62 41.19 -53.51
C LEU D 82 -25.06 39.72 -53.58
N PHE D 83 -24.30 38.86 -54.25
CA PHE D 83 -24.64 37.45 -54.39
C PHE D 83 -23.82 36.55 -53.48
N GLY D 84 -22.52 36.78 -53.37
CA GLY D 84 -21.65 35.99 -52.54
C GLY D 84 -20.36 35.62 -53.25
N ASN D 85 -19.42 35.13 -52.44
CA ASN D 85 -18.11 34.73 -52.96
C ASN D 85 -17.52 33.69 -52.03
N SER D 86 -17.19 32.52 -52.58
CA SER D 86 -16.61 31.43 -51.81
C SER D 86 -15.08 31.48 -51.79
N LYS D 87 -14.49 32.57 -52.25
CA LYS D 87 -13.04 32.73 -52.29
C LYS D 87 -12.55 33.97 -51.55
N ASP D 88 -13.33 35.04 -51.54
CA ASP D 88 -12.92 36.27 -50.86
C ASP D 88 -13.14 36.12 -49.35
N LYS D 89 -12.12 36.48 -48.58
CA LYS D 89 -12.18 36.38 -47.13
C LYS D 89 -12.89 37.56 -46.47
N ARG D 90 -13.27 38.58 -47.24
CA ARG D 90 -13.93 39.73 -46.66
C ARG D 90 -15.42 39.49 -46.42
N PHE D 91 -16.04 38.62 -47.19
CA PHE D 91 -17.46 38.33 -47.04
C PHE D 91 -17.74 36.94 -47.59
N LYS D 92 -18.74 36.28 -46.99
CA LYS D 92 -19.13 34.94 -47.42
C LYS D 92 -20.65 34.87 -47.64
N MET D 93 -21.42 35.27 -46.63
CA MET D 93 -22.87 35.23 -46.74
C MET D 93 -23.37 36.31 -47.68
N GLY D 94 -24.47 36.02 -48.37
CA GLY D 94 -25.07 36.97 -49.29
C GLY D 94 -26.16 37.78 -48.63
N ARG D 95 -26.35 39.01 -49.12
CA ARG D 95 -27.35 39.93 -48.61
C ARG D 95 -28.59 40.00 -49.47
N LEU D 96 -28.75 39.06 -50.40
CA LEU D 96 -29.92 39.00 -51.28
C LEU D 96 -30.49 37.58 -51.21
N ILE D 97 -31.58 37.42 -50.47
CA ILE D 97 -32.24 36.13 -50.29
C ILE D 97 -33.50 36.12 -51.13
N PHE D 98 -33.60 35.16 -52.05
CA PHE D 98 -34.75 35.03 -52.91
C PHE D 98 -35.81 34.17 -52.25
N ARG D 99 -36.80 33.71 -53.02
CA ARG D 99 -37.87 32.88 -52.50
C ARG D 99 -38.52 32.13 -53.66
N ASP D 100 -38.85 30.87 -53.43
CA ASP D 100 -39.52 30.06 -54.44
C ASP D 100 -40.93 30.62 -54.68
N ALA D 101 -41.16 31.14 -55.87
CA ALA D 101 -42.44 31.74 -56.20
C ALA D 101 -43.50 30.66 -56.39
N PHE D 102 -44.63 30.83 -55.71
CA PHE D 102 -45.75 29.90 -55.81
C PHE D 102 -46.90 30.55 -56.57
N LEU D 103 -47.64 29.72 -57.31
CA LEU D 103 -48.75 30.21 -58.11
C LEU D 103 -49.94 30.47 -57.19
N SER D 104 -50.26 31.76 -56.99
CA SER D 104 -51.38 32.16 -56.16
C SER D 104 -52.56 32.67 -56.98
N ASN D 105 -52.60 32.33 -58.27
CA ASN D 105 -53.69 32.76 -59.15
C ASN D 105 -54.83 31.75 -59.22
N ALA D 106 -54.84 30.76 -58.33
CA ALA D 106 -55.89 29.75 -58.32
C ALA D 106 -57.18 30.23 -57.68
N ASP D 107 -57.19 31.43 -57.10
CA ASP D 107 -58.39 31.96 -56.46
C ASP D 107 -59.40 32.49 -57.46
N GLU D 108 -59.01 32.69 -58.73
CA GLU D 108 -59.92 33.18 -59.74
C GLU D 108 -59.72 32.52 -61.10
N LEU D 109 -58.83 31.54 -61.21
CA LEU D 109 -58.59 30.89 -62.49
C LEU D 109 -59.70 29.92 -62.86
N ASP D 110 -60.30 29.24 -61.88
CA ASP D 110 -61.36 28.29 -62.16
C ASP D 110 -62.66 28.99 -62.58
N SER D 111 -62.82 30.28 -62.24
CA SER D 111 -64.03 30.99 -62.62
C SER D 111 -64.10 31.25 -64.12
N LEU D 112 -62.94 31.37 -64.78
CA LEU D 112 -62.91 31.62 -66.21
C LEU D 112 -63.15 30.35 -67.03
N GLY D 113 -62.96 29.18 -66.43
CA GLY D 113 -63.18 27.93 -67.14
C GLY D 113 -61.98 27.49 -67.96
N VAL D 114 -61.05 26.78 -67.33
CA VAL D 114 -59.85 26.30 -68.00
C VAL D 114 -59.88 24.77 -68.00
N ARG D 115 -58.93 24.18 -68.74
CA ARG D 115 -58.85 22.73 -68.81
C ARG D 115 -58.06 22.17 -67.64
N SER D 116 -56.82 22.64 -67.46
CA SER D 116 -55.97 22.18 -66.37
C SER D 116 -55.06 23.30 -65.90
N TYR D 117 -53.76 23.12 -66.06
CA TYR D 117 -52.78 24.13 -65.67
C TYR D 117 -51.63 24.17 -66.67
N THR D 118 -51.42 23.07 -67.38
CA THR D 118 -50.38 22.97 -68.39
C THR D 118 -50.98 22.41 -69.68
N GLU D 119 -50.21 22.52 -70.76
CA GLU D 119 -50.63 22.06 -72.08
C GLU D 119 -49.45 21.43 -72.81
N VAL D 120 -49.73 20.87 -73.97
CA VAL D 120 -48.73 20.21 -74.82
C VAL D 120 -48.68 20.95 -76.15
N LYS D 121 -47.49 21.39 -76.53
CA LYS D 121 -47.27 22.09 -77.79
C LYS D 121 -46.51 21.18 -78.75
N PHE D 122 -47.06 21.01 -79.95
CA PHE D 122 -46.48 20.14 -80.96
C PHE D 122 -45.39 20.90 -81.71
N GLU D 123 -44.16 20.41 -81.64
CA GLU D 123 -43.03 21.02 -82.32
C GLU D 123 -42.20 19.94 -82.99
N ASN D 124 -41.49 20.33 -84.05
CA ASN D 124 -40.66 19.41 -84.81
C ASN D 124 -39.46 20.18 -85.35
N THR D 125 -38.64 19.50 -86.15
CA THR D 125 -37.46 20.10 -86.76
C THR D 125 -37.35 19.64 -88.21
N ILE D 126 -36.53 20.35 -88.98
CA ILE D 126 -36.31 20.06 -90.39
C ILE D 126 -34.82 19.80 -90.59
N ASP D 127 -34.49 18.63 -91.12
CA ASP D 127 -33.11 18.26 -91.37
C ASP D 127 -32.61 18.74 -92.73
N ARG D 128 -33.43 19.47 -93.48
CA ARG D 128 -33.07 20.01 -94.79
C ARG D 128 -32.69 18.89 -95.76
N ILE D 129 -33.41 17.77 -95.69
CA ILE D 129 -33.18 16.64 -96.57
C ILE D 129 -34.45 15.81 -96.64
N THR D 130 -35.37 16.03 -95.69
CA THR D 130 -36.63 15.30 -95.64
C THR D 130 -37.69 16.21 -95.06
N ALA D 131 -38.90 15.66 -94.91
CA ALA D 131 -40.02 16.42 -94.36
C ALA D 131 -39.94 16.50 -92.84
N GLU D 132 -40.97 15.99 -92.16
CA GLU D 132 -41.00 16.00 -90.71
C GLU D 132 -40.02 14.99 -90.14
N ALA D 133 -39.25 15.41 -89.14
CA ALA D 133 -38.26 14.55 -88.50
C ALA D 133 -38.35 14.71 -86.99
N ASN D 134 -38.28 13.58 -86.29
CA ASN D 134 -38.33 13.50 -84.83
C ASN D 134 -39.61 14.15 -84.31
N PRO D 135 -40.75 13.43 -84.36
CA PRO D 135 -42.00 14.01 -83.85
C PRO D 135 -42.04 14.08 -82.34
N ARG D 136 -41.35 15.07 -81.76
CA ARG D 136 -41.31 15.24 -80.33
C ARG D 136 -42.39 16.22 -79.87
N GLN D 137 -42.46 16.45 -78.57
CA GLN D 137 -43.44 17.36 -78.00
C GLN D 137 -42.92 17.88 -76.67
N ILE D 138 -43.35 19.09 -76.33
CA ILE D 138 -42.94 19.75 -75.09
C ILE D 138 -44.19 20.08 -74.27
N GLU D 139 -43.96 20.53 -73.04
CA GLU D 139 -45.04 20.91 -72.13
C GLU D 139 -44.76 22.30 -71.61
N ARG D 140 -45.63 23.25 -71.94
CA ARG D 140 -45.50 24.64 -71.53
C ARG D 140 -46.57 24.98 -70.49
N ALA D 141 -46.55 26.23 -70.04
CA ALA D 141 -47.50 26.73 -69.07
C ALA D 141 -48.50 27.67 -69.72
N ILE D 142 -49.66 27.82 -69.08
CA ILE D 142 -50.70 28.66 -69.62
C ILE D 142 -50.32 30.13 -69.47
N ARG D 143 -51.02 30.98 -70.23
CA ARG D 143 -50.78 32.41 -70.19
C ARG D 143 -51.48 33.04 -68.99
N ASN D 144 -50.93 34.18 -68.53
CA ASN D 144 -51.48 34.93 -67.40
C ASN D 144 -51.49 34.09 -66.13
N SER D 145 -50.35 34.04 -65.44
CA SER D 145 -50.24 33.30 -64.19
C SER D 145 -49.29 34.05 -63.26
N THR D 146 -49.84 34.76 -62.30
CA THR D 146 -49.04 35.56 -61.38
C THR D 146 -48.34 34.65 -60.36
N PHE D 147 -47.35 35.22 -59.67
CA PHE D 147 -46.58 34.49 -58.67
C PHE D 147 -46.26 35.44 -57.53
N ASP D 148 -45.62 34.90 -56.49
CA ASP D 148 -45.24 35.66 -55.30
C ASP D 148 -43.71 35.70 -55.24
N PHE D 149 -43.14 36.84 -55.60
CA PHE D 149 -41.70 37.05 -55.59
C PHE D 149 -41.36 38.06 -54.51
N GLU D 150 -40.52 37.64 -53.55
CA GLU D 150 -40.10 38.48 -52.44
C GLU D 150 -38.59 38.40 -52.31
N LEU D 151 -37.92 39.53 -52.49
CA LEU D 151 -36.47 39.62 -52.38
C LEU D 151 -36.13 40.18 -50.99
N ILE D 152 -35.51 39.36 -50.16
CA ILE D 152 -35.14 39.75 -48.80
C ILE D 152 -33.78 40.41 -48.84
N TYR D 153 -33.70 41.63 -48.29
CA TYR D 153 -32.46 42.40 -48.23
C TYR D 153 -32.19 42.80 -46.79
N GLU D 154 -30.92 42.73 -46.39
CA GLU D 154 -30.52 43.06 -45.04
C GLU D 154 -29.12 43.66 -45.06
N ILE D 155 -28.87 44.59 -44.15
CA ILE D 155 -27.58 45.25 -44.03
C ILE D 155 -26.82 44.64 -42.85
N THR D 156 -25.53 44.96 -42.78
CA THR D 156 -24.66 44.42 -41.74
C THR D 156 -23.71 45.51 -41.25
N ASP D 157 -24.30 46.62 -40.79
CA ASP D 157 -23.56 47.75 -40.21
C ASP D 157 -22.61 48.40 -41.21
N GLU D 158 -21.73 47.60 -41.83
CA GLU D 158 -20.79 48.14 -42.81
C GLU D 158 -21.51 48.77 -44.00
N ASN D 159 -22.69 48.25 -44.34
CA ASN D 159 -23.50 48.80 -45.42
C ASN D 159 -23.98 50.19 -45.02
N GLU D 160 -23.13 51.18 -45.28
CA GLU D 160 -23.40 52.56 -44.89
C GLU D 160 -23.27 53.51 -46.07
N ASN D 161 -22.06 53.67 -46.64
CA ASN D 161 -21.86 54.62 -47.72
C ASN D 161 -22.04 53.99 -49.09
N GLN D 162 -22.93 53.00 -49.19
CA GLN D 162 -23.23 52.40 -50.49
C GLN D 162 -24.66 51.90 -50.60
N VAL D 163 -25.56 52.30 -49.70
CA VAL D 163 -26.94 51.83 -49.77
C VAL D 163 -27.64 52.37 -51.01
N GLU D 164 -27.40 53.64 -51.33
CA GLU D 164 -28.04 54.23 -52.51
C GLU D 164 -27.55 53.60 -53.80
N GLU D 165 -26.32 53.09 -53.82
CA GLU D 165 -25.81 52.43 -55.02
C GLU D 165 -26.37 51.01 -55.17
N ASP D 166 -26.74 50.38 -54.05
CA ASP D 166 -27.27 49.02 -54.11
C ASP D 166 -28.64 48.98 -54.77
N PHE D 167 -29.47 50.01 -54.53
CA PHE D 167 -30.79 50.04 -55.13
C PHE D 167 -30.72 50.28 -56.64
N LYS D 168 -29.65 50.93 -57.11
CA LYS D 168 -29.51 51.18 -58.54
C LYS D 168 -29.21 49.88 -59.30
N VAL D 169 -28.43 48.98 -58.69
CA VAL D 169 -28.10 47.72 -59.36
C VAL D 169 -29.30 46.78 -59.36
N ILE D 170 -30.05 46.74 -58.26
CA ILE D 170 -31.20 45.85 -58.19
C ILE D 170 -32.31 46.32 -59.13
N ARG D 171 -32.55 47.63 -59.18
CA ARG D 171 -33.59 48.16 -60.05
C ARG D 171 -33.25 47.98 -61.52
N ASP D 172 -31.96 48.07 -61.87
CA ASP D 172 -31.56 47.89 -63.26
C ASP D 172 -31.72 46.45 -63.71
N GLY D 173 -31.54 45.50 -62.79
CA GLY D 173 -31.69 44.09 -63.15
C GLY D 173 -33.13 43.63 -63.29
N LEU D 174 -34.08 44.34 -62.67
CA LEU D 174 -35.48 43.95 -62.78
C LEU D 174 -36.06 44.31 -64.14
N LYS D 175 -35.75 45.52 -64.64
CA LYS D 175 -36.24 45.94 -65.94
C LYS D 175 -35.52 45.26 -67.10
N LEU D 176 -34.32 44.73 -66.86
CA LEU D 176 -33.59 44.03 -67.92
C LEU D 176 -34.05 42.59 -68.08
N LEU D 177 -34.52 41.96 -67.01
CA LEU D 177 -34.99 40.59 -67.10
C LEU D 177 -36.30 40.50 -67.88
N GLU D 178 -37.11 41.56 -67.87
CA GLU D 178 -38.37 41.54 -68.61
C GLU D 178 -38.15 41.53 -70.11
N LEU D 179 -37.03 42.10 -70.59
CA LEU D 179 -36.71 42.14 -72.00
C LEU D 179 -35.85 40.95 -72.44
N ASP D 180 -35.89 39.84 -71.70
CA ASP D 180 -35.10 38.67 -72.04
C ASP D 180 -35.84 37.43 -71.55
N TYR D 181 -35.55 36.30 -72.20
CA TYR D 181 -36.19 35.04 -71.86
C TYR D 181 -35.72 34.56 -70.48
N LEU D 182 -36.62 33.90 -69.77
CA LEU D 182 -36.35 33.36 -68.44
C LEU D 182 -36.76 31.89 -68.42
N GLY D 183 -35.79 31.01 -68.52
CA GLY D 183 -36.02 29.58 -68.52
C GLY D 183 -35.13 28.90 -69.53
N GLY D 184 -35.51 27.68 -69.90
CA GLY D 184 -34.76 26.89 -70.86
C GLY D 184 -35.37 26.96 -72.25
N SER D 185 -34.50 26.88 -73.26
CA SER D 185 -34.91 26.94 -74.67
C SER D 185 -35.71 28.20 -74.96
N GLY D 186 -35.22 29.34 -74.47
CA GLY D 186 -35.91 30.61 -74.69
C GLY D 186 -35.38 31.37 -75.89
N SER D 187 -34.78 30.65 -76.84
CA SER D 187 -34.26 31.29 -78.04
C SER D 187 -35.38 31.69 -79.00
N ARG D 188 -36.52 31.03 -78.91
CA ARG D 188 -37.66 31.34 -79.78
C ARG D 188 -38.61 32.37 -79.17
N GLY D 189 -38.49 32.65 -77.88
CA GLY D 189 -39.36 33.62 -77.23
C GLY D 189 -40.37 32.99 -76.31
N TYR D 190 -39.89 32.40 -75.20
CA TYR D 190 -40.75 31.76 -74.22
C TYR D 190 -40.80 32.47 -72.88
N GLY D 191 -39.76 33.25 -72.54
CA GLY D 191 -39.72 33.94 -71.27
C GLY D 191 -40.51 35.24 -71.27
N LYS D 192 -39.80 36.36 -71.22
CA LYS D 192 -40.41 37.69 -71.21
C LYS D 192 -41.38 37.85 -70.04
N VAL D 193 -40.86 38.20 -68.87
CA VAL D 193 -41.68 38.37 -67.67
C VAL D 193 -42.12 39.82 -67.56
N ALA D 194 -42.86 40.13 -66.50
CA ALA D 194 -43.34 41.50 -66.27
C ALA D 194 -43.59 41.65 -64.77
N PHE D 195 -42.68 42.36 -64.10
CA PHE D 195 -42.80 42.59 -62.66
C PHE D 195 -43.91 43.58 -62.35
N GLU D 196 -45.11 43.08 -62.10
CA GLU D 196 -46.26 43.92 -61.79
C GLU D 196 -46.27 44.27 -60.31
N LYS D 197 -46.58 45.53 -60.02
CA LYS D 197 -46.65 46.06 -58.65
C LYS D 197 -45.30 45.87 -57.93
N LEU D 198 -44.30 46.59 -58.42
CA LEU D 198 -42.95 46.54 -57.85
C LEU D 198 -42.90 47.52 -56.68
N LYS D 199 -43.04 46.99 -55.47
CA LYS D 199 -43.03 47.78 -54.26
C LYS D 199 -42.09 47.15 -53.25
N ALA D 200 -41.73 47.94 -52.23
CA ALA D 200 -40.82 47.49 -51.18
C ALA D 200 -41.24 48.11 -49.85
N THR D 201 -41.41 47.27 -48.84
CA THR D 201 -41.81 47.72 -47.51
C THR D 201 -40.81 47.22 -46.48
N THR D 202 -40.95 47.72 -45.25
CA THR D 202 -40.08 47.35 -44.15
C THR D 202 -40.91 46.65 -43.08
N VAL D 203 -40.50 45.44 -42.72
CA VAL D 203 -41.21 44.67 -41.70
C VAL D 203 -40.60 44.87 -40.32
N PHE D 204 -39.26 44.86 -40.24
CA PHE D 204 -38.61 45.05 -38.95
C PHE D 204 -38.76 46.48 -38.45
N GLY D 205 -38.63 47.45 -39.35
CA GLY D 205 -38.77 48.85 -38.98
C GLY D 205 -37.46 49.49 -38.54
N ASN D 206 -36.66 49.90 -39.52
CA ASN D 206 -35.38 50.54 -39.20
C ASN D 206 -34.90 51.48 -40.29
N TYR D 207 -35.36 51.35 -41.53
CA TYR D 207 -34.93 52.22 -42.61
C TYR D 207 -36.16 52.83 -43.28
N ASP D 208 -36.12 54.14 -43.50
CA ASP D 208 -37.25 54.83 -44.09
C ASP D 208 -37.40 54.49 -45.57
N VAL D 209 -38.63 54.57 -46.06
CA VAL D 209 -38.96 54.25 -47.45
C VAL D 209 -39.16 55.56 -48.20
N LYS D 210 -38.44 55.72 -49.30
CA LYS D 210 -38.54 56.92 -50.12
C LYS D 210 -38.19 56.60 -51.58
N THR D 211 -37.26 55.68 -51.79
CA THR D 211 -36.84 55.28 -53.13
C THR D 211 -37.68 54.09 -53.62
N LEU D 212 -38.99 54.26 -53.52
CA LEU D 212 -39.91 53.20 -53.95
C LEU D 212 -39.85 52.97 -55.44
N ASN D 213 -39.80 54.05 -56.23
CA ASN D 213 -39.72 53.94 -57.68
C ASN D 213 -39.03 55.16 -58.28
N THR E 2 -41.19 1.37 10.55
CA THR E 2 -39.91 1.27 11.23
C THR E 2 -38.77 1.17 10.23
N PHE E 3 -38.90 0.23 9.27
CA PHE E 3 -37.88 0.03 8.25
C PHE E 3 -38.56 -0.55 7.02
N ALA E 4 -38.70 0.26 5.98
CA ALA E 4 -39.33 -0.14 4.73
C ALA E 4 -38.39 0.13 3.57
N LYS E 5 -38.72 -0.47 2.43
CA LYS E 5 -37.93 -0.33 1.20
C LYS E 5 -38.85 0.16 0.10
N ILE E 6 -38.63 1.40 -0.35
CA ILE E 6 -39.42 2.00 -1.42
C ILE E 6 -38.59 2.03 -2.68
N LYS E 7 -39.10 1.40 -3.74
CA LYS E 7 -38.43 1.31 -5.02
C LYS E 7 -39.28 2.02 -6.08
N PHE E 8 -38.74 3.09 -6.66
CA PHE E 8 -39.44 3.87 -7.68
C PHE E 8 -39.10 3.28 -9.04
N SER E 9 -39.78 2.21 -9.42
CA SER E 9 -39.56 1.57 -10.71
C SER E 9 -40.23 2.36 -11.81
N ALA E 10 -39.45 2.77 -12.82
CA ALA E 10 -39.98 3.54 -13.93
C ALA E 10 -39.19 3.20 -15.18
N GLN E 11 -39.67 3.72 -16.31
CA GLN E 11 -39.04 3.49 -17.61
C GLN E 11 -38.72 4.85 -18.23
N ILE E 12 -37.43 5.16 -18.34
CA ILE E 12 -36.99 6.43 -18.91
C ILE E 12 -37.05 6.33 -20.42
N ARG E 13 -37.95 7.10 -21.03
CA ARG E 13 -38.12 7.13 -22.49
C ARG E 13 -37.40 8.35 -23.04
N LEU E 14 -36.36 8.12 -23.84
CA LEU E 14 -35.58 9.20 -24.42
C LEU E 14 -36.30 9.73 -25.66
N GLU E 15 -36.96 10.87 -25.52
CA GLU E 15 -37.63 11.51 -26.65
C GLU E 15 -36.68 12.32 -27.51
N THR E 16 -35.43 12.48 -27.09
CA THR E 16 -34.44 13.23 -27.86
C THR E 16 -33.07 12.63 -27.61
N GLY E 17 -32.31 12.42 -28.69
CA GLY E 17 -30.99 11.84 -28.55
C GLY E 17 -30.05 12.80 -27.83
N LEU E 18 -29.40 12.30 -26.78
CA LEU E 18 -28.48 13.09 -25.97
C LEU E 18 -27.04 12.72 -26.32
N HIS E 19 -26.10 13.28 -25.56
CA HIS E 19 -24.68 13.02 -25.78
C HIS E 19 -23.95 13.25 -24.47
N ILE E 20 -23.45 12.17 -23.86
CA ILE E 20 -22.72 12.23 -22.60
C ILE E 20 -21.31 11.73 -22.86
N GLY E 21 -20.32 12.55 -22.52
CA GLY E 21 -18.93 12.17 -22.70
C GLY E 21 -18.51 11.00 -21.86
N GLY E 22 -18.38 9.83 -22.48
CA GLY E 22 -18.02 8.62 -21.76
C GLY E 22 -16.54 8.53 -21.42
N SER E 23 -15.99 7.32 -21.48
CA SER E 23 -14.59 7.11 -21.16
C SER E 23 -13.70 7.42 -22.35
N ASP E 24 -12.81 6.49 -22.70
CA ASP E 24 -11.90 6.69 -23.81
C ASP E 24 -12.64 6.59 -25.15
N ALA E 25 -12.10 7.27 -26.16
CA ALA E 25 -12.70 7.30 -27.49
C ALA E 25 -12.18 6.11 -28.29
N PHE E 26 -12.73 4.94 -27.98
CA PHE E 26 -12.33 3.71 -28.66
C PHE E 26 -13.49 2.76 -28.90
N ALA E 27 -14.73 3.19 -28.70
CA ALA E 27 -15.88 2.33 -28.97
C ALA E 27 -16.11 2.14 -30.46
N ALA E 28 -15.55 3.00 -31.31
CA ALA E 28 -15.68 2.88 -32.75
C ALA E 28 -14.45 3.51 -33.41
N ILE E 29 -14.14 3.03 -34.61
CA ILE E 29 -13.00 3.53 -35.36
C ILE E 29 -13.46 4.58 -36.35
N GLY E 30 -14.61 5.20 -36.08
CA GLY E 30 -15.14 6.23 -36.95
C GLY E 30 -15.35 7.55 -36.26
N ALA E 31 -14.96 7.64 -35.00
CA ALA E 31 -15.11 8.86 -34.20
C ALA E 31 -13.77 9.55 -34.06
N ILE E 32 -13.78 10.69 -33.36
CA ILE E 32 -12.57 11.48 -33.13
C ILE E 32 -12.70 12.22 -31.80
N ASP E 33 -13.92 12.32 -31.29
CA ASP E 33 -14.21 13.01 -30.04
C ASP E 33 -14.70 11.98 -29.01
N SER E 34 -15.13 12.49 -27.86
CA SER E 34 -15.61 11.63 -26.78
C SER E 34 -16.96 11.04 -27.14
N PRO E 35 -17.10 9.71 -27.23
CA PRO E 35 -18.40 9.13 -27.56
C PRO E 35 -19.33 9.06 -26.36
N VAL E 36 -20.01 7.92 -26.19
CA VAL E 36 -20.93 7.70 -25.08
C VAL E 36 -20.50 6.43 -24.36
N ILE E 37 -20.49 6.48 -23.03
CA ILE E 37 -20.11 5.31 -22.24
C ILE E 37 -21.13 4.20 -22.46
N LYS E 38 -20.63 2.96 -22.49
CA LYS E 38 -21.49 1.81 -22.73
C LYS E 38 -21.13 0.67 -21.80
N ASP E 39 -21.04 -0.55 -22.34
CA ASP E 39 -20.72 -1.73 -21.55
C ASP E 39 -19.34 -2.26 -21.90
N PRO E 40 -18.51 -2.57 -20.90
CA PRO E 40 -17.18 -3.09 -21.20
C PRO E 40 -17.20 -4.49 -21.80
N ILE E 41 -18.17 -5.32 -21.41
CA ILE E 41 -18.25 -6.67 -21.95
C ILE E 41 -19.00 -6.69 -23.28
N THR E 42 -20.28 -6.33 -23.26
CA THR E 42 -21.08 -6.30 -24.47
C THR E 42 -20.94 -4.95 -25.18
N ASN E 43 -22.00 -4.52 -25.85
CA ASN E 43 -21.98 -3.25 -26.57
C ASN E 43 -23.38 -2.68 -26.68
N ILE E 44 -23.94 -2.21 -25.57
CA ILE E 44 -25.28 -1.65 -25.52
C ILE E 44 -25.19 -0.27 -24.89
N PRO E 45 -25.75 0.77 -25.51
CA PRO E 45 -25.68 2.11 -24.92
C PRO E 45 -26.43 2.21 -23.60
N ILE E 46 -25.70 2.44 -22.51
CA ILE E 46 -26.29 2.59 -21.19
C ILE E 46 -25.86 3.93 -20.61
N ILE E 47 -26.66 4.42 -19.66
CA ILE E 47 -26.41 5.68 -18.98
C ILE E 47 -26.10 5.38 -17.52
N PRO E 48 -25.02 5.91 -16.95
CA PRO E 48 -24.69 5.64 -15.55
C PRO E 48 -25.61 6.42 -14.61
N GLY E 49 -25.47 6.10 -13.32
CA GLY E 49 -26.23 6.78 -12.29
C GLY E 49 -25.56 8.02 -11.72
N SER E 50 -24.29 8.27 -12.08
CA SER E 50 -23.60 9.45 -11.59
C SER E 50 -24.16 10.72 -12.20
N SER E 51 -24.62 10.65 -13.45
CA SER E 51 -25.20 11.83 -14.10
C SER E 51 -26.59 12.14 -13.59
N LEU E 52 -27.28 11.17 -12.99
CA LEU E 52 -28.62 11.42 -12.47
C LEU E 52 -28.58 12.15 -11.13
N LYS E 53 -27.67 11.73 -10.23
CA LYS E 53 -27.58 12.39 -8.93
C LYS E 53 -26.94 13.76 -9.05
N GLY E 54 -25.98 13.91 -9.95
CA GLY E 54 -25.30 15.19 -10.11
C GLY E 54 -26.15 16.25 -10.79
N LYS E 55 -27.21 15.85 -11.49
CA LYS E 55 -28.08 16.79 -12.18
C LYS E 55 -29.39 17.04 -11.44
N MET E 56 -29.97 16.02 -10.83
CA MET E 56 -31.21 16.21 -10.09
C MET E 56 -31.00 17.04 -8.83
N ARG E 57 -29.85 16.85 -8.17
CA ARG E 57 -29.57 17.62 -6.96
C ARG E 57 -29.26 19.08 -7.27
N THR E 58 -28.64 19.35 -8.42
CA THR E 58 -28.30 20.73 -8.77
C THR E 58 -29.54 21.53 -9.13
N LEU E 59 -30.43 20.95 -9.94
CA LEU E 59 -31.64 21.66 -10.35
C LEU E 59 -32.66 21.79 -9.23
N LEU E 60 -32.53 21.00 -8.17
CA LEU E 60 -33.47 21.05 -7.06
C LEU E 60 -32.99 21.94 -5.92
N ALA E 61 -31.69 22.09 -5.75
CA ALA E 61 -31.12 22.92 -4.69
C ALA E 61 -31.17 24.41 -5.00
N LYS E 62 -31.77 24.80 -6.13
CA LYS E 62 -31.89 26.21 -6.51
C LYS E 62 -33.32 26.74 -6.33
N VAL E 63 -34.21 25.94 -5.76
CA VAL E 63 -35.60 26.35 -5.55
C VAL E 63 -36.02 26.01 -4.12
N TYR E 64 -35.44 24.94 -3.57
CA TYR E 64 -35.72 24.56 -2.20
C TYR E 64 -34.52 24.86 -1.30
N ASN E 65 -34.04 26.10 -1.34
CA ASN E 65 -32.89 26.52 -0.55
C ASN E 65 -33.23 27.83 0.17
N GLU E 66 -32.37 28.17 1.14
CA GLU E 66 -32.53 29.39 1.91
C GLU E 66 -31.27 30.23 1.95
N LYS E 67 -30.24 29.87 1.19
CA LYS E 67 -28.98 30.62 1.18
C LYS E 67 -28.25 30.34 -0.13
N VAL E 68 -27.53 31.34 -0.61
CA VAL E 68 -26.78 31.20 -1.85
C VAL E 68 -25.67 30.17 -1.65
N ALA E 69 -25.68 29.12 -2.47
CA ALA E 69 -24.71 28.06 -2.35
C ALA E 69 -23.34 28.52 -2.84
N GLU E 70 -22.33 27.69 -2.56
CA GLU E 70 -20.96 27.98 -2.97
C GLU E 70 -20.19 26.70 -3.22
N LYS E 71 -20.34 25.72 -2.33
CA LYS E 71 -19.68 24.44 -2.45
C LYS E 71 -20.66 23.30 -2.25
N PRO E 72 -20.45 22.16 -2.90
CA PRO E 72 -21.38 21.04 -2.74
C PRO E 72 -21.35 20.48 -1.32
N SER E 73 -22.41 19.74 -1.00
CA SER E 73 -22.58 19.10 0.31
C SER E 73 -22.54 20.12 1.45
N ASP E 74 -23.00 21.34 1.19
CA ASP E 74 -23.02 22.39 2.20
C ASP E 74 -24.01 23.48 1.81
N ASP E 75 -25.24 23.10 1.51
CA ASP E 75 -26.27 24.07 1.12
C ASP E 75 -27.64 23.43 1.30
N SER E 76 -28.56 24.19 1.91
CA SER E 76 -29.93 23.75 2.13
C SER E 76 -30.00 22.47 2.95
N ASP E 77 -30.10 22.60 4.28
CA ASP E 77 -30.13 21.43 5.15
C ASP E 77 -31.42 20.62 5.00
N ILE E 78 -32.47 21.21 4.45
CA ILE E 78 -33.74 20.50 4.31
C ILE E 78 -33.65 19.39 3.27
N LEU E 79 -32.68 19.45 2.37
CA LEU E 79 -32.49 18.41 1.36
C LEU E 79 -31.14 17.72 1.44
N SER E 80 -30.32 18.06 2.43
CA SER E 80 -29.00 17.43 2.55
C SER E 80 -29.12 16.00 3.06
N ARG E 81 -30.16 15.71 3.85
CA ARG E 81 -30.35 14.36 4.37
C ARG E 81 -30.85 13.37 3.32
N LEU E 82 -31.29 13.86 2.15
CA LEU E 82 -31.75 12.96 1.11
C LEU E 82 -30.61 12.41 0.27
N PHE E 83 -29.53 13.18 0.11
CA PHE E 83 -28.39 12.76 -0.69
C PHE E 83 -27.19 12.35 0.17
N GLY E 84 -26.77 13.21 1.08
CA GLY E 84 -25.65 12.94 1.96
C GLY E 84 -24.84 14.19 2.22
N ASN E 85 -24.04 14.14 3.28
CA ASN E 85 -23.20 15.28 3.66
C ASN E 85 -21.94 14.74 4.34
N SER E 86 -20.78 15.17 3.85
CA SER E 86 -19.50 14.77 4.41
C SER E 86 -19.01 15.70 5.51
N LYS E 87 -19.88 16.58 6.00
CA LYS E 87 -19.51 17.52 7.06
C LYS E 87 -20.43 17.48 8.27
N ASP E 88 -21.72 17.20 8.07
CA ASP E 88 -22.65 17.16 9.19
C ASP E 88 -22.47 15.87 9.97
N LYS E 89 -22.45 15.99 11.30
CA LYS E 89 -22.27 14.83 12.17
C LYS E 89 -23.57 14.10 12.47
N ARG E 90 -24.71 14.62 12.02
CA ARG E 90 -25.99 13.98 12.28
C ARG E 90 -26.25 12.82 11.32
N PHE E 91 -25.68 12.86 10.13
CA PHE E 91 -25.89 11.80 9.15
C PHE E 91 -24.72 11.79 8.18
N LYS E 92 -24.43 10.61 7.65
CA LYS E 92 -23.35 10.42 6.70
C LYS E 92 -23.79 9.65 5.45
N MET E 93 -24.58 8.60 5.61
CA MET E 93 -25.04 7.80 4.49
C MET E 93 -26.27 8.43 3.84
N GLY E 94 -26.51 8.06 2.59
CA GLY E 94 -27.65 8.58 1.85
C GLY E 94 -28.80 7.58 1.83
N ARG E 95 -30.02 8.12 1.80
CA ARG E 95 -31.23 7.31 1.78
C ARG E 95 -31.87 7.23 0.40
N LEU E 96 -31.15 7.64 -0.65
CA LEU E 96 -31.64 7.60 -2.02
C LEU E 96 -30.57 6.91 -2.88
N ILE E 97 -30.58 5.58 -2.88
CA ILE E 97 -29.63 4.81 -3.66
C ILE E 97 -30.14 4.72 -5.09
N PHE E 98 -29.33 5.19 -6.04
CA PHE E 98 -29.70 5.18 -7.45
C PHE E 98 -29.31 3.85 -8.08
N ARG E 99 -29.32 3.80 -9.41
CA ARG E 99 -28.97 2.58 -10.14
C ARG E 99 -28.63 2.96 -11.57
N ASP E 100 -27.58 2.34 -12.10
CA ASP E 100 -27.18 2.57 -13.48
C ASP E 100 -28.23 1.98 -14.42
N ALA E 101 -28.93 2.85 -15.14
CA ALA E 101 -29.99 2.40 -16.03
C ALA E 101 -29.42 1.67 -17.23
N PHE E 102 -29.91 0.46 -17.48
CA PHE E 102 -29.50 -0.35 -18.62
C PHE E 102 -30.58 -0.34 -19.68
N LEU E 103 -30.15 -0.34 -20.94
CA LEU E 103 -31.10 -0.31 -22.06
C LEU E 103 -31.75 -1.68 -22.20
N SER E 104 -33.05 -1.76 -21.93
CA SER E 104 -33.81 -2.99 -22.03
C SER E 104 -34.74 -3.01 -23.23
N ASN E 105 -34.49 -2.15 -24.22
CA ASN E 105 -35.31 -2.07 -25.41
C ASN E 105 -34.80 -2.97 -26.53
N ALA E 106 -33.83 -3.83 -26.25
CA ALA E 106 -33.28 -4.73 -27.26
C ALA E 106 -34.17 -5.93 -27.54
N ASP E 107 -35.25 -6.11 -26.76
CA ASP E 107 -36.14 -7.24 -26.99
C ASP E 107 -37.02 -7.06 -28.22
N GLU E 108 -37.20 -5.82 -28.68
CA GLU E 108 -38.02 -5.56 -29.85
C GLU E 108 -37.37 -4.61 -30.85
N LEU E 109 -36.15 -4.14 -30.57
CA LEU E 109 -35.48 -3.23 -31.50
C LEU E 109 -34.95 -3.95 -32.73
N ASP E 110 -34.50 -5.19 -32.58
CA ASP E 110 -33.98 -5.95 -33.71
C ASP E 110 -35.06 -6.38 -34.68
N SER E 111 -36.32 -6.44 -34.22
CA SER E 111 -37.41 -6.86 -35.10
C SER E 111 -37.71 -5.79 -36.15
N LEU E 112 -37.45 -4.52 -35.84
CA LEU E 112 -37.70 -3.45 -36.80
C LEU E 112 -36.59 -3.30 -37.82
N GLY E 113 -35.39 -3.75 -37.51
CA GLY E 113 -34.27 -3.65 -38.44
C GLY E 113 -33.64 -2.27 -38.46
N VAL E 114 -32.62 -2.07 -37.63
CA VAL E 114 -31.93 -0.80 -37.56
C VAL E 114 -30.50 -0.98 -38.08
N ARG E 115 -29.73 0.11 -38.04
CA ARG E 115 -28.35 0.06 -38.51
C ARG E 115 -27.41 -0.42 -37.40
N SER E 116 -27.44 0.25 -36.26
CA SER E 116 -26.60 -0.13 -35.13
C SER E 116 -27.29 0.18 -33.81
N TYR E 117 -26.66 1.02 -32.98
CA TYR E 117 -27.24 1.39 -31.70
C TYR E 117 -27.03 2.88 -31.44
N THR E 118 -26.04 3.47 -32.10
CA THR E 118 -25.75 4.90 -32.01
C THR E 118 -25.47 5.45 -33.39
N GLU E 119 -25.65 6.76 -33.54
CA GLU E 119 -25.40 7.44 -34.80
C GLU E 119 -24.33 8.51 -34.62
N VAL E 120 -23.68 8.87 -35.73
CA VAL E 120 -22.63 9.88 -35.75
C VAL E 120 -23.19 11.11 -36.42
N LYS E 121 -23.36 12.18 -35.64
CA LYS E 121 -23.88 13.44 -36.16
C LYS E 121 -22.74 14.38 -36.50
N PHE E 122 -22.86 15.05 -37.64
CA PHE E 122 -21.82 15.95 -38.14
C PHE E 122 -22.15 17.38 -37.72
N GLU E 123 -21.18 18.04 -37.11
CA GLU E 123 -21.34 19.43 -36.68
C GLU E 123 -20.06 20.20 -36.95
N ASN E 124 -20.16 21.52 -36.92
CA ASN E 124 -19.02 22.39 -37.15
C ASN E 124 -19.30 23.73 -36.46
N THR E 125 -18.61 24.78 -36.89
CA THR E 125 -18.79 26.11 -36.32
C THR E 125 -18.37 27.15 -37.34
N ILE E 126 -18.83 28.38 -37.13
CA ILE E 126 -18.52 29.50 -38.01
C ILE E 126 -17.83 30.58 -37.18
N ASP E 127 -16.66 31.02 -37.65
CA ASP E 127 -15.88 32.04 -36.96
C ASP E 127 -16.30 33.46 -37.34
N ARG E 128 -17.37 33.60 -38.13
CA ARG E 128 -17.88 34.90 -38.56
C ARG E 128 -16.84 35.70 -39.33
N ILE E 129 -15.99 35.01 -40.09
CA ILE E 129 -14.96 35.66 -40.89
C ILE E 129 -14.57 34.74 -42.04
N THR E 130 -14.93 33.45 -41.92
CA THR E 130 -14.62 32.45 -42.93
C THR E 130 -15.80 31.49 -43.06
N ALA E 131 -15.63 30.49 -43.92
CA ALA E 131 -16.67 29.50 -44.14
C ALA E 131 -16.62 28.40 -43.09
N GLU E 132 -16.57 27.15 -43.52
CA GLU E 132 -16.51 26.03 -42.59
C GLU E 132 -15.15 25.95 -41.92
N ALA E 133 -15.17 25.73 -40.61
CA ALA E 133 -13.94 25.62 -39.82
C ALA E 133 -14.09 24.50 -38.81
N ASN E 134 -13.01 23.72 -38.64
CA ASN E 134 -12.95 22.61 -37.69
C ASN E 134 -14.05 21.60 -37.98
N PRO E 135 -13.88 20.73 -38.98
CA PRO E 135 -14.91 19.72 -39.26
C PRO E 135 -14.95 18.62 -38.21
N ARG E 136 -15.59 18.89 -37.09
CA ARG E 136 -15.67 17.92 -36.00
C ARG E 136 -16.87 16.99 -36.20
N GLN E 137 -17.06 16.09 -35.25
CA GLN E 137 -18.18 15.14 -35.29
C GLN E 137 -18.43 14.61 -33.90
N ILE E 138 -19.69 14.25 -33.64
CA ILE E 138 -20.10 13.72 -32.34
C ILE E 138 -20.84 12.41 -32.58
N GLU E 139 -21.22 11.77 -31.48
CA GLU E 139 -21.96 10.51 -31.50
C GLU E 139 -23.08 10.58 -30.47
N ARG E 140 -24.32 10.67 -30.96
CA ARG E 140 -25.49 10.78 -30.10
C ARG E 140 -26.09 9.38 -29.89
N ALA E 141 -27.32 9.34 -29.38
CA ALA E 141 -28.02 8.09 -29.13
C ALA E 141 -29.29 8.02 -29.96
N ILE E 142 -29.74 6.79 -30.23
CA ILE E 142 -30.95 6.61 -31.03
C ILE E 142 -32.18 7.03 -30.24
N ARG E 143 -33.28 7.24 -30.96
CA ARG E 143 -34.53 7.63 -30.36
C ARG E 143 -35.32 6.39 -29.92
N ASN E 144 -36.20 6.59 -28.94
CA ASN E 144 -37.05 5.53 -28.39
C ASN E 144 -36.21 4.40 -27.82
N SER E 145 -35.74 4.57 -26.59
CA SER E 145 -34.93 3.55 -25.92
C SER E 145 -35.25 3.60 -24.44
N THR E 146 -35.95 2.56 -23.95
CA THR E 146 -36.33 2.51 -22.55
C THR E 146 -35.15 2.13 -21.67
N PHE E 147 -35.30 2.36 -20.37
CA PHE E 147 -34.26 2.06 -19.40
C PHE E 147 -34.91 1.58 -18.10
N ASP E 148 -34.09 0.99 -17.24
CA ASP E 148 -34.55 0.48 -15.95
C ASP E 148 -34.04 1.41 -14.85
N PHE E 149 -34.90 2.34 -14.42
CA PHE E 149 -34.56 3.30 -13.38
C PHE E 149 -35.35 2.94 -12.12
N GLU E 150 -34.64 2.60 -11.06
CA GLU E 150 -35.25 2.22 -9.79
C GLU E 150 -34.57 3.01 -8.68
N LEU E 151 -35.33 3.89 -8.04
CA LEU E 151 -34.82 4.71 -6.93
C LEU E 151 -35.09 3.98 -5.62
N ILE E 152 -34.02 3.51 -4.99
CA ILE E 152 -34.14 2.77 -3.74
C ILE E 152 -34.24 3.76 -2.58
N TYR E 153 -35.29 3.62 -1.77
CA TYR E 153 -35.51 4.48 -0.62
C TYR E 153 -35.72 3.63 0.62
N GLU E 154 -35.18 4.09 1.74
CA GLU E 154 -35.28 3.36 3.01
C GLU E 154 -35.30 4.35 4.15
N ILE E 155 -36.04 4.01 5.20
CA ILE E 155 -36.15 4.84 6.40
C ILE E 155 -35.25 4.26 7.48
N THR E 156 -35.02 5.06 8.52
CA THR E 156 -34.15 4.68 9.63
C THR E 156 -34.78 5.11 10.95
N ASP E 157 -36.00 4.63 11.19
CA ASP E 157 -36.73 4.87 12.44
C ASP E 157 -37.02 6.35 12.68
N GLU E 158 -35.98 7.20 12.63
CA GLU E 158 -36.17 8.63 12.84
C GLU E 158 -37.09 9.23 11.78
N ASN E 159 -37.10 8.66 10.58
CA ASN E 159 -37.98 9.12 9.50
C ASN E 159 -39.42 8.82 9.90
N GLU E 160 -40.02 9.75 10.66
CA GLU E 160 -41.37 9.56 11.18
C GLU E 160 -42.26 10.75 10.84
N ASN E 161 -41.95 11.95 11.36
CA ASN E 161 -42.81 13.10 11.13
C ASN E 161 -42.38 13.91 9.92
N GLN E 162 -41.84 13.22 8.90
CA GLN E 162 -41.49 13.91 7.67
C GLN E 162 -41.59 13.01 6.43
N VAL E 163 -42.25 11.85 6.54
CA VAL E 163 -42.36 10.95 5.39
C VAL E 163 -43.20 11.60 4.28
N GLU E 164 -44.30 12.26 4.65
CA GLU E 164 -45.14 12.89 3.65
C GLU E 164 -44.42 14.05 2.96
N GLU E 165 -43.50 14.71 3.65
CA GLU E 165 -42.74 15.79 3.03
C GLU E 165 -41.64 15.26 2.12
N ASP E 166 -41.15 14.05 2.38
CA ASP E 166 -40.08 13.49 1.55
C ASP E 166 -40.58 13.14 0.15
N PHE E 167 -41.80 12.61 0.06
CA PHE E 167 -42.36 12.26 -1.24
C PHE E 167 -42.68 13.48 -2.09
N LYS E 168 -42.93 14.63 -1.46
CA LYS E 168 -43.21 15.84 -2.22
C LYS E 168 -41.96 16.35 -2.95
N VAL E 169 -40.80 16.23 -2.33
CA VAL E 169 -39.57 16.69 -2.97
C VAL E 169 -39.14 15.73 -4.07
N ILE E 170 -39.33 14.42 -3.85
CA ILE E 170 -38.93 13.43 -4.85
C ILE E 170 -39.85 13.51 -6.07
N ARG E 171 -41.16 13.64 -5.84
CA ARG E 171 -42.09 13.72 -6.96
C ARG E 171 -41.90 14.99 -7.77
N ASP E 172 -41.57 16.10 -7.10
CA ASP E 172 -41.34 17.35 -7.82
C ASP E 172 -40.04 17.31 -8.59
N GLY E 173 -39.06 16.52 -8.15
CA GLY E 173 -37.81 16.42 -8.86
C GLY E 173 -37.88 15.54 -10.10
N LEU E 174 -38.84 14.62 -10.13
CA LEU E 174 -38.99 13.75 -11.29
C LEU E 174 -39.60 14.49 -12.47
N LYS E 175 -40.64 15.29 -12.21
CA LYS E 175 -41.27 16.07 -13.29
C LYS E 175 -40.42 17.26 -13.71
N LEU E 176 -39.49 17.71 -12.86
CA LEU E 176 -38.64 18.84 -13.20
C LEU E 176 -37.52 18.43 -14.14
N LEU E 177 -37.05 17.18 -14.05
CA LEU E 177 -35.98 16.71 -14.93
C LEU E 177 -36.45 16.57 -16.37
N GLU E 178 -37.75 16.30 -16.57
CA GLU E 178 -38.28 16.15 -17.92
C GLU E 178 -38.31 17.47 -18.67
N LEU E 179 -38.27 18.60 -17.97
CA LEU E 179 -38.28 19.92 -18.59
C LEU E 179 -36.89 20.52 -18.70
N ASP E 180 -35.85 19.69 -18.75
CA ASP E 180 -34.49 20.16 -18.86
C ASP E 180 -33.63 19.05 -19.44
N TYR E 181 -32.51 19.45 -20.05
CA TYR E 181 -31.60 18.49 -20.65
C TYR E 181 -30.89 17.67 -19.58
N LEU E 182 -30.62 16.41 -19.90
CA LEU E 182 -29.92 15.48 -18.99
C LEU E 182 -28.70 14.94 -19.73
N GLY E 183 -27.55 15.56 -19.50
CA GLY E 183 -26.32 15.13 -20.14
C GLY E 183 -25.36 16.25 -20.41
N GLY E 184 -24.58 16.13 -21.49
CA GLY E 184 -23.62 17.14 -21.86
C GLY E 184 -24.00 17.82 -23.17
N SER E 185 -23.66 19.10 -23.27
CA SER E 185 -23.94 19.92 -24.45
C SER E 185 -25.43 19.93 -24.78
N GLY E 186 -26.28 19.90 -23.75
CA GLY E 186 -27.72 19.88 -23.93
C GLY E 186 -28.37 21.23 -24.11
N SER E 187 -27.58 22.28 -24.39
CA SER E 187 -28.16 23.60 -24.59
C SER E 187 -28.89 23.73 -25.92
N ARG E 188 -28.51 22.93 -26.92
CA ARG E 188 -29.16 22.95 -28.22
C ARG E 188 -30.36 22.03 -28.31
N GLY E 189 -30.65 21.25 -27.26
CA GLY E 189 -31.79 20.37 -27.25
C GLY E 189 -31.42 18.92 -27.49
N TYR E 190 -30.70 18.32 -26.55
CA TYR E 190 -30.29 16.92 -26.63
C TYR E 190 -30.89 16.05 -25.54
N GLY E 191 -31.00 16.56 -24.32
CA GLY E 191 -31.53 15.78 -23.22
C GLY E 191 -33.04 15.66 -23.23
N LYS E 192 -33.70 16.20 -22.20
CA LYS E 192 -35.15 16.15 -22.05
C LYS E 192 -35.65 14.72 -22.04
N VAL E 193 -35.67 14.09 -20.87
CA VAL E 193 -36.12 12.71 -20.73
C VAL E 193 -37.62 12.69 -20.47
N ALA E 194 -38.17 11.48 -20.28
CA ALA E 194 -39.60 11.34 -20.02
C ALA E 194 -39.79 10.06 -19.22
N PHE E 195 -40.14 10.22 -17.93
CA PHE E 195 -40.35 9.07 -17.05
C PHE E 195 -41.70 8.44 -17.36
N GLU E 196 -41.67 7.29 -18.02
CA GLU E 196 -42.89 6.57 -18.39
C GLU E 196 -43.20 5.51 -17.34
N LYS E 197 -44.49 5.40 -17.01
CA LYS E 197 -44.98 4.43 -16.02
C LYS E 197 -44.29 4.64 -14.67
N LEU E 198 -44.50 5.82 -14.10
CA LEU E 198 -43.92 6.18 -12.81
C LEU E 198 -44.74 5.51 -11.72
N LYS E 199 -44.21 4.41 -11.18
CA LYS E 199 -44.88 3.67 -10.12
C LYS E 199 -43.89 3.35 -9.01
N ALA E 200 -44.41 3.01 -7.85
CA ALA E 200 -43.60 2.67 -6.69
C ALA E 200 -44.23 1.51 -5.95
N THR E 201 -43.42 0.50 -5.64
CA THR E 201 -43.87 -0.68 -4.93
C THR E 201 -42.95 -0.95 -3.74
N THR E 202 -43.36 -1.89 -2.90
CA THR E 202 -42.60 -2.27 -1.71
C THR E 202 -42.15 -3.72 -1.86
N VAL E 203 -40.89 -3.98 -1.52
CA VAL E 203 -40.31 -5.31 -1.60
C VAL E 203 -40.24 -5.98 -0.23
N PHE E 204 -39.76 -5.25 0.77
CA PHE E 204 -39.65 -5.82 2.11
C PHE E 204 -41.02 -6.00 2.75
N GLY E 205 -41.94 -5.07 2.50
CA GLY E 205 -43.28 -5.15 3.05
C GLY E 205 -43.38 -4.56 4.43
N ASN E 206 -43.55 -3.23 4.51
CA ASN E 206 -43.67 -2.57 5.79
C ASN E 206 -44.45 -1.26 5.72
N TYR E 207 -44.44 -0.55 4.60
CA TYR E 207 -45.16 0.71 4.47
C TYR E 207 -46.20 0.57 3.37
N ASP E 208 -47.42 0.99 3.67
CA ASP E 208 -48.51 0.85 2.71
C ASP E 208 -48.35 1.84 1.56
N VAL E 209 -48.92 1.48 0.42
CA VAL E 209 -48.84 2.29 -0.80
C VAL E 209 -50.19 2.99 -1.00
N LYS E 210 -50.14 4.32 -1.15
CA LYS E 210 -51.35 5.09 -1.37
C LYS E 210 -51.03 6.36 -2.18
N THR E 211 -49.84 6.91 -1.95
CA THR E 211 -49.41 8.13 -2.67
C THR E 211 -48.66 7.76 -3.95
N LEU E 212 -49.31 6.91 -4.75
CA LEU E 212 -48.70 6.45 -6.00
C LEU E 212 -48.55 7.60 -6.99
N ASN E 213 -49.56 8.45 -7.11
CA ASN E 213 -49.51 9.59 -8.02
C ASN E 213 -50.41 10.71 -7.53
N TYR G 3 34.67 -43.82 17.21
CA TYR G 3 34.50 -45.16 16.65
C TYR G 3 33.53 -45.14 15.46
N LYS G 4 32.36 -44.54 15.69
CA LYS G 4 31.35 -44.44 14.63
C LYS G 4 30.48 -43.23 14.93
N LEU G 5 30.56 -42.22 14.07
CA LEU G 5 29.79 -40.99 14.26
C LEU G 5 28.46 -41.07 13.51
N TYR G 6 27.45 -40.43 14.08
CA TYR G 6 26.10 -40.41 13.51
C TYR G 6 25.76 -38.96 13.17
N ILE G 7 25.97 -38.58 11.91
CA ILE G 7 25.72 -37.21 11.48
C ILE G 7 24.22 -36.95 11.41
N MET G 8 23.78 -35.85 12.02
CA MET G 8 22.38 -35.47 11.99
C MET G 8 22.29 -33.95 12.08
N THR G 9 21.43 -33.36 11.26
CA THR G 9 21.24 -31.92 11.22
C THR G 9 19.90 -31.55 11.85
N PHE G 10 19.83 -30.35 12.42
CA PHE G 10 18.63 -29.86 13.06
C PHE G 10 18.08 -28.65 12.31
N GLN G 11 16.77 -28.44 12.46
CA GLN G 11 16.11 -27.30 11.82
C GLN G 11 14.96 -26.86 12.71
N ASN G 12 15.04 -25.65 13.24
CA ASN G 12 14.04 -25.08 14.14
C ASN G 12 13.79 -26.00 15.33
N ALA G 13 14.82 -26.13 16.15
CA ALA G 13 14.81 -26.97 17.33
C ALA G 13 14.72 -26.12 18.59
N HIS G 14 14.85 -26.78 19.74
CA HIS G 14 14.77 -26.10 21.03
C HIS G 14 15.52 -26.92 22.07
N PHE G 15 16.44 -26.27 22.80
CA PHE G 15 17.23 -26.93 23.84
C PHE G 15 17.45 -25.90 24.96
N GLY G 16 16.61 -25.96 25.98
CA GLY G 16 16.73 -25.04 27.10
C GLY G 16 17.85 -25.43 28.04
N SER G 17 18.20 -24.48 28.91
CA SER G 17 19.27 -24.67 29.89
C SER G 17 18.96 -23.78 31.09
N GLY G 18 18.24 -24.33 32.06
CA GLY G 18 17.89 -23.59 33.25
C GLY G 18 16.44 -23.17 33.29
N THR G 19 15.97 -22.52 32.23
CA THR G 19 14.60 -22.06 32.15
C THR G 19 14.06 -22.34 30.75
N LEU G 20 12.74 -22.56 30.67
CA LEU G 20 12.13 -22.93 29.40
C LEU G 20 12.22 -21.81 28.36
N ASP G 21 12.19 -20.55 28.80
CA ASP G 21 12.21 -19.44 27.85
C ASP G 21 13.57 -19.30 27.18
N SER G 22 14.65 -19.64 27.88
CA SER G 22 15.99 -19.55 27.33
C SER G 22 16.32 -20.81 26.53
N SER G 23 17.31 -20.68 25.64
CA SER G 23 17.74 -21.79 24.81
C SER G 23 19.18 -21.56 24.38
N LYS G 24 19.88 -22.65 24.09
CA LYS G 24 21.26 -22.60 23.65
C LYS G 24 21.39 -23.30 22.29
N LEU G 25 22.54 -23.06 21.64
CA LEU G 25 22.77 -23.66 20.33
C LEU G 25 23.00 -25.16 20.44
N THR G 26 23.63 -25.61 21.52
CA THR G 26 23.89 -27.02 21.76
C THR G 26 23.14 -27.48 23.01
N PHE G 27 23.45 -28.70 23.46
CA PHE G 27 22.82 -29.25 24.64
C PHE G 27 23.78 -30.25 25.29
N SER G 28 23.53 -30.51 26.57
CA SER G 28 24.41 -31.39 27.34
C SER G 28 24.24 -32.85 26.88
N ALA G 29 25.18 -33.69 27.31
CA ALA G 29 25.19 -35.09 26.88
C ALA G 29 24.13 -35.92 27.58
N ASP G 30 23.60 -35.46 28.72
CA ASP G 30 22.58 -36.22 29.44
C ASP G 30 21.23 -36.21 28.75
N ARG G 31 21.04 -35.34 27.75
CA ARG G 31 19.76 -35.29 27.05
C ARG G 31 19.58 -36.49 26.12
N ILE G 32 20.66 -36.97 25.51
CA ILE G 32 20.56 -38.11 24.60
C ILE G 32 20.37 -39.40 25.38
N PHE G 33 21.10 -39.57 26.48
CA PHE G 33 20.99 -40.81 27.25
C PHE G 33 19.64 -40.93 27.93
N SER G 34 19.05 -39.82 28.36
CA SER G 34 17.76 -39.84 29.01
C SER G 34 16.60 -39.93 28.03
N ALA G 35 16.88 -39.96 26.72
CA ALA G 35 15.85 -40.04 25.69
C ALA G 35 15.68 -41.45 25.14
N LEU G 36 16.79 -42.16 24.89
CA LEU G 36 16.69 -43.52 24.37
C LEU G 36 16.15 -44.49 25.41
N VAL G 37 16.43 -44.24 26.69
CA VAL G 37 15.90 -45.10 27.74
C VAL G 37 14.40 -44.89 27.92
N LEU G 38 13.94 -43.65 27.76
CA LEU G 38 12.51 -43.36 27.93
C LEU G 38 11.68 -43.99 26.82
N GLU G 39 12.22 -44.03 25.60
CA GLU G 39 11.50 -44.61 24.47
C GLU G 39 11.72 -46.11 24.34
N SER G 40 12.64 -46.69 25.11
CA SER G 40 12.87 -48.13 25.04
C SER G 40 11.71 -48.91 25.66
N LEU G 41 11.03 -48.34 26.65
CA LEU G 41 9.90 -49.02 27.26
C LEU G 41 8.68 -49.01 26.34
N LYS G 42 8.56 -47.99 25.49
CA LYS G 42 7.41 -47.93 24.58
C LYS G 42 7.55 -48.95 23.45
N MET G 43 8.77 -49.36 23.14
CA MET G 43 8.98 -50.34 22.07
C MET G 43 8.83 -51.77 22.58
N GLY G 44 9.49 -52.09 23.68
CA GLY G 44 9.40 -53.42 24.26
C GLY G 44 10.76 -54.06 24.50
N LYS G 45 11.73 -53.26 24.93
CA LYS G 45 13.06 -53.76 25.19
C LYS G 45 13.79 -52.88 26.20
N LEU G 46 13.09 -52.45 27.24
CA LEU G 46 13.71 -51.61 28.26
C LEU G 46 14.75 -52.39 29.05
N ASP G 47 14.52 -53.67 29.28
CA ASP G 47 15.47 -54.50 30.02
C ASP G 47 16.68 -54.88 29.19
N ALA G 48 16.61 -54.75 27.87
CA ALA G 48 17.74 -55.10 27.01
C ALA G 48 18.80 -54.01 26.99
N PHE G 49 18.37 -52.74 26.99
CA PHE G 49 19.33 -51.64 26.97
C PHE G 49 19.93 -51.38 28.34
N LEU G 50 19.29 -51.85 29.41
CA LEU G 50 19.83 -51.65 30.75
C LEU G 50 21.13 -52.42 30.95
N ALA G 51 21.23 -53.61 30.37
CA ALA G 51 22.42 -54.44 30.46
C ALA G 51 23.47 -54.09 29.40
N GLU G 52 23.24 -53.03 28.63
CA GLU G 52 24.17 -52.61 27.59
C GLU G 52 24.90 -51.32 27.91
N ALA G 53 24.24 -50.37 28.57
CA ALA G 53 24.88 -49.11 28.91
C ALA G 53 25.99 -49.30 29.94
N ASN G 54 25.85 -50.29 30.82
CA ASN G 54 26.84 -50.57 31.86
C ASN G 54 27.87 -51.60 31.41
N GLN G 55 28.36 -51.49 30.17
CA GLN G 55 29.34 -52.42 29.63
C GLN G 55 30.67 -51.75 29.32
N ASP G 56 30.94 -50.61 29.95
CA ASP G 56 32.21 -49.89 29.82
C ASP G 56 32.45 -49.39 28.41
N LYS G 57 32.51 -50.29 27.42
CA LYS G 57 32.83 -49.89 26.06
C LYS G 57 31.72 -49.06 25.41
N PHE G 58 30.50 -49.10 25.95
CA PHE G 58 29.39 -48.36 25.39
C PHE G 58 29.38 -46.95 25.97
N THR G 59 29.39 -45.95 25.10
CA THR G 59 29.43 -44.55 25.53
C THR G 59 28.78 -43.69 24.46
N LEU G 60 28.58 -42.42 24.81
CA LEU G 60 27.99 -41.44 23.92
C LEU G 60 28.81 -40.16 23.96
N THR G 61 28.60 -39.29 22.98
CA THR G 61 29.30 -38.03 22.89
C THR G 61 28.30 -36.88 22.83
N ASP G 62 28.80 -35.67 23.07
CA ASP G 62 27.96 -34.49 23.06
C ASP G 62 27.64 -34.08 21.61
N ALA G 63 26.79 -33.08 21.46
CA ALA G 63 26.40 -32.58 20.14
C ALA G 63 27.48 -31.64 19.63
N PHE G 64 28.30 -32.11 18.69
CA PHE G 64 29.37 -31.29 18.14
C PHE G 64 28.99 -30.80 16.75
N PRO G 65 29.26 -29.53 16.42
CA PRO G 65 28.89 -29.01 15.11
C PRO G 65 29.63 -29.73 13.98
N PHE G 66 29.03 -29.69 12.79
CA PHE G 66 29.59 -30.33 11.61
C PHE G 66 29.27 -29.46 10.40
N GLN G 67 30.26 -28.68 9.96
CA GLN G 67 30.13 -27.81 8.78
C GLN G 67 31.33 -28.10 7.88
N PHE G 68 31.15 -29.07 6.98
CA PHE G 68 32.24 -29.52 6.09
C PHE G 68 33.45 -29.97 6.90
N GLY G 69 33.20 -30.67 8.01
CA GLY G 69 34.26 -31.13 8.88
C GLY G 69 33.82 -31.15 10.32
N PRO G 70 34.26 -32.19 11.06
CA PRO G 70 33.87 -32.29 12.47
C PRO G 70 34.54 -31.21 13.31
N PHE G 71 33.82 -30.75 14.33
CA PHE G 71 34.31 -29.72 15.24
C PHE G 71 34.50 -30.29 16.64
N LEU G 72 35.45 -29.71 17.36
CA LEU G 72 35.77 -30.10 18.72
C LEU G 72 35.82 -28.89 19.63
N PRO G 73 35.45 -29.05 20.90
CA PRO G 73 35.48 -27.91 21.83
C PRO G 73 36.90 -27.42 22.06
N LYS G 74 36.98 -26.19 22.55
CA LYS G 74 38.27 -25.59 22.85
C LYS G 74 38.81 -26.12 24.18
N PRO G 75 40.13 -26.23 24.31
CA PRO G 75 40.71 -26.71 25.57
C PRO G 75 40.60 -25.64 26.66
N ILE G 76 40.05 -26.03 27.80
CA ILE G 76 39.89 -25.10 28.91
C ILE G 76 41.25 -24.83 29.55
N GLY G 77 41.59 -23.55 29.69
CA GLY G 77 42.86 -23.15 30.27
C GLY G 77 44.03 -23.12 29.32
N TYR G 78 43.87 -23.61 28.09
CA TYR G 78 44.93 -23.62 27.12
C TYR G 78 44.71 -22.55 26.06
N PRO G 79 45.77 -21.85 25.61
CA PRO G 79 47.15 -22.04 26.07
C PRO G 79 47.43 -21.31 27.39
N LYS G 80 48.64 -21.50 27.92
CA LYS G 80 49.03 -20.86 29.17
C LYS G 80 49.55 -19.46 28.89
N HIS G 81 50.23 -18.85 29.86
CA HIS G 81 50.78 -17.51 29.72
C HIS G 81 52.19 -17.62 29.14
N ASP G 82 52.24 -17.81 27.82
CA ASP G 82 53.51 -17.91 27.10
C ASP G 82 53.35 -17.46 25.66
N GLN G 83 52.16 -17.62 25.11
CA GLN G 83 51.86 -17.21 23.75
C GLN G 83 51.12 -15.88 23.78
N ILE G 84 51.68 -14.89 23.07
CA ILE G 84 51.08 -13.56 23.02
C ILE G 84 50.45 -13.25 21.67
N ASP G 85 50.84 -13.97 20.61
CA ASP G 85 50.30 -13.79 19.26
C ASP G 85 50.49 -12.36 18.76
N GLN G 86 51.65 -12.07 18.19
CA GLN G 86 51.98 -10.77 17.63
C GLN G 86 51.88 -9.67 18.68
N SER G 87 52.98 -9.43 19.40
CA SER G 87 53.01 -8.40 20.44
C SER G 87 53.13 -7.03 19.78
N VAL G 88 52.07 -6.23 19.87
CA VAL G 88 52.07 -4.88 19.30
C VAL G 88 51.77 -3.87 20.40
N ASP G 89 50.60 -4.00 21.03
CA ASP G 89 50.19 -3.10 22.09
C ASP G 89 49.38 -3.87 23.12
N VAL G 90 49.35 -3.34 24.35
CA VAL G 90 48.62 -4.00 25.42
C VAL G 90 47.10 -3.98 25.17
N LYS G 91 46.61 -3.01 24.39
CA LYS G 91 45.18 -2.96 24.11
C LYS G 91 44.79 -3.99 23.04
N GLU G 92 45.65 -4.21 22.05
CA GLU G 92 45.33 -5.16 21.00
C GLU G 92 45.41 -6.60 21.50
N VAL G 93 46.32 -6.88 22.44
CA VAL G 93 46.45 -8.25 22.96
C VAL G 93 45.30 -8.56 23.92
N ARG G 94 44.88 -7.58 24.72
CA ARG G 94 43.81 -7.80 25.67
C ARG G 94 42.44 -7.91 25.01
N ARG G 95 42.23 -7.21 23.89
CA ARG G 95 40.95 -7.24 23.21
C ARG G 95 40.74 -8.53 22.43
N GLN G 96 41.82 -9.22 22.04
CA GLN G 96 41.71 -10.47 21.30
C GLN G 96 41.69 -11.70 22.19
N ALA G 97 42.02 -11.55 23.48
CA ALA G 97 41.98 -12.69 24.39
C ALA G 97 40.54 -13.08 24.73
N LYS G 98 39.61 -12.11 24.71
CA LYS G 98 38.22 -12.43 24.98
C LYS G 98 37.55 -13.15 23.82
N LEU G 99 38.07 -12.99 22.60
CA LEU G 99 37.49 -13.67 21.45
C LEU G 99 37.60 -15.19 21.60
N SER G 100 38.71 -15.67 22.18
CA SER G 100 38.85 -17.10 22.42
C SER G 100 37.99 -17.58 23.58
N LYS G 101 37.65 -16.69 24.50
CA LYS G 101 36.79 -17.08 25.62
C LYS G 101 35.35 -17.29 25.16
N LYS G 102 34.86 -16.44 24.26
CA LYS G 102 33.52 -16.59 23.73
C LYS G 102 33.42 -17.66 22.66
N LEU G 103 34.54 -18.27 22.28
CA LEU G 103 34.52 -19.33 21.27
C LEU G 103 33.86 -20.59 21.83
N GLN G 104 33.15 -21.31 20.97
CA GLN G 104 32.43 -22.51 21.37
C GLN G 104 33.13 -23.79 20.95
N PHE G 105 33.46 -23.92 19.66
CA PHE G 105 34.06 -25.14 19.14
C PHE G 105 35.13 -24.79 18.12
N LEU G 106 36.17 -25.61 18.08
CA LEU G 106 37.29 -25.45 17.15
C LEU G 106 37.20 -26.49 16.05
N ALA G 107 37.90 -26.23 14.95
CA ALA G 107 37.91 -27.14 13.82
C ALA G 107 38.80 -28.35 14.11
N LEU G 108 38.64 -29.38 13.28
CA LEU G 108 39.43 -30.60 13.45
C LEU G 108 40.88 -30.41 13.05
N GLU G 109 41.18 -29.43 12.20
CA GLU G 109 42.54 -29.16 11.77
C GLU G 109 43.25 -28.14 12.64
N ASN G 110 42.53 -27.44 13.52
CA ASN G 110 43.11 -26.45 14.41
C ASN G 110 43.32 -26.97 15.82
N VAL G 111 43.23 -28.29 16.02
CA VAL G 111 43.45 -28.85 17.35
C VAL G 111 44.92 -28.84 17.74
N ASP G 112 45.82 -28.70 16.76
CA ASP G 112 47.25 -28.65 17.04
C ASP G 112 47.84 -27.25 16.88
N ASP G 113 47.23 -26.40 16.05
CA ASP G 113 47.73 -25.05 15.86
C ASP G 113 47.25 -24.09 16.94
N TYR G 114 46.16 -24.41 17.64
CA TYR G 114 45.68 -23.55 18.72
C TYR G 114 46.61 -23.60 19.93
N LEU G 115 47.26 -24.73 20.16
CA LEU G 115 48.17 -24.87 21.28
C LEU G 115 49.53 -24.21 21.02
N ASN G 116 49.82 -23.85 19.77
CA ASN G 116 51.10 -23.22 19.43
C ASN G 116 51.03 -21.71 19.43
N GLY G 117 49.85 -21.13 19.21
CA GLY G 117 49.71 -19.68 19.21
C GLY G 117 48.88 -19.17 18.06
N GLU G 118 47.55 -19.25 18.20
CA GLU G 118 46.64 -18.77 17.16
C GLU G 118 45.31 -18.44 17.80
N LEU G 119 44.81 -17.23 17.54
CA LEU G 119 43.54 -16.76 18.09
C LEU G 119 42.70 -16.21 16.95
N PHE G 120 41.44 -16.64 16.88
CA PHE G 120 40.52 -16.18 15.84
C PHE G 120 39.10 -16.29 16.36
N GLU G 121 38.20 -15.54 15.70
CA GLU G 121 36.80 -15.55 16.08
C GLU G 121 36.11 -16.80 15.55
N ASN G 122 35.19 -17.34 16.35
CA ASN G 122 34.45 -18.53 15.96
C ASN G 122 33.54 -18.24 14.77
N GLU G 123 33.33 -19.26 13.95
CA GLU G 123 32.47 -19.11 12.79
C GLU G 123 31.01 -19.00 13.20
N GLU G 124 30.29 -18.09 12.54
CA GLU G 124 28.87 -17.89 12.83
C GLU G 124 28.07 -19.10 12.36
N HIS G 125 27.67 -19.95 13.30
CA HIS G 125 26.90 -21.15 12.98
C HIS G 125 25.43 -20.83 12.76
N ALA G 126 24.78 -20.24 13.75
CA ALA G 126 23.36 -19.90 13.65
C ALA G 126 23.07 -18.73 14.57
N VAL G 127 21.87 -18.17 14.41
CA VAL G 127 21.41 -17.05 15.22
C VAL G 127 20.26 -17.52 16.10
N ILE G 128 20.15 -16.92 17.28
CA ILE G 128 19.13 -17.27 18.25
C ILE G 128 17.86 -16.49 17.91
N ASP G 129 16.81 -17.20 17.52
CA ASP G 129 15.52 -16.61 17.19
C ASP G 129 14.45 -17.15 18.13
N THR G 130 13.49 -16.30 18.46
CA THR G 130 12.42 -16.65 19.38
C THR G 130 11.06 -16.54 18.70
N VAL G 131 10.09 -17.25 19.27
CA VAL G 131 8.71 -17.22 18.80
C VAL G 131 7.80 -16.94 20.00
N THR G 132 6.61 -16.46 19.71
CA THR G 132 5.64 -16.09 20.74
C THR G 132 4.36 -16.89 20.59
N LYS G 133 3.76 -17.22 21.73
CA LYS G 133 2.49 -17.93 21.77
C LYS G 133 1.65 -17.37 22.91
N ASN G 134 0.36 -17.71 22.91
CA ASN G 134 -0.55 -17.24 23.93
C ASN G 134 -1.70 -18.24 24.05
N GLN G 135 -2.78 -17.81 24.70
CA GLN G 135 -3.97 -18.64 24.88
C GLN G 135 -5.19 -17.73 25.02
N PRO G 136 -6.14 -17.81 24.08
CA PRO G 136 -7.27 -16.86 24.13
C PRO G 136 -8.26 -17.14 25.24
N HIS G 137 -8.52 -18.41 25.54
CA HIS G 137 -9.54 -18.78 26.53
C HIS G 137 -8.92 -19.03 27.91
N LYS G 138 -7.96 -18.19 28.30
CA LYS G 138 -7.36 -18.29 29.62
C LYS G 138 -6.78 -16.95 30.05
N ASP G 139 -7.65 -15.96 30.26
CA ASP G 139 -7.27 -14.62 30.73
C ASP G 139 -6.29 -13.93 29.79
N GLY G 140 -6.18 -14.39 28.55
CA GLY G 140 -5.27 -13.78 27.60
C GLY G 140 -3.81 -13.87 27.97
N ASN G 141 -3.41 -14.91 28.69
CA ASN G 141 -2.02 -15.08 29.08
C ASN G 141 -1.16 -15.44 27.87
N LEU G 142 0.15 -15.26 28.03
CA LEU G 142 1.09 -15.55 26.97
C LEU G 142 2.44 -15.94 27.57
N TYR G 143 3.30 -16.51 26.74
CA TYR G 143 4.63 -16.92 27.14
C TYR G 143 5.58 -16.76 25.96
N GLN G 144 6.88 -16.77 26.26
CA GLN G 144 7.92 -16.59 25.25
C GLN G 144 8.90 -17.75 25.32
N VAL G 145 9.20 -18.33 24.15
CA VAL G 145 10.16 -19.42 24.04
C VAL G 145 11.11 -19.10 22.89
N ALA G 146 12.32 -19.65 22.97
CA ALA G 146 13.35 -19.44 21.97
C ALA G 146 13.55 -20.70 21.14
N THR G 147 13.99 -20.51 19.90
CA THR G 147 14.24 -21.60 18.97
C THR G 147 15.66 -21.49 18.44
N THR G 148 16.09 -22.55 17.74
CA THR G 148 17.42 -22.61 17.14
C THR G 148 17.28 -22.96 15.67
N ARG G 149 17.49 -21.98 14.80
CA ARG G 149 17.39 -22.16 13.36
C ARG G 149 18.80 -22.19 12.79
N PHE G 150 19.27 -23.38 12.42
CA PHE G 150 20.61 -23.52 11.86
C PHE G 150 20.65 -22.99 10.43
N SER G 151 21.85 -22.60 9.99
CA SER G 151 22.06 -22.08 8.65
C SER G 151 23.49 -22.36 8.22
N ASN G 152 23.77 -22.07 6.95
CA ASN G 152 25.09 -22.28 6.35
C ASN G 152 25.54 -23.73 6.48
N ASP G 153 24.60 -24.66 6.32
CA ASP G 153 24.86 -26.10 6.41
C ASP G 153 25.48 -26.45 7.76
N THR G 154 24.71 -26.21 8.81
CA THR G 154 25.13 -26.49 10.19
C THR G 154 24.48 -27.80 10.62
N SER G 155 25.31 -28.83 10.84
CA SER G 155 24.84 -30.14 11.25
C SER G 155 25.57 -30.57 12.51
N LEU G 156 25.10 -31.66 13.11
CA LEU G 156 25.67 -32.21 14.33
C LEU G 156 26.03 -33.68 14.09
N TYR G 157 26.74 -34.26 15.06
CA TYR G 157 27.12 -35.66 14.99
C TYR G 157 27.40 -36.17 16.39
N VAL G 158 27.05 -37.43 16.63
CA VAL G 158 27.29 -38.10 17.89
C VAL G 158 28.04 -39.39 17.62
N ILE G 159 29.05 -39.68 18.45
CA ILE G 159 29.88 -40.86 18.29
C ILE G 159 29.48 -41.89 19.34
N ALA G 160 29.20 -43.11 18.90
CA ALA G 160 28.79 -44.18 19.79
C ALA G 160 29.46 -45.46 19.31
N ASN G 161 28.95 -46.61 19.75
CA ASN G 161 29.48 -47.91 19.40
C ASN G 161 28.56 -48.60 18.41
N GLU G 162 29.16 -49.33 17.46
CA GLU G 162 28.42 -50.04 16.44
C GLU G 162 27.91 -51.37 17.00
N SER G 163 26.61 -51.59 16.90
CA SER G 163 25.99 -52.82 17.39
C SER G 163 24.70 -53.05 16.61
N ASP G 164 24.07 -54.19 16.85
CA ASP G 164 22.84 -54.57 16.18
C ASP G 164 21.60 -54.26 17.01
N LEU G 165 21.66 -53.24 17.88
CA LEU G 165 20.52 -52.87 18.71
C LEU G 165 20.43 -51.36 18.83
N LEU G 166 21.57 -50.67 18.81
CA LEU G 166 21.57 -49.22 18.92
C LEU G 166 21.10 -48.55 17.63
N ASN G 167 21.34 -49.19 16.49
CA ASN G 167 20.95 -48.59 15.21
C ASN G 167 19.43 -48.59 15.03
N GLU G 168 18.73 -49.50 15.73
CA GLU G 168 17.27 -49.55 15.62
C GLU G 168 16.58 -48.62 16.61
N LEU G 169 17.19 -48.35 17.76
CA LEU G 169 16.57 -47.46 18.73
C LEU G 169 16.63 -46.01 18.28
N MET G 170 17.72 -45.61 17.63
CA MET G 170 17.87 -44.25 17.11
C MET G 170 17.17 -44.04 15.78
N SER G 171 16.64 -45.10 15.16
CA SER G 171 15.94 -44.95 13.89
C SER G 171 14.59 -44.28 14.07
N SER G 172 13.97 -44.43 15.24
CA SER G 172 12.69 -43.81 15.54
C SER G 172 12.82 -42.47 16.24
N LEU G 173 14.02 -42.11 16.70
CA LEU G 173 14.21 -40.83 17.37
C LEU G 173 14.12 -39.67 16.41
N GLN G 174 14.47 -39.88 15.14
CA GLN G 174 14.40 -38.81 14.14
C GLN G 174 12.97 -38.44 13.79
N TYR G 175 12.00 -39.29 14.10
CA TYR G 175 10.59 -39.03 13.86
C TYR G 175 9.80 -39.02 15.18
N SER G 176 10.41 -38.46 16.22
CA SER G 176 9.76 -38.42 17.52
C SER G 176 10.15 -37.22 18.37
N GLY G 177 10.99 -36.31 17.88
CA GLY G 177 11.41 -35.17 18.65
C GLY G 177 12.58 -35.48 19.58
N LEU G 178 13.31 -34.43 19.94
CA LEU G 178 14.48 -34.58 20.80
C LEU G 178 14.73 -33.23 21.49
N GLY G 179 14.30 -33.13 22.75
CA GLY G 179 14.51 -31.93 23.53
C GLY G 179 13.57 -30.81 23.15
N GLY G 180 13.40 -29.88 24.08
CA GLY G 180 12.53 -28.74 23.84
C GLY G 180 11.06 -29.12 23.77
N LYS G 181 10.30 -28.28 23.08
CA LYS G 181 8.87 -28.52 22.90
C LYS G 181 8.64 -29.68 21.95
N ARG G 182 8.53 -30.89 22.50
CA ARG G 182 8.35 -32.07 21.66
C ARG G 182 6.94 -32.13 21.08
N SER G 183 5.96 -31.56 21.77
CA SER G 183 4.57 -31.59 21.32
C SER G 183 4.26 -30.45 20.36
N SER G 184 5.13 -30.28 19.35
CA SER G 184 4.94 -29.24 18.35
C SER G 184 5.73 -29.57 17.08
N GLY G 185 6.91 -30.17 17.24
CA GLY G 185 7.75 -30.51 16.11
C GLY G 185 9.14 -29.93 16.22
N PHE G 186 9.58 -29.64 17.45
CA PHE G 186 10.89 -29.06 17.70
C PHE G 186 11.83 -30.19 18.15
N GLY G 187 12.24 -31.00 17.18
CA GLY G 187 13.14 -32.10 17.47
C GLY G 187 13.30 -33.09 16.34
N ARG G 188 12.52 -32.92 15.28
CA ARG G 188 12.61 -33.82 14.14
C ARG G 188 13.89 -33.56 13.34
N PHE G 189 14.58 -34.63 12.99
CA PHE G 189 15.83 -34.53 12.24
C PHE G 189 15.93 -35.71 11.29
N GLU G 190 17.09 -35.86 10.65
CA GLU G 190 17.34 -36.95 9.72
C GLU G 190 18.68 -37.58 10.06
N LEU G 191 18.70 -38.89 10.24
CA LEU G 191 19.91 -39.61 10.60
C LEU G 191 20.69 -39.99 9.35
N ASP G 192 21.91 -39.46 9.22
CA ASP G 192 22.79 -39.76 8.10
C ASP G 192 23.82 -40.78 8.59
N ILE G 193 23.61 -42.04 8.22
CA ILE G 193 24.48 -43.12 8.67
C ILE G 193 25.76 -43.13 7.84
N GLN G 194 26.88 -43.45 8.51
CA GLN G 194 28.18 -43.54 7.85
C GLN G 194 28.97 -44.67 8.48
N ASN G 195 30.04 -45.07 7.80
CA ASN G 195 30.88 -46.18 8.25
C ASN G 195 32.27 -45.72 8.67
N ILE G 196 32.99 -45.03 7.79
CA ILE G 196 34.35 -44.58 8.07
C ILE G 196 34.26 -43.17 8.67
N PRO G 197 34.68 -42.97 9.93
CA PRO G 197 34.63 -41.62 10.51
C PRO G 197 35.67 -40.70 9.88
N LEU G 198 36.86 -40.64 10.47
CA LEU G 198 37.94 -39.80 9.95
C LEU G 198 39.24 -40.28 10.56
N GLU G 199 40.31 -40.26 9.77
CA GLU G 199 41.59 -40.82 10.21
C GLU G 199 42.25 -39.99 11.30
N LEU G 200 41.87 -38.71 11.44
CA LEU G 200 42.47 -37.86 12.47
C LEU G 200 41.71 -37.93 13.79
N SER G 201 40.40 -38.08 13.74
CA SER G 201 39.57 -38.17 14.96
C SER G 201 39.47 -39.61 15.46
N ASP G 202 40.61 -40.21 15.77
CA ASP G 202 40.68 -41.56 16.29
C ASP G 202 41.55 -41.64 17.55
N ARG G 203 41.68 -40.52 18.26
CA ARG G 203 42.50 -40.45 19.46
C ARG G 203 41.71 -40.68 20.73
N LEU G 204 40.55 -41.34 20.64
CA LEU G 204 39.72 -41.61 21.80
C LEU G 204 40.28 -42.81 22.55
N THR G 205 40.84 -42.57 23.73
CA THR G 205 41.42 -43.62 24.55
C THR G 205 40.91 -43.50 25.98
N LYS G 206 40.98 -44.61 26.71
CA LYS G 206 40.54 -44.65 28.10
C LYS G 206 41.48 -45.50 28.96
N ASN G 207 42.76 -45.52 28.61
CA ASN G 207 43.74 -46.30 29.37
C ASN G 207 44.87 -45.41 29.88
N HIS G 208 45.78 -45.02 29.00
CA HIS G 208 46.89 -44.18 29.41
C HIS G 208 46.43 -42.76 29.68
N SER G 209 47.24 -42.02 30.43
CA SER G 209 46.95 -40.64 30.82
C SER G 209 48.15 -39.77 30.40
N ASP G 210 48.04 -39.13 29.25
CA ASP G 210 49.07 -38.24 28.72
C ASP G 210 48.43 -36.89 28.38
N LYS G 211 48.08 -36.13 29.42
CA LYS G 211 47.42 -34.83 29.29
C LYS G 211 46.13 -34.96 28.47
N VAL G 212 45.20 -35.75 29.01
CA VAL G 212 43.93 -36.02 28.35
C VAL G 212 42.97 -34.86 28.57
N MET G 213 41.77 -34.97 28.01
CA MET G 213 40.75 -33.94 28.13
C MET G 213 39.39 -34.60 28.23
N SER G 214 38.69 -34.38 29.34
CA SER G 214 37.38 -34.99 29.56
C SER G 214 36.29 -34.12 28.96
N LEU G 215 35.31 -34.78 28.34
CA LEU G 215 34.19 -34.11 27.68
C LEU G 215 32.89 -34.73 28.17
N THR G 216 31.78 -34.26 27.60
CA THR G 216 30.44 -34.78 27.87
C THR G 216 30.11 -34.74 29.36
N THR G 217 30.50 -33.64 30.02
CA THR G 217 30.26 -33.41 31.43
C THR G 217 30.77 -34.56 32.30
N ALA G 218 32.03 -34.47 32.71
CA ALA G 218 32.63 -35.54 33.51
C ALA G 218 32.00 -35.60 34.90
N LEU G 219 32.26 -36.71 35.59
CA LEU G 219 31.76 -36.92 36.94
C LEU G 219 32.66 -37.95 37.62
N PRO G 220 33.60 -37.50 38.45
CA PRO G 220 34.52 -38.45 39.10
C PRO G 220 33.80 -39.35 40.08
N VAL G 221 34.44 -40.48 40.38
CA VAL G 221 33.90 -41.45 41.32
C VAL G 221 34.39 -41.10 42.72
N ASP G 222 33.69 -41.64 43.73
CA ASP G 222 34.05 -41.37 45.11
C ASP G 222 35.44 -41.88 45.47
N ALA G 223 35.93 -42.91 44.77
CA ALA G 223 37.25 -43.45 45.01
C ALA G 223 38.34 -42.70 44.27
N ASP G 224 37.99 -41.72 43.44
CA ASP G 224 38.96 -40.94 42.69
C ASP G 224 38.42 -39.55 42.39
N LEU G 225 38.47 -38.66 43.39
CA LEU G 225 37.96 -37.31 43.24
C LEU G 225 39.09 -36.28 43.31
N GLU G 226 39.65 -36.03 44.50
CA GLU G 226 40.73 -35.06 44.63
C GLU G 226 42.03 -35.54 43.99
N GLU G 227 42.20 -36.86 43.83
CA GLU G 227 43.42 -37.37 43.22
C GLU G 227 43.57 -36.91 41.78
N ALA G 228 42.46 -36.73 41.07
CA ALA G 228 42.47 -36.27 39.69
C ALA G 228 41.99 -34.84 39.53
N MET G 229 41.56 -34.19 40.61
CA MET G 229 41.10 -32.81 40.55
C MET G 229 42.22 -31.80 40.74
N GLU G 230 43.25 -32.15 41.50
CA GLU G 230 44.37 -31.24 41.75
C GLU G 230 45.11 -30.96 40.45
N ASP G 231 45.42 -29.69 40.21
CA ASP G 231 46.13 -29.23 39.00
C ASP G 231 45.35 -29.62 37.75
N GLY G 232 44.22 -28.93 37.57
CA GLY G 232 43.36 -29.19 36.42
C GLY G 232 42.57 -27.95 36.06
N HIS G 233 41.85 -28.07 34.94
CA HIS G 233 41.02 -26.98 34.41
C HIS G 233 39.62 -27.51 34.17
N TYR G 234 38.62 -26.86 34.77
CA TYR G 234 37.24 -27.28 34.64
C TYR G 234 36.33 -26.07 34.79
N LEU G 235 35.03 -26.31 34.69
CA LEU G 235 34.04 -25.24 34.82
C LEU G 235 32.72 -25.88 35.22
N LEU G 236 32.21 -25.53 36.40
CA LEU G 236 30.97 -26.11 36.89
C LEU G 236 29.78 -25.52 36.16
N THR G 237 28.81 -26.37 35.81
CA THR G 237 27.62 -25.93 35.10
C THR G 237 26.38 -26.17 35.94
N LYS G 238 25.26 -26.50 35.28
CA LYS G 238 23.99 -26.74 35.95
C LYS G 238 23.05 -27.46 35.01
N SER G 239 22.45 -28.55 35.51
CA SER G 239 21.52 -29.35 34.70
C SER G 239 20.59 -30.08 35.64
N SER G 240 19.30 -29.73 35.60
CA SER G 240 18.29 -30.35 36.43
C SER G 240 16.93 -30.15 35.77
N GLY G 241 15.86 -30.33 36.54
CA GLY G 241 14.51 -30.17 36.04
C GLY G 241 13.57 -31.20 36.64
N PHE G 242 12.28 -30.99 36.36
CA PHE G 242 11.26 -31.89 36.86
C PHE G 242 11.33 -33.24 36.14
N ALA G 243 11.04 -34.30 36.88
CA ALA G 243 11.06 -35.64 36.31
C ALA G 243 9.84 -35.87 35.41
N PHE G 244 9.90 -36.95 34.64
CA PHE G 244 8.85 -37.32 33.71
C PHE G 244 8.56 -38.81 33.86
N SER G 245 7.56 -39.13 34.68
CA SER G 245 7.15 -40.51 34.92
C SER G 245 5.67 -40.65 34.56
N HIS G 246 5.18 -41.89 34.65
CA HIS G 246 3.80 -42.21 34.32
C HIS G 246 3.02 -42.79 35.49
N ALA G 247 3.58 -42.77 36.70
CA ALA G 247 2.93 -43.31 37.89
C ALA G 247 3.54 -42.64 39.12
N THR G 248 3.15 -41.39 39.34
CA THR G 248 3.65 -40.61 40.48
C THR G 248 2.59 -39.65 40.99
N ASN G 249 1.77 -39.12 40.07
CA ASN G 249 0.73 -38.14 40.38
C ASN G 249 1.30 -36.87 41.01
N GLU G 250 2.56 -36.56 40.75
CA GLU G 250 3.19 -35.37 41.31
C GLU G 250 4.45 -35.00 40.53
N ASN G 251 5.16 -36.01 40.03
CA ASN G 251 6.41 -35.81 39.30
C ASN G 251 7.41 -35.02 40.14
N TYR G 252 8.14 -35.71 41.02
CA TYR G 252 9.05 -35.04 41.93
C TYR G 252 10.24 -34.44 41.19
N ARG G 253 10.89 -33.48 41.84
CA ARG G 253 12.03 -32.78 41.25
C ARG G 253 13.30 -33.62 41.40
N LYS G 254 14.03 -33.77 40.30
CA LYS G 254 15.30 -34.47 40.33
C LYS G 254 16.35 -33.62 41.05
N GLN G 255 17.23 -34.30 41.79
CA GLN G 255 18.26 -33.60 42.54
C GLN G 255 19.29 -32.98 41.59
N ASP G 256 19.92 -31.91 42.06
CA ASP G 256 20.92 -31.21 41.25
C ASP G 256 22.17 -32.06 41.10
N LEU G 257 22.77 -32.00 39.90
CA LEU G 257 24.00 -32.75 39.59
C LEU G 257 24.94 -31.79 38.87
N TYR G 258 25.63 -30.96 39.65
CA TYR G 258 26.57 -29.98 39.10
C TYR G 258 27.78 -30.72 38.56
N LYS G 259 27.77 -31.00 37.27
CA LYS G 259 28.85 -31.70 36.60
C LYS G 259 29.86 -30.67 36.08
N PHE G 260 30.53 -30.97 34.97
CA PHE G 260 31.51 -30.10 34.37
C PHE G 260 31.04 -29.66 32.98
N ALA G 261 31.98 -29.22 32.15
CA ALA G 261 31.69 -28.76 30.80
C ALA G 261 32.40 -29.66 29.79
N SER G 262 32.04 -29.47 28.52
CA SER G 262 32.62 -30.24 27.43
C SER G 262 33.97 -29.62 27.05
N GLY G 263 35.04 -30.34 27.30
CA GLY G 263 36.37 -29.89 27.00
C GLY G 263 37.27 -29.59 28.20
N SER G 264 36.98 -30.16 29.36
CA SER G 264 37.78 -29.91 30.55
C SER G 264 39.05 -30.76 30.52
N THR G 265 40.18 -30.14 30.86
CA THR G 265 41.47 -30.79 30.88
C THR G 265 41.88 -31.09 32.31
N PHE G 266 42.08 -32.36 32.62
CA PHE G 266 42.51 -32.81 33.94
C PHE G 266 43.95 -33.30 33.83
N SER G 267 44.29 -34.51 34.27
CA SER G 267 45.65 -35.00 34.18
C SER G 267 45.68 -36.52 34.11
N LYS G 268 44.80 -37.19 34.85
CA LYS G 268 44.72 -38.64 34.91
C LYS G 268 43.46 -39.12 34.21
N THR G 269 43.20 -40.42 34.31
CA THR G 269 42.05 -41.05 33.68
C THR G 269 41.00 -41.38 34.73
N PHE G 270 39.76 -41.01 34.45
CA PHE G 270 38.66 -41.26 35.37
C PHE G 270 38.13 -42.69 35.15
N GLU G 271 36.96 -42.98 35.70
CA GLU G 271 36.33 -44.29 35.57
C GLU G 271 34.95 -44.22 34.95
N GLY G 272 34.11 -43.29 35.40
CA GLY G 272 32.77 -43.16 34.86
C GLY G 272 31.78 -44.12 35.48
N GLN G 273 30.78 -43.59 36.17
CA GLN G 273 29.75 -44.39 36.82
C GLN G 273 28.38 -43.88 36.38
N ILE G 274 27.34 -44.56 36.88
CA ILE G 274 25.95 -44.20 36.58
C ILE G 274 25.27 -43.88 37.90
N VAL G 275 24.98 -42.59 38.11
CA VAL G 275 24.32 -42.17 39.35
C VAL G 275 22.81 -42.35 39.20
N ASP G 276 22.17 -42.72 40.30
CA ASP G 276 20.72 -42.93 40.34
C ASP G 276 20.08 -41.77 41.09
N VAL G 277 19.11 -41.13 40.47
CA VAL G 277 18.40 -39.99 41.05
C VAL G 277 17.08 -40.52 41.60
N ARG G 278 17.01 -40.66 42.93
CA ARG G 278 15.80 -41.13 43.61
C ARG G 278 15.49 -40.17 44.75
N PRO G 279 14.66 -39.15 44.49
CA PRO G 279 14.30 -38.22 45.57
C PRO G 279 13.54 -38.88 46.69
N LEU G 280 12.27 -39.23 46.44
CA LEU G 280 11.46 -39.89 47.45
C LEU G 280 11.32 -41.38 47.15
N ASP G 281 10.44 -41.72 46.21
CA ASP G 281 10.24 -43.11 45.82
C ASP G 281 9.68 -43.16 44.40
N PHE G 282 10.13 -44.14 43.63
CA PHE G 282 9.70 -44.34 42.26
C PHE G 282 9.77 -45.82 41.93
N PRO G 283 8.85 -46.34 41.12
CA PRO G 283 8.91 -47.77 40.75
C PRO G 283 10.07 -48.10 39.83
N HIS G 284 10.63 -47.12 39.11
CA HIS G 284 11.74 -47.30 38.22
C HIS G 284 12.98 -46.63 38.83
N ALA G 285 13.94 -46.24 37.98
CA ALA G 285 15.16 -45.60 38.45
C ALA G 285 15.62 -44.60 37.40
N VAL G 286 15.76 -43.34 37.80
CA VAL G 286 16.20 -42.29 36.88
C VAL G 286 17.68 -42.49 36.61
N LEU G 287 18.01 -42.97 35.41
CA LEU G 287 19.40 -43.22 35.06
C LEU G 287 20.07 -41.92 34.59
N ASN G 288 21.40 -41.98 34.46
CA ASN G 288 22.18 -40.83 34.02
C ASN G 288 23.40 -41.34 33.26
N TYR G 289 23.88 -40.51 32.33
CA TYR G 289 25.04 -40.85 31.54
C TYR G 289 26.31 -40.84 32.39
N ALA G 290 26.96 -39.67 32.48
CA ALA G 290 28.16 -39.48 33.29
C ALA G 290 29.25 -40.48 32.90
N LYS G 291 29.57 -40.52 31.61
CA LYS G 291 30.61 -41.39 31.07
C LYS G 291 31.52 -40.55 30.18
N PRO G 292 32.43 -39.78 30.77
CA PRO G 292 33.28 -38.91 29.97
C PRO G 292 34.34 -39.69 29.21
N LEU G 293 34.67 -39.20 28.03
CA LEU G 293 35.72 -39.76 27.20
C LEU G 293 36.99 -38.92 27.34
N PHE G 294 38.02 -39.27 26.57
CA PHE G 294 39.30 -38.57 26.64
C PHE G 294 39.89 -38.47 25.26
N PHE G 295 40.57 -37.35 25.00
CA PHE G 295 41.21 -37.07 23.73
C PHE G 295 42.70 -36.83 23.95
N LYS G 296 43.52 -37.37 23.04
CA LYS G 296 44.96 -37.30 23.21
C LYS G 296 45.51 -35.89 23.02
N LEU G 297 44.80 -35.04 22.28
CA LEU G 297 45.22 -33.66 22.02
C LEU G 297 46.59 -33.58 21.36
N LYS H 12 -2.07 -11.86 -41.08
CA LYS H 12 -3.00 -10.96 -40.42
C LYS H 12 -2.37 -9.58 -40.26
N ALA H 13 -1.38 -9.48 -39.38
CA ALA H 13 -0.69 -8.23 -39.12
C ALA H 13 0.68 -8.15 -39.78
N GLU H 14 1.27 -9.27 -40.18
CA GLU H 14 2.57 -9.24 -40.82
C GLU H 14 2.47 -8.86 -42.29
N ARG H 15 1.48 -9.38 -43.00
CA ARG H 15 1.29 -9.08 -44.41
C ARG H 15 0.54 -7.77 -44.65
N ALA H 16 0.12 -7.08 -43.59
CA ALA H 16 -0.60 -5.83 -43.72
C ALA H 16 0.31 -4.61 -43.71
N ILE H 17 1.60 -4.79 -43.44
CA ILE H 17 2.53 -3.67 -43.41
C ILE H 17 3.25 -3.48 -44.75
N SER H 18 3.32 -4.52 -45.59
CA SER H 18 3.98 -4.43 -46.87
C SER H 18 3.03 -4.30 -48.04
N LEU H 19 1.82 -4.87 -47.93
CA LEU H 19 0.86 -4.78 -49.03
C LEU H 19 0.22 -3.40 -49.10
N LEU H 20 0.00 -2.76 -47.96
CA LEU H 20 -0.61 -1.44 -47.97
C LEU H 20 0.35 -0.37 -48.48
N GLU H 21 1.65 -0.54 -48.22
CA GLU H 21 2.63 0.44 -48.68
C GLU H 21 2.79 0.39 -50.19
N LYS H 22 2.69 -0.80 -50.78
CA LYS H 22 2.83 -0.95 -52.23
C LYS H 22 1.62 -0.37 -52.95
N ASP H 23 1.72 0.90 -53.37
CA ASP H 23 0.63 1.55 -54.09
C ASP H 23 1.12 2.10 -55.41
N ASN H 24 0.70 3.33 -55.75
CA ASN H 24 1.11 3.97 -56.99
C ASN H 24 1.56 5.40 -56.73
N LYS H 25 0.66 6.36 -56.97
CA LYS H 25 0.98 7.76 -56.76
C LYS H 25 0.98 8.09 -55.27
N GLY H 26 1.94 8.91 -54.86
CA GLY H 26 2.05 9.31 -53.47
C GLY H 26 0.93 10.24 -53.05
N ASN H 27 1.01 10.67 -51.78
CA ASN H 27 0.02 11.55 -51.17
C ASN H 27 -1.37 10.91 -51.20
N TYR H 28 -1.74 10.24 -50.10
CA TYR H 28 -3.03 9.56 -50.01
C TYR H 28 -4.18 10.56 -50.11
N LEU H 29 -4.90 10.52 -51.24
CA LEU H 29 -6.02 11.43 -51.41
C LEU H 29 -7.22 11.03 -50.56
N LEU H 30 -7.39 9.72 -50.32
CA LEU H 30 -8.49 9.24 -49.50
C LEU H 30 -8.21 9.54 -48.03
N THR H 31 -9.11 10.27 -47.40
CA THR H 31 -8.99 10.63 -45.99
C THR H 31 -9.85 9.71 -45.13
N THR H 32 -9.75 9.92 -43.82
CA THR H 32 -10.53 9.14 -42.86
C THR H 32 -11.95 9.64 -42.69
N SER H 33 -12.36 10.67 -43.44
CA SER H 33 -13.71 11.21 -43.33
C SER H 33 -14.69 10.55 -44.29
N GLN H 34 -14.23 10.15 -45.47
CA GLN H 34 -15.08 9.53 -46.47
C GLN H 34 -15.25 8.02 -46.28
N ILE H 35 -14.66 7.46 -45.22
CA ILE H 35 -14.74 6.02 -44.96
C ILE H 35 -15.36 5.79 -43.59
N ARG H 36 -16.26 6.70 -43.17
CA ARG H 36 -16.90 6.62 -41.87
C ARG H 36 -18.23 5.86 -41.92
N LYS H 37 -18.26 4.72 -42.62
CA LYS H 37 -19.45 3.89 -42.66
C LYS H 37 -19.08 2.41 -42.72
N LEU H 38 -18.26 2.04 -43.71
CA LEU H 38 -17.82 0.66 -43.82
C LEU H 38 -16.92 0.24 -42.66
N LEU H 39 -16.28 1.19 -41.98
CA LEU H 39 -15.47 0.88 -40.81
C LEU H 39 -16.30 0.76 -39.54
N SER H 40 -17.55 1.24 -39.55
CA SER H 40 -18.42 1.12 -38.40
C SER H 40 -19.38 -0.06 -38.50
N LEU H 41 -19.70 -0.49 -39.72
CA LEU H 41 -20.58 -1.64 -39.88
C LEU H 41 -19.89 -2.93 -39.48
N CYS H 42 -18.57 -3.02 -39.69
CA CYS H 42 -17.84 -4.21 -39.25
C CYS H 42 -17.75 -4.29 -37.73
N SER H 43 -17.69 -3.14 -37.06
CA SER H 43 -17.70 -3.14 -35.60
C SER H 43 -19.08 -3.47 -35.05
N SER H 44 -20.14 -3.20 -35.82
CA SER H 44 -21.49 -3.52 -35.41
C SER H 44 -21.82 -5.01 -35.58
N LEU H 45 -20.91 -5.78 -36.18
CA LEU H 45 -21.11 -7.22 -36.34
C LEU H 45 -20.25 -8.04 -35.40
N TYR H 46 -19.06 -7.55 -35.04
CA TYR H 46 -18.20 -8.29 -34.12
C TYR H 46 -18.79 -8.33 -32.71
N ASP H 47 -19.45 -7.25 -32.30
CA ASP H 47 -20.04 -7.22 -30.97
C ASP H 47 -21.32 -8.03 -30.88
N ARG H 48 -22.02 -8.21 -31.99
CA ARG H 48 -23.24 -9.01 -32.01
C ARG H 48 -22.99 -10.48 -32.23
N SER H 49 -21.78 -10.87 -32.64
CA SER H 49 -21.47 -12.28 -32.85
C SER H 49 -21.19 -13.00 -31.55
N LYS H 50 -20.79 -12.28 -30.50
CA LYS H 50 -20.51 -12.88 -29.21
C LYS H 50 -21.75 -13.07 -28.35
N GLU H 51 -22.87 -12.45 -28.72
CA GLU H 51 -24.12 -12.57 -27.96
C GLU H 51 -25.01 -13.68 -28.52
N ARG H 52 -25.22 -13.71 -29.83
CA ARG H 52 -26.04 -14.70 -30.48
C ARG H 52 -25.17 -15.61 -31.35
N LYS H 53 -25.81 -16.50 -32.09
CA LYS H 53 -25.11 -17.45 -32.93
C LYS H 53 -24.82 -16.83 -34.30
N PHE H 54 -24.24 -17.64 -35.19
CA PHE H 54 -23.92 -17.17 -36.54
C PHE H 54 -25.05 -17.42 -37.53
N ASP H 55 -25.93 -18.39 -37.26
CA ASP H 55 -27.03 -18.70 -38.15
C ASP H 55 -28.14 -17.65 -38.10
N GLU H 56 -28.11 -16.76 -37.12
CA GLU H 56 -29.14 -15.71 -37.02
C GLU H 56 -28.74 -14.44 -37.76
N LEU H 57 -27.45 -14.10 -37.78
CA LEU H 57 -26.96 -12.91 -38.47
C LEU H 57 -26.66 -13.14 -39.94
N ILE H 58 -27.48 -13.96 -40.62
CA ILE H 58 -27.25 -14.22 -42.04
C ILE H 58 -27.69 -13.05 -42.92
N ASN H 59 -28.52 -12.15 -42.40
CA ASN H 59 -28.96 -11.01 -43.19
C ASN H 59 -27.96 -9.86 -43.14
N ASP H 60 -27.20 -9.74 -42.07
CA ASP H 60 -26.22 -8.67 -41.95
C ASP H 60 -24.98 -8.95 -42.81
N VAL H 61 -24.65 -10.22 -43.02
CA VAL H 61 -23.48 -10.56 -43.83
C VAL H 61 -23.72 -10.21 -45.29
N SER H 62 -24.94 -10.43 -45.78
CA SER H 62 -25.24 -10.10 -47.17
C SER H 62 -25.22 -8.60 -47.40
N TYR H 63 -25.73 -7.82 -46.45
CA TYR H 63 -25.73 -6.37 -46.60
C TYR H 63 -24.34 -5.77 -46.39
N LEU H 64 -23.48 -6.45 -45.62
CA LEU H 64 -22.14 -5.94 -45.40
C LEU H 64 -21.27 -6.04 -46.65
N ARG H 65 -21.52 -7.05 -47.48
CA ARG H 65 -20.74 -7.22 -48.70
C ARG H 65 -21.10 -6.20 -49.77
N VAL H 66 -22.35 -5.73 -49.79
CA VAL H 66 -22.78 -4.78 -50.81
C VAL H 66 -22.10 -3.44 -50.61
N GLN H 67 -21.78 -3.07 -49.37
CA GLN H 67 -21.17 -1.78 -49.10
C GLN H 67 -19.78 -1.67 -49.72
N PHE H 68 -19.03 -2.77 -49.77
CA PHE H 68 -17.70 -2.74 -50.35
C PHE H 68 -17.76 -2.57 -51.86
N VAL H 69 -18.72 -3.23 -52.51
CA VAL H 69 -18.84 -3.12 -53.96
C VAL H 69 -19.40 -1.76 -54.36
N TYR H 70 -20.28 -1.19 -53.52
CA TYR H 70 -20.87 0.11 -53.84
C TYR H 70 -19.84 1.23 -53.78
N GLN H 71 -18.82 1.10 -52.92
CA GLN H 71 -17.80 2.13 -52.81
C GLN H 71 -16.75 2.03 -53.90
N ALA H 72 -16.61 0.88 -54.55
CA ALA H 72 -15.61 0.69 -55.59
C ALA H 72 -16.06 1.22 -56.95
N GLY H 73 -17.20 1.91 -57.02
CA GLY H 73 -17.68 2.44 -58.28
C GLY H 73 -17.85 3.95 -58.25
N ARG H 74 -17.82 4.54 -57.05
CA ARG H 74 -17.99 5.97 -56.90
C ARG H 74 -16.68 6.72 -56.64
N GLU H 75 -15.61 6.01 -56.30
CA GLU H 75 -14.33 6.64 -56.04
C GLU H 75 -13.22 5.73 -56.51
N ILE H 76 -12.20 6.33 -57.14
CA ILE H 76 -11.07 5.54 -57.64
C ILE H 76 -10.16 5.08 -56.51
N ALA H 77 -10.25 5.71 -55.33
CA ALA H 77 -9.42 5.34 -54.19
C ALA H 77 -9.91 4.08 -53.49
N VAL H 78 -10.95 3.43 -53.98
CA VAL H 78 -11.47 2.22 -53.39
C VAL H 78 -11.17 0.98 -54.22
N LYS H 79 -11.21 1.09 -55.56
CA LYS H 79 -10.95 -0.08 -56.40
C LYS H 79 -9.50 -0.56 -56.24
N ASP H 80 -8.56 0.36 -56.05
CA ASP H 80 -7.16 -0.02 -55.90
C ASP H 80 -6.88 -0.64 -54.54
N LEU H 81 -7.80 -0.53 -53.58
CA LEU H 81 -7.59 -1.10 -52.26
C LEU H 81 -8.25 -2.47 -52.10
N ILE H 82 -9.37 -2.71 -52.79
CA ILE H 82 -10.05 -3.99 -52.67
C ILE H 82 -9.33 -5.08 -53.47
N GLU H 83 -8.88 -4.74 -54.68
CA GLU H 83 -8.21 -5.73 -55.52
C GLU H 83 -6.84 -6.14 -54.98
N LYS H 84 -6.20 -5.28 -54.19
CA LYS H 84 -4.89 -5.61 -53.64
C LYS H 84 -4.98 -6.33 -52.31
N ALA H 85 -5.84 -5.87 -51.40
CA ALA H 85 -6.00 -6.47 -50.09
C ALA H 85 -6.91 -7.69 -50.11
N GLN H 86 -7.55 -7.99 -51.25
CA GLN H 86 -8.46 -9.13 -51.40
C GLN H 86 -9.59 -9.06 -50.38
N ILE H 87 -10.36 -7.98 -50.45
CA ILE H 87 -11.46 -7.79 -49.52
C ILE H 87 -12.63 -8.69 -49.90
N LEU H 88 -12.95 -8.78 -51.20
CA LEU H 88 -14.05 -9.61 -51.65
C LEU H 88 -13.76 -11.10 -51.49
N GLU H 89 -12.49 -11.50 -51.48
CA GLU H 89 -12.15 -12.91 -51.34
C GLU H 89 -12.34 -13.38 -49.90
N ALA H 90 -12.03 -12.52 -48.92
CA ALA H 90 -12.18 -12.90 -47.52
C ALA H 90 -13.64 -12.97 -47.09
N LEU H 91 -14.53 -12.30 -47.80
CA LEU H 91 -15.95 -12.32 -47.46
C LEU H 91 -16.64 -13.62 -47.84
N LYS H 92 -15.98 -14.46 -48.65
CA LYS H 92 -16.56 -15.75 -49.05
C LYS H 92 -16.00 -16.91 -48.26
N GLU H 93 -14.74 -16.84 -47.82
CA GLU H 93 -14.14 -17.93 -47.06
C GLU H 93 -14.75 -18.05 -45.66
N ILE H 94 -15.26 -16.93 -45.11
CA ILE H 94 -15.85 -16.96 -43.78
C ILE H 94 -17.12 -17.80 -43.80
N LYS H 95 -17.36 -18.53 -42.71
CA LYS H 95 -18.54 -19.37 -42.60
C LYS H 95 -18.79 -19.75 -41.14
N ASP H 96 -17.80 -19.54 -40.28
CA ASP H 96 -17.89 -19.87 -38.87
C ASP H 96 -17.81 -18.61 -38.03
N ARG H 97 -18.22 -18.72 -36.77
CA ARG H 97 -18.18 -17.58 -35.87
C ARG H 97 -16.75 -17.17 -35.56
N GLU H 98 -15.85 -18.14 -35.41
CA GLU H 98 -14.45 -17.81 -35.14
C GLU H 98 -13.77 -17.23 -36.37
N THR H 99 -14.16 -17.66 -37.57
CA THR H 99 -13.57 -17.12 -38.79
C THR H 99 -14.05 -15.70 -39.05
N LEU H 100 -15.31 -15.39 -38.73
CA LEU H 100 -15.84 -14.05 -38.93
C LEU H 100 -15.13 -13.03 -38.03
N GLN H 101 -14.74 -13.44 -36.82
CA GLN H 101 -14.04 -12.54 -35.92
C GLN H 101 -12.65 -12.18 -36.41
N ARG H 102 -12.05 -13.02 -37.26
CA ARG H 102 -10.73 -12.72 -37.79
C ARG H 102 -10.77 -11.60 -38.82
N PHE H 103 -11.85 -11.53 -39.61
CA PHE H 103 -11.96 -10.48 -40.62
C PHE H 103 -12.19 -9.11 -39.98
N CYS H 104 -12.83 -9.08 -38.80
CA CYS H 104 -13.04 -7.81 -38.12
C CYS H 104 -11.73 -7.24 -37.57
N ARG H 105 -10.83 -8.12 -37.12
CA ARG H 105 -9.54 -7.65 -36.62
C ARG H 105 -8.58 -7.29 -37.75
N TYR H 106 -8.76 -7.89 -38.94
CA TYR H 106 -7.91 -7.56 -40.07
C TYR H 106 -8.24 -6.20 -40.65
N MET H 107 -9.50 -5.78 -40.57
CA MET H 107 -9.88 -4.46 -41.09
C MET H 107 -9.34 -3.33 -40.22
N GLU H 108 -9.25 -3.56 -38.90
CA GLU H 108 -8.73 -2.53 -38.01
C GLU H 108 -7.22 -2.37 -38.19
N ALA H 109 -6.53 -3.39 -38.70
CA ALA H 109 -5.10 -3.29 -38.91
C ALA H 109 -4.77 -2.41 -40.12
N LEU H 110 -5.60 -2.45 -41.16
CA LEU H 110 -5.36 -1.63 -42.34
C LEU H 110 -5.60 -0.15 -42.06
N VAL H 111 -6.38 0.18 -41.03
CA VAL H 111 -6.63 1.57 -40.70
C VAL H 111 -5.46 2.18 -39.93
N ALA H 112 -4.82 1.38 -39.07
CA ALA H 112 -3.70 1.88 -38.29
C ALA H 112 -2.50 2.20 -39.17
N TYR H 113 -2.13 1.27 -40.06
CA TYR H 113 -1.00 1.49 -40.95
C TYR H 113 -1.30 2.49 -42.05
N PHE H 114 -2.56 2.85 -42.26
CA PHE H 114 -2.90 3.84 -43.28
C PHE H 114 -2.46 5.24 -42.85
N LYS H 115 -2.66 5.58 -41.57
CA LYS H 115 -2.25 6.87 -41.05
C LYS H 115 -0.83 6.88 -40.54
N PHE H 116 -0.14 5.73 -40.57
CA PHE H 116 1.25 5.70 -40.10
C PHE H 116 2.19 6.37 -41.08
N TYR H 117 1.89 6.31 -42.38
CA TYR H 117 2.73 6.92 -43.40
C TYR H 117 2.21 8.27 -43.88
N GLY H 118 0.91 8.51 -43.78
CA GLY H 118 0.33 9.77 -44.22
C GLY H 118 -0.85 10.20 -43.38
N GLY H 119 -2.04 10.13 -43.96
CA GLY H 119 -3.25 10.53 -43.25
C GLY H 119 -4.45 10.70 -44.16
N THR I 2 3.80 -53.99 16.66
CA THR I 2 4.36 -53.73 17.99
C THR I 2 4.76 -52.27 18.13
N PHE I 3 5.53 -51.77 17.16
CA PHE I 3 5.99 -50.39 17.19
C PHE I 3 6.20 -49.94 15.74
N ALA I 4 5.26 -49.15 15.22
CA ALA I 4 5.31 -48.64 13.86
C ALA I 4 5.37 -47.13 13.88
N LYS I 5 5.66 -46.56 12.71
CA LYS I 5 5.76 -45.10 12.53
C LYS I 5 4.89 -44.72 11.34
N ILE I 6 3.69 -44.22 11.62
CA ILE I 6 2.75 -43.80 10.58
C ILE I 6 2.93 -42.31 10.33
N LYS I 7 3.33 -41.96 9.11
CA LYS I 7 3.56 -40.59 8.72
C LYS I 7 2.49 -40.17 7.71
N PHE I 8 1.79 -39.08 8.01
CA PHE I 8 0.73 -38.56 7.15
C PHE I 8 1.30 -37.39 6.35
N SER I 9 1.90 -37.71 5.21
CA SER I 9 2.49 -36.69 4.33
C SER I 9 1.43 -36.14 3.39
N ALA I 10 1.31 -34.82 3.36
CA ALA I 10 0.33 -34.16 2.51
C ALA I 10 0.84 -32.76 2.17
N GLN I 11 0.12 -32.08 1.29
CA GLN I 11 0.47 -30.73 0.85
C GLN I 11 -0.71 -29.81 1.14
N ILE I 12 -0.48 -28.82 1.99
CA ILE I 12 -1.52 -27.86 2.36
C ILE I 12 -1.58 -26.78 1.30
N ARG I 13 -2.71 -26.70 0.59
CA ARG I 13 -2.92 -25.71 -0.45
C ARG I 13 -3.81 -24.60 0.10
N LEU I 14 -3.29 -23.38 0.15
CA LEU I 14 -4.02 -22.23 0.68
C LEU I 14 -4.88 -21.64 -0.44
N GLU I 15 -6.19 -21.87 -0.37
CA GLU I 15 -7.12 -21.29 -1.34
C GLU I 15 -7.53 -19.86 -0.99
N THR I 16 -7.15 -19.38 0.20
CA THR I 16 -7.49 -18.03 0.62
C THR I 16 -6.37 -17.50 1.50
N GLY I 17 -5.95 -16.26 1.25
CA GLY I 17 -4.87 -15.68 2.03
C GLY I 17 -5.30 -15.42 3.47
N LEU I 18 -4.52 -15.93 4.41
CA LEU I 18 -4.81 -15.80 5.83
C LEU I 18 -3.86 -14.78 6.46
N HIS I 19 -3.92 -14.65 7.79
CA HIS I 19 -3.07 -13.72 8.52
C HIS I 19 -2.87 -14.25 9.92
N ILE I 20 -1.62 -14.56 10.26
CA ILE I 20 -1.25 -15.07 11.57
C ILE I 20 -0.21 -14.15 12.17
N GLY I 21 -0.51 -13.58 13.34
CA GLY I 21 0.43 -12.67 13.97
C GLY I 21 1.64 -13.40 14.51
N GLY I 22 2.82 -12.96 14.08
CA GLY I 22 4.08 -13.54 14.49
C GLY I 22 4.66 -12.87 15.71
N SER I 23 5.99 -12.76 15.74
CA SER I 23 6.68 -12.14 16.86
C SER I 23 6.71 -10.62 16.71
N ASP I 24 7.89 -10.02 16.84
CA ASP I 24 8.02 -8.59 16.72
C ASP I 24 8.00 -8.16 15.25
N ALA I 25 8.21 -6.87 15.02
CA ALA I 25 8.22 -6.29 13.69
C ALA I 25 9.65 -5.91 13.34
N PHE I 26 10.34 -6.80 12.62
CA PHE I 26 11.71 -6.54 12.17
C PHE I 26 11.91 -7.08 10.76
N ALA I 27 11.18 -8.14 10.40
CA ALA I 27 11.30 -8.70 9.07
C ALA I 27 10.29 -8.09 8.11
N ALA I 28 9.24 -7.45 8.64
CA ALA I 28 8.21 -6.81 7.83
C ALA I 28 7.68 -5.62 8.62
N ILE I 29 8.36 -4.48 8.49
CA ILE I 29 8.01 -3.27 9.22
C ILE I 29 7.17 -2.37 8.33
N GLY I 30 6.63 -2.92 7.25
CA GLY I 30 5.81 -2.15 6.33
C GLY I 30 4.32 -2.27 6.62
N ALA I 31 3.98 -2.45 7.90
CA ALA I 31 2.59 -2.58 8.31
C ALA I 31 2.38 -1.79 9.60
N ILE I 32 1.16 -1.82 10.11
CA ILE I 32 0.82 -1.12 11.34
C ILE I 32 0.48 -2.06 12.50
N ASP I 33 0.13 -3.32 12.23
CA ASP I 33 -0.21 -4.26 13.29
C ASP I 33 0.81 -5.37 13.38
N SER I 34 0.41 -6.53 13.88
CA SER I 34 1.32 -7.66 14.03
C SER I 34 1.57 -8.31 12.68
N PRO I 35 2.81 -8.36 12.20
CA PRO I 35 3.07 -9.00 10.90
C PRO I 35 3.05 -10.52 10.97
N VAL I 36 3.39 -11.16 9.86
CA VAL I 36 3.42 -12.62 9.78
C VAL I 36 4.84 -13.09 10.04
N ILE I 37 4.98 -14.12 10.87
CA ILE I 37 6.30 -14.65 11.19
C ILE I 37 6.91 -15.27 9.94
N LYS I 38 8.22 -15.10 9.78
CA LYS I 38 8.94 -15.64 8.63
C LYS I 38 10.15 -16.41 9.13
N ASP I 39 11.17 -16.53 8.28
CA ASP I 39 12.40 -17.23 8.66
C ASP I 39 13.46 -16.23 9.09
N PRO I 40 14.15 -16.47 10.21
CA PRO I 40 15.15 -15.51 10.68
C PRO I 40 16.39 -15.45 9.79
N ILE I 41 16.65 -16.49 8.99
CA ILE I 41 17.83 -16.51 8.13
C ILE I 41 17.44 -15.97 6.75
N THR I 42 16.49 -16.63 6.10
CA THR I 42 16.06 -16.20 4.77
C THR I 42 14.91 -15.20 4.87
N ASN I 43 14.00 -15.23 3.91
CA ASN I 43 12.86 -14.32 3.88
C ASN I 43 11.68 -15.03 3.21
N ILE I 44 11.24 -16.13 3.82
CA ILE I 44 10.14 -16.94 3.31
C ILE I 44 9.06 -16.99 4.39
N PRO I 45 7.81 -16.65 4.08
CA PRO I 45 6.74 -16.72 5.09
C PRO I 45 6.48 -18.16 5.49
N ILE I 46 6.64 -18.45 6.78
CA ILE I 46 6.41 -19.79 7.32
C ILE I 46 5.34 -19.69 8.41
N ILE I 47 4.80 -20.85 8.76
CA ILE I 47 3.76 -20.96 9.78
C ILE I 47 4.26 -21.91 10.87
N PRO I 48 4.17 -21.55 12.14
CA PRO I 48 4.62 -22.46 13.20
C PRO I 48 3.68 -23.64 13.38
N GLY I 49 4.22 -24.69 13.99
CA GLY I 49 3.44 -25.89 14.26
C GLY I 49 2.51 -25.80 15.45
N SER I 50 2.63 -24.75 16.25
CA SER I 50 1.76 -24.61 17.41
C SER I 50 0.35 -24.19 17.01
N SER I 51 0.20 -23.55 15.84
CA SER I 51 -1.12 -23.13 15.38
C SER I 51 -1.92 -24.30 14.83
N LEU I 52 -1.25 -25.38 14.42
CA LEU I 52 -1.96 -26.54 13.89
C LEU I 52 -2.54 -27.39 15.00
N LYS I 53 -1.88 -27.43 16.16
CA LYS I 53 -2.38 -28.24 17.27
C LYS I 53 -3.38 -27.47 18.12
N GLY I 54 -3.16 -26.16 18.31
CA GLY I 54 -4.05 -25.36 19.12
C GLY I 54 -5.40 -25.11 18.46
N LYS I 55 -5.52 -25.31 17.16
CA LYS I 55 -6.76 -25.10 16.44
C LYS I 55 -7.51 -26.39 16.12
N MET I 56 -6.78 -27.45 15.79
CA MET I 56 -7.43 -28.72 15.47
C MET I 56 -8.01 -29.37 16.73
N ARG I 57 -7.33 -29.22 17.87
CA ARG I 57 -7.81 -29.83 19.10
C ARG I 57 -9.08 -29.13 19.60
N THR I 58 -9.19 -27.83 19.42
CA THR I 58 -10.36 -27.11 19.89
C THR I 58 -11.60 -27.44 19.05
N LEU I 59 -11.43 -27.51 17.73
CA LEU I 59 -12.57 -27.80 16.86
C LEU I 59 -12.97 -29.27 16.90
N LEU I 60 -12.13 -30.14 17.45
CA LEU I 60 -12.44 -31.56 17.52
C LEU I 60 -13.02 -31.96 18.87
N ALA I 61 -12.69 -31.24 19.94
CA ALA I 61 -13.18 -31.55 21.27
C ALA I 61 -14.59 -31.02 21.53
N LYS I 62 -15.31 -30.60 20.49
CA LYS I 62 -16.67 -30.10 20.63
C LYS I 62 -17.71 -30.99 19.96
N VAL I 63 -17.30 -32.17 19.49
CA VAL I 63 -18.22 -33.09 18.83
C VAL I 63 -17.98 -34.50 19.36
N TYR I 64 -16.74 -34.79 19.76
CA TYR I 64 -16.36 -36.07 20.33
C TYR I 64 -16.15 -35.96 21.84
N ASN I 65 -16.94 -35.13 22.50
CA ASN I 65 -16.84 -34.92 23.94
C ASN I 65 -18.09 -35.42 24.64
N GLU I 66 -17.97 -35.59 25.96
CA GLU I 66 -19.07 -36.05 26.79
C GLU I 66 -19.35 -35.13 27.98
N LYS I 67 -18.66 -34.00 28.09
CA LYS I 67 -18.84 -33.09 29.20
C LYS I 67 -18.41 -31.70 28.77
N VAL I 68 -19.08 -30.69 29.32
CA VAL I 68 -18.74 -29.31 29.00
C VAL I 68 -17.34 -28.99 29.50
N ALA I 69 -16.45 -28.63 28.57
CA ALA I 69 -15.07 -28.35 28.92
C ALA I 69 -14.94 -27.01 29.65
N GLU I 70 -13.77 -26.79 30.23
CA GLU I 70 -13.50 -25.56 30.96
C GLU I 70 -12.02 -25.24 30.92
N LYS I 71 -11.18 -26.26 31.08
CA LYS I 71 -9.73 -26.10 31.06
C LYS I 71 -9.11 -27.16 30.16
N PRO I 72 -8.00 -26.84 29.50
CA PRO I 72 -7.36 -27.83 28.62
C PRO I 72 -6.80 -29.01 29.42
N SER I 73 -6.52 -30.08 28.68
CA SER I 73 -5.97 -31.32 29.24
C SER I 73 -6.86 -31.89 30.33
N ASP I 74 -8.17 -31.67 30.22
CA ASP I 74 -9.12 -32.19 31.20
C ASP I 74 -10.52 -32.23 30.61
N ASP I 75 -10.66 -32.82 29.43
CA ASP I 75 -11.95 -32.91 28.76
C ASP I 75 -11.90 -34.01 27.71
N SER I 76 -12.88 -34.92 27.77
CA SER I 76 -13.00 -36.03 26.83
C SER I 76 -11.75 -36.90 26.82
N ASP I 77 -11.73 -37.94 27.66
CA ASP I 77 -10.57 -38.81 27.74
C ASP I 77 -10.39 -39.67 26.49
N ILE I 78 -11.42 -39.82 25.66
CA ILE I 78 -11.31 -40.64 24.46
C ILE I 78 -10.42 -39.99 23.41
N LEU I 79 -10.19 -38.69 23.51
CA LEU I 79 -9.32 -37.99 22.57
C LEU I 79 -8.15 -37.27 23.25
N SER I 80 -8.07 -37.34 24.58
CA SER I 80 -6.97 -36.68 25.29
C SER I 80 -5.64 -37.39 25.09
N ARG I 81 -5.65 -38.66 24.70
CA ARG I 81 -4.43 -39.41 24.47
C ARG I 81 -3.79 -39.11 23.12
N LEU I 82 -4.45 -38.31 22.27
CA LEU I 82 -3.90 -37.95 20.98
C LEU I 82 -3.10 -36.65 21.01
N PHE I 83 -3.32 -35.81 22.02
CA PHE I 83 -2.62 -34.54 22.12
C PHE I 83 -1.72 -34.48 23.35
N GLY I 84 -2.29 -34.49 24.54
CA GLY I 84 -1.50 -34.44 25.76
C GLY I 84 -2.36 -34.20 26.97
N ASN I 85 -1.85 -34.65 28.12
CA ASN I 85 -2.56 -34.50 29.39
C ASN I 85 -1.56 -34.58 30.52
N SER I 86 -1.52 -33.54 31.36
CA SER I 86 -0.61 -33.48 32.50
C SER I 86 -1.28 -33.91 33.79
N LYS I 87 -2.33 -34.71 33.72
CA LYS I 87 -3.05 -35.17 34.91
C LYS I 87 -3.25 -36.67 34.94
N ASP I 88 -3.64 -37.29 33.82
CA ASP I 88 -3.88 -38.72 33.77
C ASP I 88 -2.56 -39.48 33.69
N LYS I 89 -2.44 -40.55 34.46
CA LYS I 89 -1.24 -41.37 34.49
C LYS I 89 -1.19 -42.39 33.36
N ARG I 90 -2.31 -42.65 32.68
CA ARG I 90 -2.32 -43.64 31.60
C ARG I 90 -1.57 -43.16 30.37
N PHE I 91 -1.43 -41.85 30.19
CA PHE I 91 -0.75 -41.32 29.02
C PHE I 91 -0.25 -39.90 29.34
N LYS I 92 0.91 -39.57 28.78
CA LYS I 92 1.50 -38.25 28.99
C LYS I 92 2.00 -37.67 27.68
N MET I 93 2.76 -38.45 26.92
CA MET I 93 3.33 -38.00 25.66
C MET I 93 2.24 -37.90 24.59
N GLY I 94 2.51 -37.08 23.58
CA GLY I 94 1.60 -36.91 22.46
C GLY I 94 1.99 -37.75 21.26
N ARG I 95 1.07 -38.62 20.81
CA ARG I 95 1.33 -39.50 19.68
C ARG I 95 0.96 -38.88 18.35
N LEU I 96 1.00 -37.54 18.24
CA LEU I 96 0.71 -36.83 16.99
C LEU I 96 1.74 -35.69 16.88
N ILE I 97 2.94 -36.05 16.45
CA ILE I 97 4.03 -35.07 16.29
C ILE I 97 3.80 -34.28 15.01
N PHE I 98 3.75 -32.97 15.13
CA PHE I 98 3.54 -32.08 14.00
C PHE I 98 4.89 -31.60 13.46
N ARG I 99 4.85 -30.62 12.56
CA ARG I 99 6.05 -30.07 11.96
C ARG I 99 5.73 -28.70 11.37
N ASP I 100 6.69 -27.79 11.46
CA ASP I 100 6.53 -26.45 10.89
C ASP I 100 6.43 -26.56 9.37
N ALA I 101 5.28 -26.16 8.83
CA ALA I 101 5.05 -26.25 7.39
C ALA I 101 5.84 -25.16 6.68
N PHE I 102 6.89 -25.56 5.95
CA PHE I 102 7.70 -24.62 5.19
C PHE I 102 7.14 -24.47 3.78
N LEU I 103 7.25 -23.26 3.24
CA LEU I 103 6.74 -22.97 1.90
C LEU I 103 7.70 -23.55 0.86
N SER I 104 7.30 -24.65 0.23
CA SER I 104 8.10 -25.30 -0.79
C SER I 104 7.64 -24.94 -2.21
N ASN I 105 6.84 -23.88 -2.35
CA ASN I 105 6.34 -23.44 -3.65
C ASN I 105 7.28 -22.47 -4.34
N ALA I 106 8.45 -22.20 -3.76
CA ALA I 106 9.40 -21.26 -4.34
C ALA I 106 10.16 -21.85 -5.53
N ASP I 107 10.02 -23.16 -5.78
CA ASP I 107 10.72 -23.77 -6.91
C ASP I 107 10.11 -23.41 -8.24
N GLU I 108 8.85 -22.97 -8.26
CA GLU I 108 8.19 -22.60 -9.51
C GLU I 108 7.47 -21.26 -9.43
N LEU I 109 7.62 -20.53 -8.33
CA LEU I 109 6.94 -19.25 -8.17
C LEU I 109 7.68 -18.11 -8.86
N ASP I 110 9.01 -18.11 -8.84
CA ASP I 110 9.77 -17.03 -9.46
C ASP I 110 9.71 -17.09 -10.98
N SER I 111 9.40 -18.25 -11.56
CA SER I 111 9.33 -18.35 -13.01
C SER I 111 8.12 -17.60 -13.56
N LEU I 112 7.05 -17.48 -12.78
CA LEU I 112 5.86 -16.77 -13.22
C LEU I 112 5.96 -15.27 -13.01
N GLY I 113 6.83 -14.81 -12.12
CA GLY I 113 6.97 -13.39 -11.87
C GLY I 113 5.83 -12.81 -11.06
N VAL I 114 6.00 -12.72 -9.75
CA VAL I 114 4.96 -12.19 -8.87
C VAL I 114 5.46 -10.93 -8.19
N ARG I 115 4.69 -10.41 -7.24
CA ARG I 115 5.06 -9.20 -6.51
C ARG I 115 6.21 -9.49 -5.56
N SER I 116 5.93 -10.25 -4.50
CA SER I 116 6.96 -10.62 -3.53
C SER I 116 6.54 -11.86 -2.75
N TYR I 117 6.18 -11.67 -1.48
CA TYR I 117 5.73 -12.78 -0.64
C TYR I 117 4.55 -12.45 0.25
N THR I 118 4.41 -11.23 0.75
CA THR I 118 3.28 -10.82 1.56
C THR I 118 2.76 -9.48 1.08
N GLU I 119 1.44 -9.36 0.95
CA GLU I 119 0.80 -8.14 0.51
C GLU I 119 0.26 -7.36 1.70
N VAL I 120 -0.24 -6.16 1.40
CA VAL I 120 -0.82 -5.27 2.40
C VAL I 120 -2.25 -4.97 2.01
N LYS I 121 -3.17 -5.19 2.94
CA LYS I 121 -4.60 -4.94 2.73
C LYS I 121 -5.06 -3.80 3.63
N PHE I 122 -5.83 -2.88 3.07
CA PHE I 122 -6.33 -1.73 3.81
C PHE I 122 -7.69 -2.05 4.43
N GLU I 123 -7.80 -1.88 5.74
CA GLU I 123 -9.04 -2.12 6.46
C GLU I 123 -9.27 -0.99 7.45
N ASN I 124 -10.55 -0.82 7.83
CA ASN I 124 -10.93 0.22 8.77
C ASN I 124 -12.21 -0.23 9.47
N THR I 125 -12.91 0.72 10.08
CA THR I 125 -14.15 0.43 10.78
C THR I 125 -15.07 1.64 10.71
N ILE I 126 -16.35 1.41 10.99
CA ILE I 126 -17.37 2.45 10.98
C ILE I 126 -18.01 2.50 12.36
N ASP I 127 -17.93 3.66 13.01
CA ASP I 127 -18.51 3.86 14.33
C ASP I 127 -19.98 4.26 14.27
N ARG I 128 -20.58 4.28 13.09
CA ARG I 128 -21.99 4.65 12.90
C ARG I 128 -22.29 6.05 13.43
N ILE I 129 -21.33 6.96 13.27
CA ILE I 129 -21.50 8.35 13.72
C ILE I 129 -20.55 9.24 12.92
N THR I 130 -19.56 8.62 12.29
CA THR I 130 -18.57 9.35 11.51
C THR I 130 -18.19 8.51 10.29
N ALA I 131 -17.26 9.04 9.48
CA ALA I 131 -16.81 8.34 8.28
C ALA I 131 -15.75 7.32 8.62
N GLU I 132 -14.56 7.47 8.04
CA GLU I 132 -13.46 6.54 8.27
C GLU I 132 -12.86 6.76 9.66
N ALA I 133 -12.67 5.67 10.39
CA ALA I 133 -12.10 5.72 11.74
C ALA I 133 -10.97 4.72 11.84
N ASN I 134 -9.82 5.18 12.34
CA ASN I 134 -8.62 4.36 12.53
C ASN I 134 -8.19 3.72 11.22
N PRO I 135 -7.52 4.47 10.34
CA PRO I 135 -7.05 3.87 9.08
C PRO I 135 -5.90 2.90 9.27
N ARG I 136 -6.20 1.69 9.72
CA ARG I 136 -5.19 0.68 9.97
C ARG I 136 -4.96 -0.15 8.72
N GLN I 137 -4.15 -1.20 8.83
CA GLN I 137 -3.84 -2.08 7.71
C GLN I 137 -3.30 -3.39 8.25
N ILE I 138 -3.43 -4.44 7.44
CA ILE I 138 -2.98 -5.78 7.81
C ILE I 138 -1.98 -6.26 6.76
N GLU I 139 -1.50 -7.49 6.95
CA GLU I 139 -0.52 -8.11 6.05
C GLU I 139 -0.92 -9.57 5.87
N ARG I 140 -1.66 -9.84 4.79
CA ARG I 140 -2.13 -11.19 4.49
C ARG I 140 -1.06 -11.96 3.72
N ALA I 141 -1.37 -13.21 3.39
CA ALA I 141 -0.48 -14.08 2.65
C ALA I 141 -0.97 -14.25 1.22
N ILE I 142 -0.05 -14.60 0.33
CA ILE I 142 -0.39 -14.77 -1.08
C ILE I 142 -1.22 -16.04 -1.28
N ARG I 143 -1.84 -16.13 -2.45
CA ARG I 143 -2.67 -17.27 -2.80
C ARG I 143 -1.83 -18.33 -3.52
N ASN I 144 -2.27 -19.59 -3.40
CA ASN I 144 -1.62 -20.73 -4.02
C ASN I 144 -0.18 -20.87 -3.52
N SER I 145 0.00 -21.51 -2.37
CA SER I 145 1.31 -21.73 -1.78
C SER I 145 1.28 -23.07 -1.04
N THR I 146 1.97 -24.06 -1.57
CA THR I 146 1.99 -25.38 -0.96
C THR I 146 2.89 -25.38 0.28
N PHE I 147 2.69 -26.40 1.11
CA PHE I 147 3.46 -26.55 2.33
C PHE I 147 3.73 -28.03 2.59
N ASP I 148 4.63 -28.29 3.53
CA ASP I 148 5.02 -29.65 3.90
C ASP I 148 4.46 -29.93 5.30
N PHE I 149 3.39 -30.73 5.35
CA PHE I 149 2.75 -31.12 6.59
C PHE I 149 2.86 -32.62 6.75
N GLU I 150 3.48 -33.06 7.85
CA GLU I 150 3.68 -34.48 8.13
C GLU I 150 3.22 -34.75 9.56
N LEU I 151 2.22 -35.63 9.68
CA LEU I 151 1.69 -36.02 10.98
C LEU I 151 2.23 -37.40 11.34
N ILE I 152 3.02 -37.47 12.42
CA ILE I 152 3.66 -38.71 12.84
C ILE I 152 2.76 -39.41 13.85
N TYR I 153 2.54 -40.71 13.63
CA TYR I 153 1.74 -41.53 14.53
C TYR I 153 2.51 -42.79 14.86
N GLU I 154 2.56 -43.14 16.14
CA GLU I 154 3.29 -44.31 16.60
C GLU I 154 2.49 -45.01 17.69
N ILE I 155 2.58 -46.34 17.71
CA ILE I 155 1.88 -47.14 18.69
C ILE I 155 2.84 -47.48 19.83
N THR I 156 2.28 -47.92 20.96
CA THR I 156 3.06 -48.25 22.14
C THR I 156 2.55 -49.55 22.77
N ASP I 157 2.60 -50.62 21.99
CA ASP I 157 2.22 -51.97 22.44
C ASP I 157 0.76 -52.04 22.87
N GLU I 158 0.37 -51.24 23.87
CA GLU I 158 -1.01 -51.25 24.34
C GLU I 158 -1.97 -50.82 23.24
N ASN I 159 -1.52 -49.97 22.32
CA ASN I 159 -2.33 -49.53 21.18
C ASN I 159 -2.57 -50.73 20.26
N GLU I 160 -3.58 -51.51 20.60
CA GLU I 160 -3.89 -52.74 19.87
C GLU I 160 -5.35 -52.81 19.48
N ASN I 161 -6.28 -52.80 20.45
CA ASN I 161 -7.69 -52.94 20.15
C ASN I 161 -8.38 -51.59 19.96
N GLN I 162 -7.64 -50.60 19.44
CA GLN I 162 -8.24 -49.31 19.14
C GLN I 162 -7.55 -48.60 17.99
N VAL I 163 -6.69 -49.26 17.22
CA VAL I 163 -6.00 -48.60 16.12
C VAL I 163 -6.98 -48.20 15.03
N GLU I 164 -7.93 -49.07 14.71
CA GLU I 164 -8.89 -48.77 13.66
C GLU I 164 -9.81 -47.61 14.05
N GLU I 165 -10.07 -47.44 15.35
CA GLU I 165 -10.89 -46.32 15.80
C GLU I 165 -10.13 -45.01 15.78
N ASP I 166 -8.80 -45.07 15.91
CA ASP I 166 -8.00 -43.84 15.93
C ASP I 166 -7.97 -43.18 14.56
N PHE I 167 -7.98 -43.98 13.49
CA PHE I 167 -7.97 -43.41 12.14
C PHE I 167 -9.27 -42.69 11.81
N LYS I 168 -10.37 -43.05 12.47
CA LYS I 168 -11.64 -42.37 12.21
C LYS I 168 -11.62 -40.94 12.74
N VAL I 169 -10.93 -40.71 13.85
CA VAL I 169 -10.86 -39.36 14.42
C VAL I 169 -9.90 -38.49 13.63
N ILE I 170 -8.77 -39.06 13.20
CA ILE I 170 -7.77 -38.29 12.47
C ILE I 170 -8.31 -37.91 11.08
N ARG I 171 -8.95 -38.86 10.40
CA ARG I 171 -9.48 -38.59 9.06
C ARG I 171 -10.61 -37.56 9.13
N ASP I 172 -11.44 -37.63 10.18
CA ASP I 172 -12.52 -36.65 10.32
C ASP I 172 -11.99 -35.29 10.71
N GLY I 173 -10.85 -35.22 11.41
CA GLY I 173 -10.29 -33.94 11.79
C GLY I 173 -9.61 -33.23 10.66
N LEU I 174 -9.14 -33.97 9.65
CA LEU I 174 -8.48 -33.33 8.51
C LEU I 174 -9.49 -32.63 7.62
N LYS I 175 -10.62 -33.28 7.32
CA LYS I 175 -11.65 -32.66 6.50
C LYS I 175 -12.43 -31.59 7.24
N LEU I 176 -12.40 -31.61 8.58
CA LEU I 176 -13.11 -30.58 9.35
C LEU I 176 -12.35 -29.26 9.37
N LEU I 177 -11.01 -29.32 9.30
CA LEU I 177 -10.23 -28.09 9.29
C LEU I 177 -10.40 -27.32 7.99
N GLU I 178 -10.67 -28.02 6.89
CA GLU I 178 -10.88 -27.36 5.60
C GLU I 178 -12.15 -26.52 5.57
N LEU I 179 -13.15 -26.88 6.39
CA LEU I 179 -14.40 -26.13 6.47
C LEU I 179 -14.38 -25.06 7.56
N ASP I 180 -13.20 -24.57 7.93
CA ASP I 180 -13.08 -23.55 8.96
C ASP I 180 -11.81 -22.74 8.71
N TYR I 181 -11.81 -21.51 9.19
CA TYR I 181 -10.67 -20.63 9.01
C TYR I 181 -9.50 -21.10 9.89
N LEU I 182 -8.28 -20.81 9.41
CA LEU I 182 -7.05 -21.16 10.12
C LEU I 182 -6.16 -19.92 10.12
N GLY I 183 -6.29 -19.09 11.14
CA GLY I 183 -5.51 -17.88 11.24
C GLY I 183 -6.18 -16.88 12.16
N GLY I 184 -5.91 -15.61 11.90
CA GLY I 184 -6.47 -14.51 12.68
C GLY I 184 -7.52 -13.74 11.89
N SER I 185 -8.58 -13.34 12.59
CA SER I 185 -9.69 -12.58 12.00
C SER I 185 -10.29 -13.34 10.82
N GLY I 186 -10.40 -14.66 10.95
CA GLY I 186 -10.94 -15.51 9.91
C GLY I 186 -12.44 -15.56 9.82
N SER I 187 -13.15 -14.68 10.54
CA SER I 187 -14.60 -14.66 10.49
C SER I 187 -15.12 -14.14 9.15
N ARG I 188 -14.34 -13.34 8.44
CA ARG I 188 -14.74 -12.80 7.14
C ARG I 188 -14.28 -13.68 5.98
N GLY I 189 -13.52 -14.73 6.25
CA GLY I 189 -13.05 -15.62 5.20
C GLY I 189 -11.60 -15.43 4.81
N TYR I 190 -10.70 -15.78 5.72
CA TYR I 190 -9.27 -15.66 5.48
C TYR I 190 -8.55 -17.01 5.49
N GLY I 191 -8.96 -17.93 6.35
CA GLY I 191 -8.32 -19.23 6.43
C GLY I 191 -8.78 -20.20 5.36
N LYS I 192 -9.47 -21.26 5.78
CA LYS I 192 -9.98 -22.29 4.88
C LYS I 192 -8.86 -22.93 4.07
N VAL I 193 -8.22 -23.95 4.63
CA VAL I 193 -7.12 -24.64 3.96
C VAL I 193 -7.67 -25.77 3.10
N ALA I 194 -6.79 -26.50 2.44
CA ALA I 194 -7.19 -27.62 1.59
C ALA I 194 -6.04 -28.63 1.55
N PHE I 195 -6.24 -29.77 2.20
CA PHE I 195 -5.21 -30.81 2.26
C PHE I 195 -5.17 -31.53 0.91
N GLU I 196 -4.15 -31.24 0.11
CA GLU I 196 -3.99 -31.86 -1.21
C GLU I 196 -3.06 -33.06 -1.10
N LYS I 197 -3.41 -34.14 -1.81
CA LYS I 197 -2.63 -35.38 -1.83
C LYS I 197 -2.46 -35.94 -0.42
N LEU I 198 -3.58 -36.33 0.18
CA LEU I 198 -3.59 -36.89 1.53
C LEU I 198 -3.22 -38.37 1.43
N LYS I 199 -1.97 -38.68 1.77
CA LYS I 199 -1.47 -40.05 1.73
C LYS I 199 -0.73 -40.35 3.02
N ALA I 200 -0.57 -41.65 3.29
CA ALA I 200 0.13 -42.13 4.49
C ALA I 200 1.06 -43.27 4.12
N THR I 201 2.29 -43.21 4.64
CA THR I 201 3.29 -44.23 4.38
C THR I 201 3.99 -44.57 5.69
N THR I 202 4.81 -45.61 5.65
CA THR I 202 5.56 -46.07 6.81
C THR I 202 7.05 -45.89 6.57
N VAL I 203 7.79 -45.64 7.65
CA VAL I 203 9.23 -45.45 7.60
C VAL I 203 9.96 -46.62 8.26
N PHE I 204 9.56 -46.99 9.48
CA PHE I 204 10.20 -48.09 10.17
C PHE I 204 9.79 -49.44 9.58
N GLY I 205 8.55 -49.55 9.09
CA GLY I 205 8.09 -50.79 8.51
C GLY I 205 7.69 -51.83 9.53
N ASN I 206 6.46 -51.73 10.03
CA ASN I 206 5.96 -52.68 11.02
C ASN I 206 4.43 -52.74 10.98
N TYR I 207 3.84 -52.05 10.01
CA TYR I 207 2.39 -52.02 9.88
C TYR I 207 2.04 -51.81 8.42
N ASP I 208 1.22 -52.69 7.86
CA ASP I 208 0.84 -52.61 6.46
C ASP I 208 -0.09 -51.42 6.22
N VAL I 209 -0.09 -50.95 4.98
CA VAL I 209 -0.90 -49.80 4.58
C VAL I 209 -2.09 -50.31 3.78
N LYS I 210 -3.30 -49.94 4.22
CA LYS I 210 -4.52 -50.35 3.55
C LYS I 210 -5.59 -49.28 3.69
N THR I 211 -5.61 -48.59 4.84
CA THR I 211 -6.58 -47.54 5.10
C THR I 211 -6.06 -46.18 4.62
N LEU I 212 -5.66 -46.16 3.34
CA LEU I 212 -5.12 -44.95 2.75
C LEU I 212 -6.18 -43.86 2.66
N ASN I 213 -7.38 -44.21 2.21
CA ASN I 213 -8.47 -43.26 2.09
C ASN I 213 -9.82 -43.96 2.19
N THR J 2 -26.44 -32.29 16.61
CA THR J 2 -25.39 -32.08 17.60
C THR J 2 -24.30 -31.16 17.05
N PHE J 3 -23.78 -31.52 15.87
CA PHE J 3 -22.73 -30.74 15.22
C PHE J 3 -22.84 -30.96 13.72
N ALA J 4 -23.37 -29.96 13.01
CA ALA J 4 -23.55 -30.01 11.57
C ALA J 4 -22.81 -28.86 10.90
N LYS J 5 -22.61 -28.98 9.60
CA LYS J 5 -21.93 -27.97 8.80
C LYS J 5 -22.84 -27.54 7.66
N ILE J 6 -23.34 -26.31 7.73
CA ILE J 6 -24.24 -25.77 6.71
C ILE J 6 -23.45 -24.81 5.84
N LYS J 7 -23.41 -25.08 4.54
CA LYS J 7 -22.69 -24.26 3.58
C LYS J 7 -23.69 -23.64 2.60
N PHE J 8 -23.73 -22.31 2.55
CA PHE J 8 -24.64 -21.59 1.66
C PHE J 8 -23.89 -21.28 0.37
N SER J 9 -23.89 -22.24 -0.54
CA SER J 9 -23.23 -22.08 -1.84
C SER J 9 -24.13 -21.29 -2.78
N ALA J 10 -23.64 -20.16 -3.27
CA ALA J 10 -24.40 -19.32 -4.18
C ALA J 10 -23.45 -18.69 -5.19
N GLN J 11 -24.03 -18.03 -6.19
CA GLN J 11 -23.28 -17.35 -7.24
C GLN J 11 -23.70 -15.89 -7.26
N ILE J 12 -22.79 -15.00 -6.83
CA ILE J 12 -23.07 -13.57 -6.79
C ILE J 12 -22.94 -13.03 -8.21
N ARG J 13 -24.05 -12.56 -8.76
CA ARG J 13 -24.09 -11.98 -10.11
C ARG J 13 -24.15 -10.46 -9.98
N LEU J 14 -23.03 -9.80 -10.28
CA LEU J 14 -22.96 -8.34 -10.18
C LEU J 14 -23.65 -7.73 -11.39
N GLU J 15 -24.89 -7.26 -11.18
CA GLU J 15 -25.65 -6.60 -12.24
C GLU J 15 -25.19 -5.17 -12.47
N THR J 16 -24.36 -4.62 -11.60
CA THR J 16 -23.86 -3.26 -11.75
C THR J 16 -22.43 -3.20 -11.24
N GLY J 17 -21.55 -2.58 -12.02
CA GLY J 17 -20.15 -2.48 -11.65
C GLY J 17 -19.98 -1.59 -10.42
N LEU J 18 -19.34 -2.11 -9.38
CA LEU J 18 -19.11 -1.38 -8.14
C LEU J 18 -17.65 -0.95 -8.07
N HIS J 19 -17.27 -0.38 -6.93
CA HIS J 19 -15.90 0.09 -6.72
C HIS J 19 -15.56 -0.01 -5.24
N ILE J 20 -14.46 -0.69 -4.92
CA ILE J 20 -14.00 -0.86 -3.55
C ILE J 20 -12.56 -0.36 -3.48
N GLY J 21 -12.26 0.46 -2.48
CA GLY J 21 -10.94 1.03 -2.31
C GLY J 21 -9.86 -0.01 -2.11
N GLY J 22 -8.97 -0.15 -3.10
CA GLY J 22 -7.88 -1.11 -3.05
C GLY J 22 -6.65 -0.55 -2.35
N SER J 23 -5.63 -1.40 -2.29
CA SER J 23 -4.38 -1.03 -1.63
C SER J 23 -3.52 -0.15 -2.53
N ASP J 24 -2.38 -0.68 -2.98
CA ASP J 24 -1.49 0.09 -3.84
C ASP J 24 -2.09 0.24 -5.24
N ALA J 25 -1.85 1.42 -5.83
CA ALA J 25 -2.37 1.73 -7.16
C ALA J 25 -1.38 1.21 -8.20
N PHE J 26 -1.48 -0.09 -8.48
CA PHE J 26 -0.61 -0.71 -9.47
C PHE J 26 -1.32 -1.74 -10.33
N ALA J 27 -2.64 -1.88 -10.20
CA ALA J 27 -3.38 -2.76 -11.10
C ALA J 27 -3.45 -2.21 -12.51
N ALA J 28 -3.28 -0.90 -12.67
CA ALA J 28 -3.27 -0.28 -13.99
C ALA J 28 -2.42 0.98 -13.90
N ILE J 29 -1.51 1.15 -14.86
CA ILE J 29 -0.61 2.31 -14.86
C ILE J 29 -1.25 3.46 -15.63
N GLY J 30 -2.57 3.57 -15.55
CA GLY J 30 -3.28 4.65 -16.20
C GLY J 30 -4.29 5.31 -15.30
N ALA J 31 -4.30 4.92 -14.02
CA ALA J 31 -5.23 5.47 -13.04
C ALA J 31 -4.59 6.69 -12.36
N ILE J 32 -5.27 7.22 -11.33
CA ILE J 32 -4.77 8.38 -10.61
C ILE J 32 -5.28 8.31 -9.17
N ASP J 33 -6.28 7.47 -8.93
CA ASP J 33 -6.84 7.32 -7.59
C ASP J 33 -6.68 5.90 -7.08
N SER J 34 -7.45 5.53 -6.07
CA SER J 34 -7.36 4.19 -5.49
C SER J 34 -8.14 3.20 -6.36
N PRO J 35 -7.51 2.16 -6.89
CA PRO J 35 -8.25 1.19 -7.71
C PRO J 35 -9.05 0.21 -6.88
N VAL J 36 -9.08 -1.05 -7.31
CA VAL J 36 -9.81 -2.11 -6.62
C VAL J 36 -8.82 -3.20 -6.21
N ILE J 37 -8.92 -3.66 -4.97
CA ILE J 37 -8.02 -4.71 -4.49
C ILE J 37 -8.31 -6.01 -5.25
N LYS J 38 -7.25 -6.75 -5.56
CA LYS J 38 -7.39 -7.99 -6.31
C LYS J 38 -6.51 -9.09 -5.72
N ASP J 39 -5.82 -9.83 -6.59
CA ASP J 39 -4.96 -10.94 -6.20
C ASP J 39 -3.49 -10.52 -6.27
N PRO J 40 -2.70 -10.85 -5.24
CA PRO J 40 -1.28 -10.48 -5.29
C PRO J 40 -0.49 -11.29 -6.30
N ILE J 41 -0.82 -12.57 -6.50
CA ILE J 41 -0.09 -13.40 -7.46
C ILE J 41 -0.49 -13.04 -8.89
N THR J 42 -1.78 -13.18 -9.20
CA THR J 42 -2.27 -12.88 -10.54
C THR J 42 -2.81 -11.46 -10.61
N ASN J 43 -3.83 -11.25 -11.44
CA ASN J 43 -4.44 -9.93 -11.59
C ASN J 43 -5.90 -10.10 -11.99
N ILE J 44 -6.65 -10.86 -11.21
CA ILE J 44 -8.05 -11.14 -11.48
C ILE J 44 -8.90 -10.32 -10.51
N PRO J 45 -9.91 -9.59 -11.00
CA PRO J 45 -10.75 -8.80 -10.08
C PRO J 45 -11.54 -9.65 -9.11
N ILE J 46 -11.11 -9.68 -7.86
CA ILE J 46 -11.78 -10.44 -6.81
C ILE J 46 -12.25 -9.48 -5.73
N ILE J 47 -13.25 -9.91 -4.97
CA ILE J 47 -13.85 -9.12 -3.91
C ILE J 47 -13.51 -9.78 -2.57
N PRO J 48 -13.04 -9.04 -1.57
CA PRO J 48 -12.73 -9.66 -0.28
C PRO J 48 -13.98 -9.92 0.54
N GLY J 49 -13.78 -10.70 1.61
CA GLY J 49 -14.86 -10.98 2.54
C GLY J 49 -15.01 -9.98 3.67
N SER J 50 -14.11 -8.99 3.75
CA SER J 50 -14.21 -7.99 4.80
C SER J 50 -15.33 -6.99 4.52
N SER J 51 -15.69 -6.81 3.24
CA SER J 51 -16.78 -5.90 2.88
C SER J 51 -18.15 -6.57 2.93
N LEU J 52 -18.22 -7.86 3.26
CA LEU J 52 -19.48 -8.57 3.33
C LEU J 52 -20.05 -8.61 4.75
N LYS J 53 -19.21 -8.92 5.74
CA LYS J 53 -19.70 -8.98 7.11
C LYS J 53 -19.98 -7.59 7.66
N GLY J 54 -19.12 -6.62 7.33
CA GLY J 54 -19.32 -5.27 7.83
C GLY J 54 -20.49 -4.54 7.22
N LYS J 55 -20.94 -4.96 6.03
CA LYS J 55 -22.07 -4.33 5.37
C LYS J 55 -23.39 -5.05 5.63
N MET J 56 -23.38 -6.38 5.73
CA MET J 56 -24.61 -7.11 6.00
C MET J 56 -25.11 -6.86 7.41
N ARG J 57 -24.20 -6.77 8.39
CA ARG J 57 -24.61 -6.52 9.76
C ARG J 57 -25.09 -5.08 9.96
N THR J 58 -24.50 -4.14 9.23
CA THR J 58 -24.91 -2.74 9.36
C THR J 58 -26.31 -2.51 8.84
N LEU J 59 -26.64 -3.10 7.69
CA LEU J 59 -27.96 -2.96 7.09
C LEU J 59 -29.02 -3.83 7.76
N LEU J 60 -28.64 -4.67 8.72
CA LEU J 60 -29.58 -5.55 9.40
C LEU J 60 -29.80 -5.19 10.86
N ALA J 61 -28.82 -4.57 11.52
CA ALA J 61 -28.93 -4.20 12.91
C ALA J 61 -29.76 -2.94 13.14
N LYS J 62 -30.40 -2.42 12.09
CA LYS J 62 -31.25 -1.24 12.20
C LYS J 62 -32.73 -1.57 12.13
N VAL J 63 -33.08 -2.86 12.09
CA VAL J 63 -34.49 -3.28 12.04
C VAL J 63 -34.70 -4.40 13.04
N TYR J 64 -33.67 -5.20 13.29
CA TYR J 64 -33.75 -6.27 14.28
C TYR J 64 -33.00 -5.89 15.55
N ASN J 65 -33.30 -4.72 16.10
CA ASN J 65 -32.64 -4.23 17.31
C ASN J 65 -33.69 -3.70 18.28
N GLU J 66 -33.25 -3.44 19.52
CA GLU J 66 -34.11 -2.92 20.55
C GLU J 66 -33.54 -1.68 21.24
N LYS J 67 -32.41 -1.16 20.78
CA LYS J 67 -31.80 0.01 21.39
C LYS J 67 -30.93 0.69 20.35
N VAL J 68 -30.85 2.03 20.44
CA VAL J 68 -30.04 2.80 19.51
C VAL J 68 -28.57 2.45 19.72
N ALA J 69 -27.91 2.03 18.65
CA ALA J 69 -26.52 1.63 18.73
C ALA J 69 -25.61 2.86 18.84
N GLU J 70 -24.34 2.60 19.15
CA GLU J 70 -23.35 3.67 19.28
C GLU J 70 -21.97 3.17 18.87
N LYS J 71 -21.62 1.95 19.27
CA LYS J 71 -20.34 1.35 18.95
C LYS J 71 -20.57 -0.08 18.47
N PRO J 72 -19.72 -0.59 17.59
CA PRO J 72 -19.88 -1.97 17.11
C PRO J 72 -19.65 -2.97 18.22
N SER J 73 -20.10 -4.20 17.96
CA SER J 73 -19.97 -5.32 18.90
C SER J 73 -20.63 -5.03 20.24
N ASP J 74 -21.68 -4.22 20.23
CA ASP J 74 -22.39 -3.88 21.46
C ASP J 74 -23.79 -3.35 21.14
N ASP J 75 -24.56 -4.12 20.37
CA ASP J 75 -25.91 -3.73 20.00
C ASP J 75 -26.68 -4.95 19.54
N SER J 76 -27.93 -5.04 19.98
CA SER J 76 -28.85 -6.13 19.61
C SER J 76 -28.27 -7.49 19.97
N ASP J 77 -28.58 -7.98 21.17
CA ASP J 77 -28.05 -9.27 21.61
C ASP J 77 -28.67 -10.44 20.86
N ILE J 78 -29.81 -10.24 20.20
CA ILE J 78 -30.47 -11.33 19.49
C ILE J 78 -29.68 -11.76 18.25
N LEU J 79 -28.81 -10.88 17.73
CA LEU J 79 -27.99 -11.21 16.58
C LEU J 79 -26.50 -11.09 16.84
N SER J 80 -26.09 -10.83 18.09
CA SER J 80 -24.67 -10.72 18.39
C SER J 80 -23.98 -12.08 18.34
N ARG J 81 -24.71 -13.15 18.65
CA ARG J 81 -24.15 -14.49 18.61
C ARG J 81 -23.93 -15.01 17.20
N LEU J 82 -24.52 -14.37 16.19
CA LEU J 82 -24.33 -14.81 14.81
C LEU J 82 -23.03 -14.29 14.22
N PHE J 83 -22.63 -13.07 14.58
CA PHE J 83 -21.41 -12.45 14.06
C PHE J 83 -20.24 -12.60 15.03
N GLY J 84 -20.36 -12.07 16.23
CA GLY J 84 -19.31 -12.14 17.23
C GLY J 84 -19.35 -10.95 18.16
N ASN J 85 -18.74 -11.11 19.33
CA ASN J 85 -18.70 -10.06 20.33
C ASN J 85 -17.48 -10.29 21.22
N SER J 86 -16.63 -9.27 21.32
CA SER J 86 -15.41 -9.34 22.13
C SER J 86 -15.62 -8.82 23.55
N LYS J 87 -16.87 -8.69 23.98
CA LYS J 87 -17.17 -8.19 25.32
C LYS J 87 -18.01 -9.16 26.13
N ASP J 88 -18.93 -9.88 25.50
CA ASP J 88 -19.78 -10.82 26.22
C ASP J 88 -19.01 -12.09 26.55
N LYS J 89 -19.18 -12.56 27.79
CA LYS J 89 -18.49 -13.75 28.25
C LYS J 89 -19.20 -15.04 27.86
N ARG J 90 -20.40 -14.95 27.27
CA ARG J 90 -21.14 -16.15 26.90
C ARG J 90 -20.64 -16.74 25.58
N PHE J 91 -20.06 -15.92 24.71
CA PHE J 91 -19.58 -16.38 23.42
C PHE J 91 -18.51 -15.43 22.92
N LYS J 92 -17.57 -15.97 22.14
CA LYS J 92 -16.48 -15.19 21.57
C LYS J 92 -16.35 -15.45 20.09
N MET J 93 -16.32 -16.73 19.70
CA MET J 93 -16.18 -17.08 18.30
C MET J 93 -17.50 -16.89 17.55
N GLY J 94 -17.40 -16.68 16.24
CA GLY J 94 -18.58 -16.50 15.41
C GLY J 94 -18.96 -17.78 14.69
N ARG J 95 -20.27 -17.96 14.49
CA ARG J 95 -20.80 -19.14 13.82
C ARG J 95 -21.14 -18.89 12.37
N LEU J 96 -20.68 -17.78 11.80
CA LEU J 96 -20.93 -17.43 10.40
C LEU J 96 -19.59 -17.06 9.77
N ILE J 97 -18.93 -18.04 9.15
CA ILE J 97 -17.65 -17.82 8.50
C ILE J 97 -17.89 -17.56 7.02
N PHE J 98 -17.42 -16.41 6.54
CA PHE J 98 -17.59 -16.03 5.15
C PHE J 98 -16.43 -16.59 4.32
N ARG J 99 -16.24 -16.08 3.11
CA ARG J 99 -15.18 -16.55 2.23
C ARG J 99 -14.92 -15.50 1.16
N ASP J 100 -13.66 -15.28 0.84
CA ASP J 100 -13.28 -14.34 -0.22
C ASP J 100 -13.73 -14.89 -1.56
N ALA J 101 -14.74 -14.25 -2.16
CA ALA J 101 -15.28 -14.71 -3.43
C ALA J 101 -14.30 -14.44 -4.57
N PHE J 102 -13.98 -15.48 -5.33
CA PHE J 102 -13.07 -15.36 -6.46
C PHE J 102 -13.85 -15.38 -7.77
N LEU J 103 -13.33 -14.67 -8.76
CA LEU J 103 -13.97 -14.57 -10.06
C LEU J 103 -13.77 -15.88 -10.83
N SER J 104 -14.85 -16.64 -11.01
CA SER J 104 -14.81 -17.90 -11.74
C SER J 104 -15.51 -17.81 -13.09
N ASN J 105 -15.77 -16.60 -13.58
CA ASN J 105 -16.43 -16.40 -14.86
C ASN J 105 -15.46 -16.35 -16.03
N ALA J 106 -14.17 -16.59 -15.79
CA ALA J 106 -13.17 -16.56 -16.85
C ALA J 106 -13.20 -17.81 -17.73
N ASP J 107 -13.98 -18.83 -17.37
CA ASP J 107 -14.04 -20.04 -18.18
C ASP J 107 -14.82 -19.83 -19.47
N GLU J 108 -15.64 -18.78 -19.56
CA GLU J 108 -16.42 -18.50 -20.76
C GLU J 108 -16.33 -17.04 -21.20
N LEU J 109 -15.62 -16.20 -20.45
CA LEU J 109 -15.51 -14.79 -20.81
C LEU J 109 -14.54 -14.58 -21.98
N ASP J 110 -13.47 -15.37 -22.04
CA ASP J 110 -12.50 -15.21 -23.12
C ASP J 110 -13.05 -15.68 -24.46
N SER J 111 -14.08 -16.53 -24.47
CA SER J 111 -14.65 -17.00 -25.73
C SER J 111 -15.39 -15.88 -26.46
N LEU J 112 -15.94 -14.91 -25.72
CA LEU J 112 -16.65 -13.81 -26.35
C LEU J 112 -15.69 -12.77 -26.92
N GLY J 113 -14.57 -12.53 -26.26
CA GLY J 113 -13.60 -11.55 -26.72
C GLY J 113 -13.93 -10.15 -26.27
N VAL J 114 -13.39 -9.74 -25.12
CA VAL J 114 -13.63 -8.41 -24.57
C VAL J 114 -12.32 -7.64 -24.52
N ARG J 115 -12.35 -6.45 -23.92
CA ARG J 115 -11.14 -5.63 -23.82
C ARG J 115 -10.18 -6.19 -22.77
N SER J 116 -10.61 -6.22 -21.51
CA SER J 116 -9.78 -6.75 -20.44
C SER J 116 -10.62 -7.25 -19.29
N TYR J 117 -10.35 -6.78 -18.08
CA TYR J 117 -11.10 -7.19 -16.89
C TYR J 117 -11.69 -6.03 -16.10
N THR J 118 -11.14 -4.83 -16.23
CA THR J 118 -11.67 -3.65 -15.54
C THR J 118 -11.71 -2.47 -16.50
N GLU J 119 -12.63 -1.55 -16.23
CA GLU J 119 -12.79 -0.35 -17.03
C GLU J 119 -12.46 0.88 -16.19
N VAL J 120 -12.29 2.01 -16.88
CA VAL J 120 -11.95 3.28 -16.24
C VAL J 120 -13.06 4.26 -16.54
N LYS J 121 -13.80 4.65 -15.52
CA LYS J 121 -14.89 5.62 -15.66
C LYS J 121 -14.39 7.01 -15.31
N PHE J 122 -14.77 7.99 -16.12
CA PHE J 122 -14.34 9.37 -15.94
C PHE J 122 -15.39 10.13 -15.14
N GLU J 123 -14.95 10.77 -14.06
CA GLU J 123 -15.83 11.55 -13.20
C GLU J 123 -15.18 12.87 -12.84
N ASN J 124 -16.00 13.83 -12.45
CA ASN J 124 -15.53 15.15 -12.06
C ASN J 124 -16.55 15.76 -11.11
N THR J 125 -16.53 17.10 -10.99
CA THR J 125 -17.47 17.80 -10.13
C THR J 125 -17.64 19.23 -10.63
N ILE J 126 -18.72 19.86 -10.20
CA ILE J 126 -19.05 21.23 -10.57
C ILE J 126 -19.18 22.05 -9.29
N ASP J 127 -18.40 23.12 -9.19
CA ASP J 127 -18.42 23.99 -8.02
C ASP J 127 -19.50 25.06 -8.11
N ARG J 128 -20.36 25.00 -9.12
CA ARG J 128 -21.45 25.96 -9.31
C ARG J 128 -20.94 27.39 -9.43
N ILE J 129 -19.74 27.56 -10.02
CA ILE J 129 -19.16 28.87 -10.21
C ILE J 129 -18.14 28.80 -11.35
N THR J 130 -17.72 27.58 -11.68
CA THR J 130 -16.74 27.35 -12.73
C THR J 130 -17.15 26.13 -13.54
N ALA J 131 -16.31 25.78 -14.52
CA ALA J 131 -16.59 24.63 -15.38
C ALA J 131 -16.10 23.33 -14.72
N GLU J 132 -15.25 22.59 -15.42
CA GLU J 132 -14.74 21.34 -14.90
C GLU J 132 -13.74 21.60 -13.77
N ALA J 133 -13.87 20.83 -12.69
CA ALA J 133 -13.00 20.95 -11.53
C ALA J 133 -12.53 19.57 -11.11
N ASN J 134 -11.22 19.42 -10.92
CA ASN J 134 -10.59 18.17 -10.50
C ASN J 134 -10.91 17.05 -11.47
N PRO J 135 -10.22 16.97 -12.62
CA PRO J 135 -10.48 15.88 -13.56
C PRO J 135 -9.95 14.54 -13.07
N ARG J 136 -10.64 13.92 -12.13
CA ARG J 136 -10.23 12.65 -11.56
C ARG J 136 -10.81 11.49 -12.38
N GLN J 137 -10.56 10.26 -11.93
CA GLN J 137 -11.08 9.08 -12.60
C GLN J 137 -11.04 7.91 -11.63
N ILE J 138 -11.96 6.96 -11.83
CA ILE J 138 -12.06 5.79 -10.97
C ILE J 138 -11.86 4.53 -11.81
N GLU J 139 -12.11 3.37 -11.22
CA GLU J 139 -11.97 2.09 -11.90
C GLU J 139 -13.03 1.14 -11.35
N ARG J 140 -14.08 0.92 -12.14
CA ARG J 140 -15.18 0.05 -11.73
C ARG J 140 -14.90 -1.38 -12.18
N ALA J 141 -15.89 -2.26 -12.10
CA ALA J 141 -15.75 -3.65 -12.50
C ALA J 141 -16.68 -3.96 -13.66
N ILE J 142 -16.32 -4.98 -14.44
CA ILE J 142 -17.11 -5.36 -15.60
C ILE J 142 -18.43 -5.98 -15.15
N ARG J 143 -19.40 -5.97 -16.05
CA ARG J 143 -20.72 -6.52 -15.79
C ARG J 143 -20.73 -8.02 -16.08
N ASN J 144 -21.66 -8.72 -15.42
CA ASN J 144 -21.83 -10.16 -15.57
C ASN J 144 -20.56 -10.91 -15.21
N SER J 145 -20.33 -11.11 -13.91
CA SER J 145 -19.15 -11.82 -13.42
C SER J 145 -19.56 -12.60 -12.18
N THR J 146 -19.63 -13.92 -12.28
CA THR J 146 -20.04 -14.75 -11.17
C THR J 146 -18.92 -14.85 -10.13
N PHE J 147 -19.30 -15.27 -8.92
CA PHE J 147 -18.35 -15.42 -7.83
C PHE J 147 -18.77 -16.62 -6.98
N ASP J 148 -17.81 -17.14 -6.21
CA ASP J 148 -18.05 -18.28 -5.34
C ASP J 148 -18.23 -17.78 -3.91
N PHE J 149 -19.49 -17.71 -3.47
CA PHE J 149 -19.83 -17.25 -2.13
C PHE J 149 -20.36 -18.44 -1.33
N GLU J 150 -19.66 -18.79 -0.25
CA GLU J 150 -20.03 -19.91 0.60
C GLU J 150 -20.03 -19.44 2.04
N LEU J 151 -21.18 -19.53 2.70
CA LEU J 151 -21.34 -19.15 4.10
C LEU J 151 -21.27 -20.40 4.95
N ILE J 152 -20.18 -20.55 5.70
CA ILE J 152 -19.99 -21.72 6.56
C ILE J 152 -20.75 -21.50 7.86
N TYR J 153 -21.64 -22.43 8.20
CA TYR J 153 -22.43 -22.37 9.42
C TYR J 153 -22.24 -23.66 10.21
N GLU J 154 -22.14 -23.52 11.53
CA GLU J 154 -21.94 -24.66 12.41
C GLU J 154 -22.62 -24.40 13.73
N ILE J 155 -23.13 -25.47 14.35
CA ILE J 155 -23.81 -25.40 15.63
C ILE J 155 -22.85 -25.89 16.72
N THR J 156 -23.22 -25.62 17.96
CA THR J 156 -22.39 -25.97 19.12
C THR J 156 -23.28 -26.51 20.24
N ASP J 157 -24.05 -27.56 19.91
CA ASP J 157 -24.91 -28.26 20.86
C ASP J 157 -26.01 -27.37 21.45
N GLU J 158 -25.62 -26.21 21.99
CA GLU J 158 -26.60 -25.29 22.56
C GLU J 158 -27.60 -24.80 21.51
N ASN J 159 -27.17 -24.72 20.25
CA ASN J 159 -28.05 -24.33 19.15
C ASN J 159 -29.10 -25.41 18.95
N GLU J 160 -30.18 -25.32 19.73
CA GLU J 160 -31.24 -26.32 19.71
C GLU J 160 -32.61 -25.67 19.51
N ASN J 161 -33.07 -24.84 20.44
CA ASN J 161 -34.40 -24.26 20.34
C ASN J 161 -34.38 -22.90 19.65
N GLN J 162 -33.46 -22.72 18.69
CA GLN J 162 -33.44 -21.48 17.91
C GLN J 162 -32.92 -21.69 16.50
N VAL J 163 -32.83 -22.93 16.00
CA VAL J 163 -32.32 -23.17 14.66
C VAL J 163 -33.26 -22.59 13.61
N GLU J 164 -34.58 -22.74 13.82
CA GLU J 164 -35.55 -22.21 12.86
C GLU J 164 -35.52 -20.70 12.83
N GLU J 165 -35.20 -20.05 13.94
CA GLU J 165 -35.10 -18.59 13.97
C GLU J 165 -33.81 -18.10 13.34
N ASP J 166 -32.76 -18.92 13.36
CA ASP J 166 -31.48 -18.51 12.79
C ASP J 166 -31.56 -18.38 11.27
N PHE J 167 -32.28 -19.29 10.62
CA PHE J 167 -32.42 -19.22 9.16
C PHE J 167 -33.31 -18.07 8.72
N LYS J 168 -34.15 -17.53 9.61
CA LYS J 168 -35.00 -16.42 9.23
C LYS J 168 -34.19 -15.13 9.07
N VAL J 169 -33.18 -14.94 9.92
CA VAL J 169 -32.35 -13.73 9.82
C VAL J 169 -31.38 -13.84 8.64
N ILE J 170 -30.85 -15.03 8.39
CA ILE J 170 -29.90 -15.20 7.30
C ILE J 170 -30.60 -15.05 5.96
N ARG J 171 -31.79 -15.63 5.81
CA ARG J 171 -32.52 -15.53 4.56
C ARG J 171 -32.99 -14.10 4.30
N ASP J 172 -33.36 -13.38 5.37
CA ASP J 172 -33.79 -11.99 5.20
C ASP J 172 -32.63 -11.07 4.85
N GLY J 173 -31.42 -11.38 5.35
CA GLY J 173 -30.26 -10.56 5.06
C GLY J 173 -29.73 -10.71 3.65
N LEU J 174 -29.97 -11.87 3.02
CA LEU J 174 -29.50 -12.08 1.65
C LEU J 174 -30.31 -11.26 0.66
N LYS J 175 -31.64 -11.27 0.79
CA LYS J 175 -32.49 -10.50 -0.10
C LYS J 175 -32.45 -9.00 0.19
N LEU J 176 -32.03 -8.62 1.40
CA LEU J 176 -31.94 -7.20 1.73
C LEU J 176 -30.67 -6.57 1.18
N LEU J 177 -29.59 -7.35 1.05
CA LEU J 177 -28.35 -6.81 0.50
C LEU J 177 -28.48 -6.50 -0.99
N GLU J 178 -29.37 -7.20 -1.70
CA GLU J 178 -29.56 -6.94 -3.12
C GLU J 178 -30.23 -5.60 -3.38
N LEU J 179 -30.92 -5.03 -2.39
CA LEU J 179 -31.57 -3.74 -2.51
C LEU J 179 -30.71 -2.60 -2.01
N ASP J 180 -29.38 -2.76 -2.00
CA ASP J 180 -28.48 -1.73 -1.54
C ASP J 180 -27.11 -1.95 -2.16
N TYR J 181 -26.33 -0.88 -2.26
CA TYR J 181 -25.01 -0.96 -2.85
C TYR J 181 -24.05 -1.71 -1.93
N LEU J 182 -22.97 -2.22 -2.52
CA LEU J 182 -21.95 -2.97 -1.79
C LEU J 182 -20.58 -2.48 -2.25
N GLY J 183 -19.94 -1.66 -1.42
CA GLY J 183 -18.64 -1.11 -1.72
C GLY J 183 -18.58 0.35 -1.32
N GLY J 184 -17.55 1.03 -1.81
CA GLY J 184 -17.34 2.44 -1.53
C GLY J 184 -17.84 3.32 -2.65
N SER J 185 -18.32 4.51 -2.27
CA SER J 185 -18.85 5.50 -3.21
C SER J 185 -19.99 4.91 -4.05
N GLY J 186 -20.82 4.09 -3.42
CA GLY J 186 -21.94 3.46 -4.08
C GLY J 186 -23.26 4.18 -3.95
N SER J 187 -23.25 5.46 -3.57
CA SER J 187 -24.50 6.21 -3.43
C SER J 187 -25.12 6.55 -4.78
N ARG J 188 -24.34 6.53 -5.86
CA ARG J 188 -24.85 6.83 -7.19
C ARG J 188 -25.38 5.60 -7.92
N GLY J 189 -25.29 4.41 -7.30
CA GLY J 189 -25.79 3.21 -7.93
C GLY J 189 -24.71 2.37 -8.56
N TYR J 190 -23.80 1.85 -7.75
CA TYR J 190 -22.70 1.03 -8.23
C TYR J 190 -22.77 -0.41 -7.74
N GLY J 191 -23.22 -0.64 -6.50
CA GLY J 191 -23.28 -1.97 -5.96
C GLY J 191 -24.46 -2.78 -6.48
N LYS J 192 -25.42 -3.06 -5.59
CA LYS J 192 -26.60 -3.84 -5.92
C LYS J 192 -26.23 -5.22 -6.46
N VAL J 193 -26.05 -6.19 -5.57
CA VAL J 193 -25.68 -7.54 -5.96
C VAL J 193 -26.93 -8.33 -6.30
N ALA J 194 -26.75 -9.60 -6.69
CA ALA J 194 -27.88 -10.46 -7.03
C ALA J 194 -27.44 -11.91 -6.79
N PHE J 195 -27.93 -12.49 -5.69
CA PHE J 195 -27.58 -13.86 -5.33
C PHE J 195 -28.32 -14.82 -6.25
N GLU J 196 -27.58 -15.44 -7.18
CA GLU J 196 -28.14 -16.39 -8.13
C GLU J 196 -27.89 -17.81 -7.65
N LYS J 197 -28.91 -18.66 -7.78
CA LYS J 197 -28.85 -20.06 -7.36
C LYS J 197 -28.51 -20.18 -5.88
N LEU J 198 -29.39 -19.63 -5.06
CA LEU J 198 -29.23 -19.66 -3.60
C LEU J 198 -29.63 -21.03 -3.11
N LYS J 199 -28.63 -21.86 -2.78
CA LYS J 199 -28.87 -23.21 -2.29
C LYS J 199 -27.97 -23.47 -1.09
N ALA J 200 -28.35 -24.47 -0.30
CA ALA J 200 -27.60 -24.85 0.89
C ALA J 200 -27.52 -26.36 0.97
N THR J 201 -26.31 -26.88 1.14
CA THR J 201 -26.08 -28.31 1.24
C THR J 201 -25.28 -28.60 2.51
N THR J 202 -25.17 -29.89 2.84
CA THR J 202 -24.46 -30.35 4.02
C THR J 202 -23.25 -31.17 3.58
N VAL J 203 -22.12 -30.94 4.24
CA VAL J 203 -20.88 -31.67 3.94
C VAL J 203 -20.57 -32.71 5.01
N PHE J 204 -20.70 -32.34 6.28
CA PHE J 204 -20.41 -33.29 7.36
C PHE J 204 -21.49 -34.37 7.45
N GLY J 205 -22.74 -34.00 7.21
CA GLY J 205 -23.83 -34.95 7.25
C GLY J 205 -24.39 -35.16 8.64
N ASN J 206 -25.24 -34.23 9.09
CA ASN J 206 -25.84 -34.34 10.42
C ASN J 206 -27.18 -33.64 10.52
N TYR J 207 -27.52 -32.71 9.63
CA TYR J 207 -28.79 -32.01 9.69
C TYR J 207 -29.47 -32.11 8.34
N ASP J 208 -30.75 -32.50 8.35
CA ASP J 208 -31.49 -32.68 7.11
C ASP J 208 -31.79 -31.34 6.46
N VAL J 209 -31.95 -31.38 5.14
CA VAL J 209 -32.23 -30.18 4.34
C VAL J 209 -33.70 -30.18 3.96
N LYS J 210 -34.39 -29.08 4.27
CA LYS J 210 -35.81 -28.96 3.94
C LYS J 210 -36.17 -27.50 3.73
N THR J 211 -35.53 -26.60 4.47
CA THR J 211 -35.77 -25.16 4.36
C THR J 211 -34.83 -24.53 3.32
N LEU J 212 -34.83 -25.14 2.14
CA LEU J 212 -33.96 -24.65 1.06
C LEU J 212 -34.39 -23.27 0.59
N ASN J 213 -35.69 -23.04 0.45
CA ASN J 213 -36.19 -21.75 0.00
C ASN J 213 -37.61 -21.52 0.52
N THR K 2 -39.38 33.19 -8.18
CA THR K 2 -38.14 32.63 -7.66
C THR K 2 -37.55 31.63 -8.66
N PHE K 3 -38.36 30.65 -9.06
CA PHE K 3 -37.93 29.62 -10.01
C PHE K 3 -39.16 29.18 -10.80
N ALA K 4 -39.26 29.63 -12.05
CA ALA K 4 -40.37 29.30 -12.93
C ALA K 4 -39.85 28.61 -14.18
N LYS K 5 -40.77 27.99 -14.91
CA LYS K 5 -40.46 27.27 -16.15
C LYS K 5 -41.34 27.82 -17.26
N ILE K 6 -40.74 28.48 -18.23
CA ILE K 6 -41.44 29.06 -19.36
C ILE K 6 -41.16 28.21 -20.60
N LYS K 7 -42.23 27.70 -21.22
CA LYS K 7 -42.12 26.86 -22.40
C LYS K 7 -42.82 27.56 -23.57
N PHE K 8 -42.07 27.86 -24.62
CA PHE K 8 -42.61 28.53 -25.80
C PHE K 8 -43.02 27.46 -26.81
N SER K 9 -44.24 26.95 -26.65
CA SER K 9 -44.77 25.93 -27.53
C SER K 9 -45.34 26.59 -28.78
N ALA K 10 -44.89 26.14 -29.95
CA ALA K 10 -45.34 26.68 -31.21
C ALA K 10 -45.21 25.61 -32.29
N GLN K 11 -45.72 25.91 -33.48
CA GLN K 11 -45.69 25.01 -34.63
C GLN K 11 -44.97 25.72 -35.77
N ILE K 12 -43.83 25.15 -36.18
CA ILE K 12 -43.04 25.73 -37.26
C ILE K 12 -43.63 25.25 -38.59
N ARG K 13 -44.22 26.17 -39.35
CA ARG K 13 -44.80 25.86 -40.65
C ARG K 13 -43.80 26.24 -41.74
N LEU K 14 -43.33 25.24 -42.48
CA LEU K 14 -42.36 25.45 -43.55
C LEU K 14 -43.10 25.79 -44.84
N GLU K 15 -43.05 27.07 -45.24
CA GLU K 15 -43.66 27.50 -46.49
C GLU K 15 -42.75 27.27 -47.69
N THR K 16 -41.50 26.86 -47.47
CA THR K 16 -40.55 26.61 -48.55
C THR K 16 -39.61 25.50 -48.13
N GLY K 17 -39.41 24.52 -49.01
CA GLY K 17 -38.53 23.41 -48.72
C GLY K 17 -37.08 23.81 -48.54
N LEU K 18 -36.50 23.48 -47.39
CA LEU K 18 -35.13 23.82 -47.07
C LEU K 18 -34.21 22.63 -47.38
N HIS K 19 -32.93 22.77 -47.03
CA HIS K 19 -31.95 21.71 -47.27
C HIS K 19 -30.82 21.87 -46.27
N ILE K 20 -30.71 20.95 -45.32
CA ILE K 20 -29.68 20.96 -44.30
C ILE K 20 -28.81 19.72 -44.47
N GLY K 21 -27.50 19.93 -44.54
CA GLY K 21 -26.58 18.81 -44.70
C GLY K 21 -26.59 17.92 -43.46
N GLY K 22 -26.81 16.62 -43.68
CA GLY K 22 -26.88 15.68 -42.59
C GLY K 22 -25.61 14.88 -42.39
N SER K 23 -25.75 13.66 -41.87
CA SER K 23 -24.60 12.80 -41.63
C SER K 23 -24.15 12.10 -42.90
N ASP K 24 -24.17 10.77 -42.90
CA ASP K 24 -23.76 10.01 -44.07
C ASP K 24 -24.80 10.15 -45.18
N ALA K 25 -24.31 10.34 -46.41
CA ALA K 25 -25.18 10.50 -47.58
C ALA K 25 -25.60 9.11 -48.08
N PHE K 26 -26.43 8.45 -47.26
CA PHE K 26 -26.88 7.10 -47.59
C PHE K 26 -28.34 6.87 -47.19
N ALA K 27 -29.13 7.94 -47.02
CA ALA K 27 -30.54 7.77 -46.70
C ALA K 27 -31.33 7.24 -47.88
N ALA K 28 -30.83 7.37 -49.10
CA ALA K 28 -31.49 6.86 -50.28
C ALA K 28 -30.44 6.47 -51.31
N ILE K 29 -30.79 5.50 -52.15
CA ILE K 29 -29.87 5.02 -53.18
C ILE K 29 -30.16 5.73 -54.49
N GLY K 30 -30.76 6.92 -54.41
CA GLY K 30 -31.07 7.69 -55.60
C GLY K 30 -30.40 9.05 -55.59
N ALA K 31 -29.65 9.35 -54.54
CA ALA K 31 -28.95 10.62 -54.41
C ALA K 31 -27.47 10.43 -54.73
N ILE K 32 -26.70 11.51 -54.57
CA ILE K 32 -25.27 11.48 -54.84
C ILE K 32 -24.57 12.48 -53.92
N ASP K 33 -25.35 13.38 -53.32
CA ASP K 33 -24.84 14.40 -52.42
C ASP K 33 -25.44 14.20 -51.02
N SER K 34 -25.14 15.11 -50.12
CA SER K 34 -25.62 15.02 -48.75
C SER K 34 -27.10 15.39 -48.70
N PRO K 35 -27.98 14.49 -48.25
CA PRO K 35 -29.40 14.83 -48.16
C PRO K 35 -29.73 15.65 -46.93
N VAL K 36 -30.74 15.22 -46.17
CA VAL K 36 -31.17 15.89 -44.95
C VAL K 36 -31.15 14.87 -43.82
N ILE K 37 -30.61 15.28 -42.67
CA ILE K 37 -30.56 14.39 -41.51
C ILE K 37 -31.99 14.09 -41.05
N LYS K 38 -32.21 12.85 -40.61
CA LYS K 38 -33.53 12.41 -40.18
C LYS K 38 -33.37 11.62 -38.88
N ASP K 39 -34.23 10.63 -38.69
CA ASP K 39 -34.19 9.79 -37.50
C ASP K 39 -33.47 8.48 -37.78
N PRO K 40 -32.57 8.06 -36.88
CA PRO K 40 -31.85 6.80 -37.12
C PRO K 40 -32.74 5.57 -37.03
N ILE K 41 -33.75 5.58 -36.16
CA ILE K 41 -34.65 4.44 -36.04
C ILE K 41 -35.63 4.40 -37.20
N THR K 42 -36.50 5.42 -37.28
CA THR K 42 -37.48 5.49 -38.36
C THR K 42 -36.90 6.19 -39.58
N ASN K 43 -37.72 6.94 -40.30
CA ASN K 43 -37.27 7.66 -41.48
C ASN K 43 -38.15 8.87 -41.73
N ILE K 44 -38.28 9.74 -40.73
CA ILE K 44 -39.13 10.93 -40.84
C ILE K 44 -38.24 12.17 -40.92
N PRO K 45 -38.47 13.06 -41.89
CA PRO K 45 -37.65 14.28 -41.98
C PRO K 45 -37.79 15.18 -40.77
N ILE K 46 -36.77 15.20 -39.92
CA ILE K 46 -36.75 16.04 -38.74
C ILE K 46 -35.56 16.98 -38.82
N ILE K 47 -35.66 18.10 -38.11
CA ILE K 47 -34.63 19.12 -38.07
C ILE K 47 -34.03 19.14 -36.67
N PRO K 48 -32.70 19.12 -36.53
CA PRO K 48 -32.10 19.13 -35.21
C PRO K 48 -32.16 20.52 -34.58
N GLY K 49 -31.79 20.56 -33.29
CA GLY K 49 -31.76 21.82 -32.57
C GLY K 49 -30.43 22.56 -32.64
N SER K 50 -29.40 21.92 -33.19
CA SER K 50 -28.10 22.60 -33.31
C SER K 50 -28.14 23.70 -34.36
N SER K 51 -28.95 23.53 -35.42
CA SER K 51 -29.06 24.56 -36.44
C SER K 51 -29.91 25.74 -36.00
N LEU K 52 -30.73 25.57 -34.96
CA LEU K 52 -31.56 26.66 -34.48
C LEU K 52 -30.74 27.66 -33.66
N LYS K 53 -29.94 27.15 -32.72
CA LYS K 53 -29.13 28.03 -31.88
C LYS K 53 -27.97 28.63 -32.69
N GLY K 54 -27.43 27.88 -33.64
CA GLY K 54 -26.33 28.38 -34.44
C GLY K 54 -26.72 29.43 -35.45
N LYS K 55 -28.02 29.60 -35.70
CA LYS K 55 -28.51 30.58 -36.66
C LYS K 55 -29.23 31.75 -35.99
N MET K 56 -29.98 31.48 -34.92
CA MET K 56 -30.69 32.55 -34.23
C MET K 56 -29.73 33.46 -33.48
N ARG K 57 -28.67 32.90 -32.92
CA ARG K 57 -27.70 33.71 -32.18
C ARG K 57 -26.85 34.57 -33.11
N THR K 58 -26.55 34.08 -34.31
CA THR K 58 -25.74 34.85 -35.24
C THR K 58 -26.50 36.06 -35.79
N LEU K 59 -27.75 35.85 -36.19
CA LEU K 59 -28.53 36.95 -36.75
C LEU K 59 -28.99 37.94 -35.69
N LEU K 60 -28.90 37.59 -34.41
CA LEU K 60 -29.31 38.49 -33.34
C LEU K 60 -28.15 39.26 -32.74
N ALA K 61 -26.94 38.70 -32.79
CA ALA K 61 -25.76 39.37 -32.24
C ALA K 61 -25.20 40.45 -33.16
N LYS K 62 -25.88 40.76 -34.26
CA LYS K 62 -25.43 41.79 -35.19
C LYS K 62 -26.30 43.03 -35.12
N VAL K 63 -27.22 43.11 -34.17
CA VAL K 63 -28.10 44.26 -34.02
C VAL K 63 -28.16 44.68 -32.56
N TYR K 64 -27.99 43.70 -31.66
CA TYR K 64 -27.97 43.98 -30.22
C TYR K 64 -26.56 43.85 -29.68
N ASN K 65 -25.58 44.46 -30.34
CA ASN K 65 -24.19 44.40 -29.93
C ASN K 65 -23.61 45.80 -29.81
N GLU K 66 -22.45 45.88 -29.16
CA GLU K 66 -21.75 47.15 -28.99
C GLU K 66 -20.30 47.09 -29.43
N LYS K 67 -19.87 46.00 -30.06
CA LYS K 67 -18.49 45.85 -30.50
C LYS K 67 -18.44 44.85 -31.65
N VAL K 68 -17.50 45.07 -32.57
CA VAL K 68 -17.34 44.17 -33.70
C VAL K 68 -16.93 42.79 -33.21
N ALA K 69 -17.71 41.78 -33.59
CA ALA K 69 -17.44 40.41 -33.15
C ALA K 69 -16.21 39.85 -33.86
N GLU K 70 -15.68 38.78 -33.29
CA GLU K 70 -14.51 38.10 -33.85
C GLU K 70 -14.54 36.62 -33.55
N LYS K 71 -14.92 36.25 -32.34
CA LYS K 71 -15.03 34.87 -31.91
C LYS K 71 -16.31 34.66 -31.11
N PRO K 72 -16.89 33.48 -31.19
CA PRO K 72 -18.14 33.21 -30.45
C PRO K 72 -17.91 33.26 -28.94
N SER K 73 -19.02 33.45 -28.21
CA SER K 73 -19.02 33.51 -26.75
C SER K 73 -18.10 34.60 -26.22
N ASP K 74 -17.99 35.71 -26.96
CA ASP K 74 -17.16 36.83 -26.54
C ASP K 74 -17.58 38.10 -27.26
N ASP K 75 -18.89 38.38 -27.27
CA ASP K 75 -19.40 39.58 -27.91
C ASP K 75 -20.78 39.89 -27.36
N SER K 76 -21.03 41.16 -27.06
CA SER K 76 -22.30 41.63 -26.55
C SER K 76 -22.69 40.93 -25.25
N ASP K 77 -22.29 41.50 -24.11
CA ASP K 77 -22.57 40.88 -22.83
C ASP K 77 -24.06 40.93 -22.47
N ILE K 78 -24.84 41.79 -23.12
CA ILE K 78 -26.26 41.90 -22.81
C ILE K 78 -27.04 40.67 -23.25
N LEU K 79 -26.49 39.88 -24.17
CA LEU K 79 -27.15 38.66 -24.64
C LEU K 79 -26.33 37.41 -24.39
N SER K 80 -25.16 37.52 -23.75
CA SER K 80 -24.34 36.34 -23.49
C SER K 80 -24.96 35.45 -22.41
N ARG K 81 -25.71 36.05 -21.47
CA ARG K 81 -26.35 35.29 -20.41
C ARG K 81 -27.55 34.49 -20.90
N LEU K 82 -28.06 34.77 -22.10
CA LEU K 82 -29.20 34.02 -22.61
C LEU K 82 -28.78 32.69 -23.22
N PHE K 83 -27.63 32.67 -23.88
CA PHE K 83 -27.12 31.46 -24.53
C PHE K 83 -26.10 30.71 -23.67
N GLY K 84 -25.01 31.38 -23.31
CA GLY K 84 -23.97 30.78 -22.50
C GLY K 84 -22.61 31.36 -22.85
N ASN K 85 -21.67 31.19 -21.92
CA ASN K 85 -20.31 31.69 -22.10
C ASN K 85 -19.35 30.79 -21.35
N SER K 86 -18.38 30.23 -22.06
CA SER K 86 -17.37 29.35 -21.46
C SER K 86 -16.15 30.14 -20.99
N LYS K 87 -16.24 31.46 -20.92
CA LYS K 87 -15.13 32.30 -20.48
C LYS K 87 -15.48 33.21 -19.31
N ASP K 88 -16.73 33.64 -19.21
CA ASP K 88 -17.13 34.51 -18.11
C ASP K 88 -17.36 33.68 -16.85
N LYS K 89 -16.82 34.17 -15.73
CA LYS K 89 -16.94 33.46 -14.45
C LYS K 89 -18.24 33.75 -13.73
N ARG K 90 -19.07 34.66 -14.26
CA ARG K 90 -20.33 34.98 -13.60
C ARG K 90 -21.43 33.99 -13.91
N PHE K 91 -21.34 33.32 -15.06
CA PHE K 91 -22.35 32.34 -15.45
C PHE K 91 -21.74 31.35 -16.42
N LYS K 92 -22.23 30.12 -16.39
CA LYS K 92 -21.76 29.06 -17.27
C LYS K 92 -22.90 28.33 -17.97
N MET K 93 -23.99 28.03 -17.27
CA MET K 93 -25.10 27.31 -17.86
C MET K 93 -25.99 28.27 -18.64
N GLY K 94 -26.76 27.71 -19.58
CA GLY K 94 -27.66 28.48 -20.40
C GLY K 94 -29.10 28.36 -19.91
N ARG K 95 -29.83 29.46 -20.03
CA ARG K 95 -31.22 29.53 -19.60
C ARG K 95 -32.21 29.40 -20.76
N LEU K 96 -31.72 29.00 -21.94
CA LEU K 96 -32.56 28.81 -23.13
C LEU K 96 -32.27 27.41 -23.67
N ILE K 97 -33.08 26.44 -23.25
CA ILE K 97 -32.93 25.06 -23.69
C ILE K 97 -33.82 24.83 -24.90
N PHE K 98 -33.22 24.42 -26.01
CA PHE K 98 -33.96 24.17 -27.24
C PHE K 98 -34.46 22.73 -27.26
N ARG K 99 -34.95 22.27 -28.41
CA ARG K 99 -35.47 20.92 -28.55
C ARG K 99 -35.48 20.55 -30.02
N ASP K 100 -35.08 19.32 -30.33
CA ASP K 100 -35.11 18.81 -31.70
C ASP K 100 -36.56 18.69 -32.16
N ALA K 101 -36.93 19.51 -33.15
CA ALA K 101 -38.30 19.50 -33.64
C ALA K 101 -38.57 18.25 -34.46
N PHE K 102 -39.63 17.53 -34.11
CA PHE K 102 -40.03 16.32 -34.82
C PHE K 102 -41.26 16.62 -35.67
N LEU K 103 -41.33 16.00 -36.84
CA LEU K 103 -42.45 16.19 -37.76
C LEU K 103 -43.66 15.44 -37.23
N SER K 104 -44.72 16.19 -36.88
CA SER K 104 -45.95 15.61 -36.37
C SER K 104 -47.11 15.76 -37.34
N ASN K 105 -46.81 16.00 -38.62
CA ASN K 105 -47.84 16.16 -39.65
C ASN K 105 -48.20 14.85 -40.34
N ALA K 106 -47.73 13.72 -39.82
CA ALA K 106 -48.02 12.43 -40.42
C ALA K 106 -49.42 11.92 -40.11
N ASP K 107 -50.17 12.62 -39.25
CA ASP K 107 -51.51 12.20 -38.90
C ASP K 107 -52.55 12.56 -39.96
N GLU K 108 -52.19 13.40 -40.93
CA GLU K 108 -53.12 13.78 -41.99
C GLU K 108 -52.45 13.95 -43.34
N LEU K 109 -51.16 13.63 -43.46
CA LEU K 109 -50.47 13.79 -44.73
C LEU K 109 -50.78 12.66 -45.71
N ASP K 110 -50.96 11.44 -45.20
CA ASP K 110 -51.25 10.30 -46.07
C ASP K 110 -52.66 10.35 -46.63
N SER K 111 -53.56 11.10 -45.99
CA SER K 111 -54.93 11.18 -46.49
C SER K 111 -55.03 11.96 -47.80
N LEU K 112 -54.09 12.88 -48.03
CA LEU K 112 -54.09 13.67 -49.25
C LEU K 112 -53.41 12.98 -50.42
N GLY K 113 -52.71 11.87 -50.17
CA GLY K 113 -52.03 11.16 -51.23
C GLY K 113 -50.76 11.84 -51.69
N VAL K 114 -49.63 11.48 -51.08
CA VAL K 114 -48.34 12.06 -51.41
C VAL K 114 -47.46 10.95 -52.01
N ARG K 115 -46.23 11.34 -52.36
CA ARG K 115 -45.29 10.38 -52.93
C ARG K 115 -44.49 9.70 -51.84
N SER K 116 -43.86 10.48 -50.97
CA SER K 116 -43.08 9.93 -49.86
C SER K 116 -42.96 10.93 -48.73
N TYR K 117 -41.77 11.50 -48.53
CA TYR K 117 -41.56 12.49 -47.48
C TYR K 117 -40.59 13.56 -47.96
N THR K 118 -39.75 13.22 -48.94
CA THR K 118 -38.81 14.16 -49.53
C THR K 118 -38.83 14.01 -51.05
N GLU K 119 -38.22 14.97 -51.73
CA GLU K 119 -38.11 14.98 -53.18
C GLU K 119 -36.68 15.29 -53.59
N VAL K 120 -36.36 14.91 -54.83
CA VAL K 120 -35.03 15.12 -55.40
C VAL K 120 -35.15 16.24 -56.43
N LYS K 121 -34.41 17.32 -56.21
CA LYS K 121 -34.41 18.46 -57.11
C LYS K 121 -33.15 18.45 -57.97
N PHE K 122 -33.34 18.62 -59.28
CA PHE K 122 -32.25 18.58 -60.24
C PHE K 122 -31.71 20.00 -60.44
N GLU K 123 -30.40 20.17 -60.27
CA GLU K 123 -29.75 21.45 -60.45
C GLU K 123 -28.47 21.28 -61.25
N ASN K 124 -27.96 22.39 -61.76
CA ASN K 124 -26.74 22.40 -62.55
C ASN K 124 -26.13 23.80 -62.46
N THR K 125 -25.11 24.04 -63.29
CA THR K 125 -24.43 25.33 -63.30
C THR K 125 -23.93 25.62 -64.71
N ILE K 126 -23.61 26.88 -64.96
CA ILE K 126 -23.11 27.34 -66.25
C ILE K 126 -21.76 28.00 -66.02
N ASP K 127 -20.74 27.52 -66.73
CA ASP K 127 -19.39 28.07 -66.61
C ASP K 127 -19.15 29.26 -67.53
N ARG K 128 -20.19 29.74 -68.22
CA ARG K 128 -20.09 30.88 -69.13
C ARG K 128 -19.06 30.65 -70.24
N ILE K 129 -18.94 29.40 -70.69
CA ILE K 129 -18.02 29.05 -71.76
C ILE K 129 -18.50 27.77 -72.42
N THR K 130 -19.39 27.04 -71.74
CA THR K 130 -19.92 25.79 -72.25
C THR K 130 -21.39 25.67 -71.81
N ALA K 131 -22.01 24.54 -72.13
CA ALA K 131 -23.40 24.31 -71.78
C ALA K 131 -23.52 23.80 -70.35
N GLU K 132 -24.16 22.65 -70.17
CA GLU K 132 -24.34 22.09 -68.84
C GLU K 132 -23.03 21.50 -68.33
N ALA K 133 -22.74 21.77 -67.06
CA ALA K 133 -21.51 21.27 -66.43
C ALA K 133 -21.84 20.76 -65.04
N ASN K 134 -21.32 19.57 -64.70
CA ASN K 134 -21.51 18.92 -63.40
C ASN K 134 -22.99 18.75 -63.09
N PRO K 135 -23.64 17.73 -63.66
CA PRO K 135 -25.07 17.50 -63.37
C PRO K 135 -25.28 16.96 -61.96
N ARG K 136 -25.26 17.83 -60.96
CA ARG K 136 -25.46 17.43 -59.57
C ARG K 136 -26.94 17.38 -59.25
N GLN K 137 -27.25 17.08 -57.98
CA GLN K 137 -28.62 17.01 -57.52
C GLN K 137 -28.64 17.11 -56.00
N ILE K 138 -29.77 17.59 -55.48
CA ILE K 138 -29.98 17.75 -54.05
C ILE K 138 -31.29 17.08 -53.67
N GLU K 139 -31.58 17.07 -52.37
CA GLU K 139 -32.81 16.48 -51.84
C GLU K 139 -33.38 17.44 -50.81
N ARG K 140 -34.39 18.21 -51.20
CA ARG K 140 -35.03 19.18 -50.34
C ARG K 140 -36.14 18.50 -49.53
N ALA K 141 -37.01 19.30 -48.92
CA ALA K 141 -38.11 18.80 -48.12
C ALA K 141 -39.44 19.22 -48.74
N ILE K 142 -40.49 18.46 -48.40
CA ILE K 142 -41.81 18.76 -48.95
C ILE K 142 -42.38 20.02 -48.31
N ARG K 143 -43.41 20.57 -48.94
CA ARG K 143 -44.06 21.76 -48.45
C ARG K 143 -45.13 21.40 -47.42
N ASN K 144 -45.41 22.34 -46.52
CA ASN K 144 -46.41 22.18 -45.48
C ASN K 144 -46.05 21.01 -44.56
N SER K 145 -45.19 21.26 -43.57
CA SER K 145 -44.78 20.22 -42.63
C SER K 145 -44.57 20.88 -41.28
N THR K 146 -45.51 20.67 -40.36
CA THR K 146 -45.42 21.28 -39.04
C THR K 146 -44.40 20.54 -38.17
N PHE K 147 -43.98 21.20 -37.10
CA PHE K 147 -43.01 20.64 -36.18
C PHE K 147 -43.37 21.05 -34.76
N ASP K 148 -42.65 20.46 -33.80
CA ASP K 148 -42.87 20.71 -32.38
C ASP K 148 -41.65 21.46 -31.84
N PHE K 149 -41.77 22.78 -31.72
CA PHE K 149 -40.70 23.64 -31.21
C PHE K 149 -41.11 24.16 -29.83
N GLU K 150 -40.32 23.82 -28.82
CA GLU K 150 -40.58 24.22 -27.44
C GLU K 150 -39.30 24.82 -26.87
N LEU K 151 -39.31 26.11 -26.58
CA LEU K 151 -38.18 26.82 -26.01
C LEU K 151 -38.33 26.83 -24.49
N ILE K 152 -37.49 26.08 -23.80
CA ILE K 152 -37.53 25.97 -22.35
C ILE K 152 -36.77 27.14 -21.75
N TYR K 153 -37.43 27.88 -20.85
CA TYR K 153 -36.82 29.02 -20.17
C TYR K 153 -37.00 28.86 -18.67
N GLU K 154 -35.96 29.24 -17.92
CA GLU K 154 -35.98 29.12 -16.47
C GLU K 154 -35.15 30.24 -15.87
N ILE K 155 -35.59 30.71 -14.71
CA ILE K 155 -34.91 31.78 -14.00
C ILE K 155 -34.08 31.17 -12.87
N THR K 156 -33.20 31.98 -12.28
CA THR K 156 -32.30 31.52 -11.23
C THR K 156 -32.18 32.60 -10.16
N ASP K 157 -33.32 32.99 -9.59
CA ASP K 157 -33.39 33.96 -8.50
C ASP K 157 -32.87 35.33 -8.89
N GLU K 158 -31.63 35.39 -9.41
CA GLU K 158 -31.05 36.67 -9.82
C GLU K 158 -31.87 37.32 -10.93
N ASN K 159 -32.53 36.52 -11.76
CA ASN K 159 -33.39 37.04 -12.83
C ASN K 159 -34.59 37.73 -12.19
N GLU K 160 -34.39 39.01 -11.86
CA GLU K 160 -35.42 39.79 -11.17
C GLU K 160 -35.69 41.10 -11.89
N ASN K 161 -34.72 42.01 -11.99
CA ASN K 161 -34.95 43.31 -12.59
C ASN K 161 -34.59 43.31 -14.08
N GLN K 162 -34.81 42.17 -14.75
CA GLN K 162 -34.58 42.13 -16.19
C GLN K 162 -35.49 41.12 -16.90
N VAL K 163 -36.55 40.64 -16.24
CA VAL K 163 -37.43 39.66 -16.87
C VAL K 163 -38.17 40.28 -18.05
N GLU K 164 -38.63 41.52 -17.89
CA GLU K 164 -39.36 42.18 -18.98
C GLU K 164 -38.46 42.45 -20.18
N GLU K 165 -37.15 42.65 -19.95
CA GLU K 165 -36.23 42.87 -21.05
C GLU K 165 -35.87 41.56 -21.75
N ASP K 166 -35.94 40.44 -21.04
CA ASP K 166 -35.59 39.15 -21.64
C ASP K 166 -36.62 38.74 -22.69
N PHE K 167 -37.90 39.00 -22.43
CA PHE K 167 -38.94 38.64 -23.40
C PHE K 167 -38.89 39.51 -24.65
N LYS K 168 -38.32 40.71 -24.56
CA LYS K 168 -38.22 41.57 -25.74
C LYS K 168 -37.22 41.03 -26.75
N VAL K 169 -36.12 40.45 -26.28
CA VAL K 169 -35.12 39.89 -27.18
C VAL K 169 -35.59 38.58 -27.79
N ILE K 170 -36.29 37.77 -26.99
CA ILE K 170 -36.76 36.47 -27.49
C ILE K 170 -37.88 36.67 -28.51
N ARG K 171 -38.81 37.58 -28.23
CA ARG K 171 -39.91 37.81 -29.16
C ARG K 171 -39.41 38.43 -30.47
N ASP K 172 -38.40 39.31 -30.38
CA ASP K 172 -37.85 39.91 -31.59
C ASP K 172 -37.03 38.91 -32.40
N GLY K 173 -36.46 37.90 -31.73
CA GLY K 173 -35.68 36.90 -32.44
C GLY K 173 -36.55 35.87 -33.15
N LEU K 174 -37.78 35.68 -32.70
CA LEU K 174 -38.66 34.72 -33.35
C LEU K 174 -39.18 35.25 -34.68
N LYS K 175 -39.58 36.53 -34.72
CA LYS K 175 -40.06 37.13 -35.95
C LYS K 175 -38.92 37.44 -36.92
N LEU K 176 -37.69 37.53 -36.43
CA LEU K 176 -36.55 37.81 -37.31
C LEU K 176 -36.11 36.58 -38.08
N LEU K 177 -36.31 35.39 -37.51
CA LEU K 177 -35.92 34.17 -38.20
C LEU K 177 -36.83 33.88 -39.39
N GLU K 178 -38.08 34.33 -39.33
CA GLU K 178 -39.01 34.11 -40.44
C GLU K 178 -38.62 34.91 -41.69
N LEU K 179 -37.88 36.01 -41.52
CA LEU K 179 -37.45 36.83 -42.65
C LEU K 179 -36.06 36.44 -43.15
N ASP K 180 -35.66 35.20 -42.96
CA ASP K 180 -34.35 34.74 -43.41
C ASP K 180 -34.38 33.22 -43.54
N TYR K 181 -33.49 32.71 -44.40
CA TYR K 181 -33.43 31.27 -44.63
C TYR K 181 -32.86 30.55 -43.42
N LEU K 182 -33.36 29.34 -43.16
CA LEU K 182 -32.91 28.50 -42.06
C LEU K 182 -32.48 27.15 -42.65
N GLY K 183 -31.21 27.04 -42.99
CA GLY K 183 -30.68 25.82 -43.57
C GLY K 183 -29.32 26.08 -44.21
N GLY K 184 -28.97 25.17 -45.13
CA GLY K 184 -27.71 25.25 -45.85
C GLY K 184 -27.94 25.65 -47.30
N SER K 185 -27.14 26.62 -47.76
CA SER K 185 -27.24 27.15 -49.12
C SER K 185 -28.64 27.64 -49.43
N GLY K 186 -29.23 28.35 -48.47
CA GLY K 186 -30.58 28.88 -48.64
C GLY K 186 -30.61 30.27 -49.20
N SER K 187 -29.53 30.67 -49.89
CA SER K 187 -29.47 32.00 -50.49
C SER K 187 -30.42 32.14 -51.68
N ARG K 188 -30.79 31.04 -52.32
CA ARG K 188 -31.70 31.06 -53.45
C ARG K 188 -33.16 31.01 -53.04
N GLY K 189 -33.44 30.84 -51.76
CA GLY K 189 -34.82 30.78 -51.28
C GLY K 189 -35.23 29.37 -50.88
N TYR K 190 -34.64 28.85 -49.82
CA TYR K 190 -34.95 27.52 -49.33
C TYR K 190 -35.55 27.52 -47.92
N GLY K 191 -35.01 28.31 -47.01
CA GLY K 191 -35.51 28.34 -45.64
C GLY K 191 -36.79 29.11 -45.48
N LYS K 192 -36.72 30.24 -44.76
CA LYS K 192 -37.88 31.09 -44.48
C LYS K 192 -38.96 30.31 -43.75
N VAL K 193 -38.89 30.25 -42.43
CA VAL K 193 -39.84 29.51 -41.62
C VAL K 193 -41.02 30.42 -41.28
N ALA K 194 -41.99 29.88 -40.53
CA ALA K 194 -43.17 30.65 -40.13
C ALA K 194 -43.70 30.03 -38.83
N PHE K 195 -43.45 30.71 -37.72
CA PHE K 195 -43.89 30.23 -36.41
C PHE K 195 -45.40 30.42 -36.29
N GLU K 196 -46.14 29.33 -36.33
CA GLU K 196 -47.59 29.35 -36.23
C GLU K 196 -48.01 29.02 -34.79
N LYS K 197 -49.01 29.76 -34.30
CA LYS K 197 -49.55 29.58 -32.95
C LYS K 197 -48.44 29.76 -31.90
N LEU K 198 -47.90 30.97 -31.85
CA LEU K 198 -46.84 31.32 -30.91
C LEU K 198 -47.48 31.58 -29.55
N LYS K 199 -47.39 30.61 -28.65
CA LYS K 199 -47.96 30.73 -27.32
C LYS K 199 -46.94 30.27 -26.29
N ALA K 200 -47.16 30.66 -25.04
CA ALA K 200 -46.28 30.31 -23.94
C ALA K 200 -47.11 30.01 -22.69
N THR K 201 -46.86 28.84 -22.09
CA THR K 201 -47.57 28.43 -20.90
C THR K 201 -46.57 28.06 -19.81
N THR K 202 -47.08 27.85 -18.61
CA THR K 202 -46.25 27.48 -17.45
C THR K 202 -46.65 26.10 -16.97
N VAL K 203 -45.65 25.25 -16.72
CA VAL K 203 -45.90 23.90 -16.25
C VAL K 203 -45.66 23.77 -14.74
N PHE K 204 -44.56 24.36 -14.25
CA PHE K 204 -44.26 24.28 -12.82
C PHE K 204 -45.23 25.11 -12.00
N GLY K 205 -45.68 26.24 -12.55
CA GLY K 205 -46.62 27.09 -11.84
C GLY K 205 -45.96 28.04 -10.87
N ASN K 206 -45.45 29.16 -11.36
CA ASN K 206 -44.80 30.14 -10.50
C ASN K 206 -44.84 31.56 -11.04
N TYR K 207 -44.84 31.75 -12.37
CA TYR K 207 -44.88 33.08 -12.95
C TYR K 207 -46.15 33.23 -13.76
N ASP K 208 -46.87 34.33 -13.55
CA ASP K 208 -48.13 34.55 -14.24
C ASP K 208 -47.90 34.86 -15.71
N VAL K 209 -48.90 34.56 -16.53
CA VAL K 209 -48.85 34.75 -17.97
C VAL K 209 -49.68 35.98 -18.32
N LYS K 210 -49.06 36.93 -19.03
CA LYS K 210 -49.75 38.14 -19.45
C LYS K 210 -49.16 38.68 -20.74
N THR K 211 -47.83 38.51 -20.91
CA THR K 211 -47.14 38.98 -22.11
C THR K 211 -47.12 37.88 -23.17
N LEU K 212 -48.31 37.35 -23.46
CA LEU K 212 -48.43 36.28 -24.45
C LEU K 212 -48.08 36.77 -25.84
N ASN K 213 -48.55 37.96 -26.22
CA ASN K 213 -48.26 38.53 -27.53
C ASN K 213 -48.31 40.04 -27.49
PG ATP L . 36.22 -4.72 24.59
O1G ATP L . 34.75 -5.03 24.52
O2G ATP L . 37.12 -5.87 24.18
O3G ATP L . 36.62 -3.39 24.00
PB ATP L . 36.33 -5.83 27.14
O1B ATP L . 34.87 -6.21 27.18
O2B ATP L . 37.37 -6.87 26.75
O3B ATP L . 36.50 -4.56 26.17
PA ATP L . 36.53 -6.19 29.90
O1A ATP L . 37.30 -7.47 29.72
O2A ATP L . 35.06 -6.24 30.22
O3A ATP L . 36.73 -5.26 28.60
O5' ATP L . 37.27 -5.32 31.05
C5' ATP L . 37.22 -5.69 32.42
C4' ATP L . 38.19 -4.81 33.20
O4' ATP L . 37.81 -3.44 33.11
C3' ATP L . 38.21 -5.16 34.68
O3' ATP L . 39.43 -5.86 35.00
C2' ATP L . 38.16 -3.83 35.42
O2' ATP L . 39.34 -3.67 36.21
C1' ATP L . 38.11 -2.77 34.33
N9 ATP L . 37.05 -1.78 34.66
C8 ATP L . 35.75 -1.86 34.28
N7 ATP L . 35.05 -0.79 34.73
C5 ATP L . 35.90 -0.01 35.42
C6 ATP L . 35.81 1.27 36.15
N6 ATP L . 34.64 1.95 36.27
N1 ATP L . 36.95 1.75 36.72
C2 ATP L . 38.11 1.10 36.63
N3 ATP L . 38.27 -0.07 35.98
C4 ATP L . 37.22 -0.66 35.36
#